data_3G6K
#
_entry.id   3G6K
#
_cell.length_a   206.583
_cell.length_b   81.481
_cell.length_c   136.603
_cell.angle_alpha   90.000
_cell.angle_beta   129.790
_cell.angle_gamma   90.000
#
_symmetry.space_group_name_H-M   'C 1 2 1'
#
loop_
_entity.id
_entity.type
_entity.pdbx_description
1 polymer 'FMN adenylyltransferase'
2 non-polymer 'PYROPHOSPHATE 2-'
3 non-polymer 'FLAVIN-ADENINE DINUCLEOTIDE'
4 non-polymer 'MAGNESIUM ION'
5 non-polymer 'SULFATE ION'
6 non-polymer beta-D-glucopyranose
7 water water
#
_entity_poly.entity_id   1
_entity_poly.type   'polypeptide(L)'
_entity_poly.pdbx_seq_one_letter_code
;GAMVMRLGDAAELCYNLTSSYLQIAAESDSIIAQTQRAINTTKSILINETFPKWSPLNGEISFSYNGGKDCQVLLLLYLS
CLWEYYIVKLSQSQFDGKFHRFPLTKLPTVFIDHDDTFKTLENFIEETSLRYSLSLYESDRDKCETMAEAFETFLQVFPE
TKAIVIGIRHTDPFGEHLKPIQKTDANWPDFYRLQPLLHWNLANIWSFLLYSNEPICELYRYGFTSLGNVEETLPNPHLR
KDKNSTPLKLNFEWEIENRYKHNEVTKAEPIPIADEDLVKIENLHEDYYPGWYLVDDKLERAGRIKKK
;
_entity_poly.pdbx_strand_id   A,B,C,D,E,F
#
loop_
_chem_comp.id
_chem_comp.type
_chem_comp.name
_chem_comp.formula
BGC D-saccharide, beta linking beta-D-glucopyranose 'C6 H12 O6'
FAD non-polymer 'FLAVIN-ADENINE DINUCLEOTIDE' 'C27 H33 N9 O15 P2'
MG non-polymer 'MAGNESIUM ION' 'Mg 2'
POP non-polymer 'PYROPHOSPHATE 2-' 'H2 O7 P2 -2'
SO4 non-polymer 'SULFATE ION' 'O4 S -2'
#
# COMPACT_ATOMS: atom_id res chain seq x y z
N GLY A 1 -17.49 4.62 -9.12
CA GLY A 1 -16.49 5.50 -9.80
C GLY A 1 -16.18 5.02 -11.22
N ALA A 2 -14.91 5.16 -11.61
CA ALA A 2 -14.53 4.96 -12.99
C ALA A 2 -14.29 3.51 -13.29
N MET A 3 -14.06 2.71 -12.26
CA MET A 3 -13.76 1.31 -12.45
C MET A 3 -14.52 0.42 -11.51
N VAL A 4 -14.70 -0.80 -11.93
CA VAL A 4 -15.30 -1.81 -11.07
C VAL A 4 -14.38 -2.14 -9.90
N MET A 5 -14.96 -2.41 -8.76
CA MET A 5 -14.20 -2.90 -7.59
C MET A 5 -13.44 -4.15 -7.93
N ARG A 6 -12.27 -4.27 -7.33
CA ARG A 6 -11.58 -5.57 -7.30
C ARG A 6 -12.13 -6.47 -6.20
N LEU A 7 -11.81 -7.75 -6.27
CA LEU A 7 -12.42 -8.69 -5.33
C LEU A 7 -12.07 -8.29 -3.90
N GLY A 8 -10.82 -7.86 -3.66
CA GLY A 8 -10.44 -7.46 -2.29
C GLY A 8 -11.26 -6.26 -1.81
N ASP A 9 -11.56 -5.32 -2.69
CA ASP A 9 -12.40 -4.18 -2.30
C ASP A 9 -13.82 -4.66 -1.96
N ALA A 10 -14.35 -5.57 -2.77
CA ALA A 10 -15.72 -6.07 -2.51
C ALA A 10 -15.78 -6.83 -1.19
N ALA A 11 -14.77 -7.66 -0.95
CA ALA A 11 -14.72 -8.44 0.29
C ALA A 11 -14.58 -7.56 1.50
N GLU A 12 -13.70 -6.56 1.40
CA GLU A 12 -13.57 -5.67 2.52
C GLU A 12 -14.84 -4.85 2.77
N LEU A 13 -15.49 -4.41 1.71
CA LEU A 13 -16.80 -3.74 1.82
C LEU A 13 -17.78 -4.62 2.57
N CYS A 14 -17.88 -5.88 2.18
CA CYS A 14 -18.84 -6.77 2.84
C CYS A 14 -18.49 -6.99 4.31
N TYR A 15 -17.21 -7.11 4.62
CA TYR A 15 -16.81 -7.23 6.02
C TYR A 15 -17.23 -5.96 6.79
N ASN A 16 -16.99 -4.80 6.20
CA ASN A 16 -17.29 -3.55 6.90
C ASN A 16 -18.78 -3.37 7.09
N LEU A 17 -19.57 -3.70 6.08
CA LEU A 17 -21.01 -3.53 6.23
C LEU A 17 -21.57 -4.56 7.21
N THR A 18 -21.03 -5.78 7.21
CA THR A 18 -21.54 -6.77 8.12
C THR A 18 -21.17 -6.38 9.55
N SER A 19 -19.94 -5.91 9.73
CA SER A 19 -19.52 -5.46 11.05
C SER A 19 -20.36 -4.30 11.55
N SER A 20 -20.68 -3.37 10.64
CA SER A 20 -21.52 -2.23 11.01
C SER A 20 -22.91 -2.71 11.43
N TYR A 21 -23.47 -3.69 10.72
CA TYR A 21 -24.78 -4.20 11.09
C TYR A 21 -24.70 -4.82 12.50
N LEU A 22 -23.65 -5.61 12.75
CA LEU A 22 -23.48 -6.24 14.06
C LEU A 22 -23.32 -5.23 15.21
N GLN A 23 -22.95 -4.00 14.89
CA GLN A 23 -22.76 -2.95 15.90
C GLN A 23 -24.02 -2.15 16.15
N ILE A 24 -25.10 -2.38 15.39
CA ILE A 24 -26.34 -1.69 15.67
C ILE A 24 -26.85 -2.04 17.10
N ALA A 25 -27.21 -1.02 17.88
CA ALA A 25 -27.76 -1.28 19.19
C ALA A 25 -29.22 -1.57 19.12
N ALA A 26 -29.58 -2.84 19.10
CA ALA A 26 -30.96 -3.19 18.83
C ALA A 26 -31.53 -3.84 20.09
N GLU A 27 -32.82 -3.65 20.30
CA GLU A 27 -33.49 -4.29 21.45
C GLU A 27 -33.56 -5.84 21.33
N SER A 28 -33.61 -6.56 22.45
CA SER A 28 -33.45 -7.99 22.41
C SER A 28 -34.63 -8.67 21.67
N ASP A 29 -35.79 -7.98 21.58
CA ASP A 29 -36.95 -8.55 20.89
C ASP A 29 -37.14 -8.03 19.48
N SER A 30 -36.07 -7.48 18.92
CA SER A 30 -36.17 -6.87 17.59
C SER A 30 -35.76 -7.81 16.46
N ILE A 31 -36.26 -7.52 15.28
CA ILE A 31 -35.76 -8.17 14.09
C ILE A 31 -34.26 -7.95 13.91
N ILE A 32 -33.75 -6.76 14.13
CA ILE A 32 -32.31 -6.57 13.92
C ILE A 32 -31.50 -7.47 14.86
N ALA A 33 -31.91 -7.55 16.13
CA ALA A 33 -31.14 -8.40 17.06
C ALA A 33 -31.18 -9.85 16.60
N GLN A 34 -32.34 -10.30 16.12
CA GLN A 34 -32.43 -11.67 15.63
C GLN A 34 -31.52 -11.87 14.41
N THR A 35 -31.44 -10.86 13.56
CA THR A 35 -30.63 -10.95 12.35
C THR A 35 -29.14 -10.97 12.72
N GLN A 36 -28.75 -10.20 13.73
CA GLN A 36 -27.37 -10.26 14.25
C GLN A 36 -27.02 -11.65 14.70
N ARG A 37 -27.92 -12.29 15.43
CA ARG A 37 -27.69 -13.67 15.83
C ARG A 37 -27.58 -14.59 14.64
N ALA A 38 -28.42 -14.37 13.63
CA ALA A 38 -28.32 -15.20 12.42
C ALA A 38 -26.98 -15.01 11.68
N ILE A 39 -26.49 -13.76 11.63
CA ILE A 39 -25.20 -13.51 11.04
C ILE A 39 -24.12 -14.27 11.79
N ASN A 40 -24.15 -14.18 13.11
CA ASN A 40 -23.10 -14.85 13.85
C ASN A 40 -23.12 -16.38 13.67
N THR A 41 -24.29 -16.97 13.53
CA THR A 41 -24.35 -18.42 13.26
C THR A 41 -23.79 -18.73 11.90
N THR A 42 -24.14 -17.93 10.89
CA THR A 42 -23.62 -18.14 9.54
C THR A 42 -22.10 -17.98 9.56
N LYS A 43 -21.60 -16.95 10.25
CA LYS A 43 -20.16 -16.77 10.27
C LYS A 43 -19.46 -17.97 10.92
N SER A 44 -20.05 -18.52 11.98
CA SER A 44 -19.41 -19.66 12.63
C SER A 44 -19.35 -20.86 11.68
N ILE A 45 -20.44 -21.11 10.96
CA ILE A 45 -20.43 -22.19 9.99
C ILE A 45 -19.31 -22.02 8.96
N LEU A 46 -19.15 -20.81 8.42
CA LEU A 46 -18.15 -20.63 7.35
C LEU A 46 -16.73 -20.62 7.94
N ILE A 47 -16.51 -19.81 8.99
CA ILE A 47 -15.16 -19.61 9.52
C ILE A 47 -14.66 -20.81 10.32
N ASN A 48 -15.52 -21.45 11.11
CA ASN A 48 -15.09 -22.56 11.96
C ASN A 48 -15.23 -23.90 11.29
N GLU A 49 -16.25 -24.07 10.46
CA GLU A 49 -16.57 -25.42 9.98
C GLU A 49 -16.27 -25.64 8.51
N THR A 50 -16.28 -24.58 7.72
CA THR A 50 -16.16 -24.70 6.28
C THR A 50 -14.74 -24.44 5.76
N PHE A 51 -14.27 -23.22 5.95
CA PHE A 51 -12.99 -22.85 5.34
C PHE A 51 -11.79 -23.72 5.83
N PRO A 52 -11.81 -24.15 7.09
CA PRO A 52 -10.67 -25.01 7.50
C PRO A 52 -10.62 -26.33 6.74
N LYS A 53 -11.76 -26.75 6.19
CA LYS A 53 -11.93 -28.10 5.56
C LYS A 53 -11.76 -28.01 4.02
N TRP A 54 -12.35 -26.99 3.41
CA TRP A 54 -12.29 -26.80 1.96
C TRP A 54 -11.81 -25.40 1.65
N SER A 55 -10.93 -25.29 0.67
CA SER A 55 -10.37 -23.99 0.32
C SER A 55 -11.32 -23.16 -0.52
N PRO A 56 -11.60 -21.94 -0.08
CA PRO A 56 -12.38 -21.05 -0.96
C PRO A 56 -11.54 -20.39 -2.02
N LEU A 57 -10.22 -20.66 -1.99
CA LEU A 57 -9.27 -19.92 -2.87
C LEU A 57 -8.88 -20.67 -4.12
N ASN A 58 -9.00 -22.00 -4.11
CA ASN A 58 -8.35 -22.78 -5.15
C ASN A 58 -9.35 -23.57 -5.99
N GLY A 59 -10.64 -23.24 -5.87
CA GLY A 59 -11.63 -23.89 -6.71
C GLY A 59 -12.35 -25.05 -6.01
N GLU A 60 -11.90 -25.45 -4.83
CA GLU A 60 -12.64 -26.52 -4.13
C GLU A 60 -14.08 -26.13 -3.81
N ILE A 61 -14.34 -24.84 -3.61
CA ILE A 61 -15.67 -24.35 -3.32
C ILE A 61 -16.16 -23.51 -4.48
N SER A 62 -17.38 -23.80 -4.95
CA SER A 62 -18.06 -22.85 -5.87
C SER A 62 -19.31 -22.34 -5.18
N PHE A 63 -19.76 -21.17 -5.59
CA PHE A 63 -20.86 -20.51 -4.96
C PHE A 63 -22.08 -20.52 -5.91
N SER A 64 -23.18 -21.13 -5.49
CA SER A 64 -24.38 -21.17 -6.39
C SER A 64 -25.16 -19.87 -6.31
N TYR A 65 -25.38 -19.21 -7.41
CA TYR A 65 -25.95 -17.85 -7.37
C TYR A 65 -26.93 -17.67 -8.50
N ASN A 66 -28.12 -17.16 -8.20
CA ASN A 66 -29.06 -16.78 -9.25
C ASN A 66 -29.59 -15.37 -9.04
N GLY A 67 -28.89 -14.55 -8.28
CA GLY A 67 -29.30 -13.16 -8.15
C GLY A 67 -30.45 -12.84 -7.22
N GLY A 68 -31.02 -13.88 -6.61
CA GLY A 68 -32.10 -13.60 -5.69
C GLY A 68 -31.66 -13.12 -4.31
N LYS A 69 -32.64 -12.76 -3.48
CA LYS A 69 -32.34 -12.09 -2.22
C LYS A 69 -31.55 -12.96 -1.24
N ASP A 70 -31.80 -14.28 -1.29
CA ASP A 70 -31.21 -15.16 -0.27
C ASP A 70 -29.80 -15.48 -0.64
N CYS A 71 -29.56 -15.86 -1.88
CA CYS A 71 -28.16 -16.07 -2.24
C CYS A 71 -27.38 -14.76 -2.30
N GLN A 72 -28.05 -13.64 -2.54
CA GLN A 72 -27.33 -12.36 -2.46
C GLN A 72 -26.90 -12.04 -1.03
N VAL A 73 -27.82 -12.18 -0.06
CA VAL A 73 -27.41 -12.00 1.36
C VAL A 73 -26.26 -12.95 1.66
N LEU A 74 -26.39 -14.22 1.27
CA LEU A 74 -25.34 -15.16 1.59
C LEU A 74 -24.03 -14.77 0.95
N LEU A 75 -24.07 -14.26 -0.30
CA LEU A 75 -22.84 -13.84 -0.96
C LEU A 75 -22.15 -12.74 -0.16
N LEU A 76 -22.94 -11.77 0.32
CA LEU A 76 -22.38 -10.68 1.13
C LEU A 76 -21.73 -11.24 2.37
N LEU A 77 -22.40 -12.19 3.03
CA LEU A 77 -21.84 -12.76 4.24
C LEU A 77 -20.60 -13.62 3.94
N TYR A 78 -20.63 -14.31 2.80
CA TYR A 78 -19.53 -15.17 2.39
C TYR A 78 -18.29 -14.32 2.10
N LEU A 79 -18.46 -13.23 1.35
CA LEU A 79 -17.34 -12.31 1.12
C LEU A 79 -16.81 -11.72 2.43
N SER A 80 -17.71 -11.34 3.33
CA SER A 80 -17.29 -10.84 4.64
C SER A 80 -16.44 -11.87 5.34
N CYS A 81 -16.89 -13.14 5.31
CA CYS A 81 -16.16 -14.20 5.99
C CYS A 81 -14.83 -14.51 5.34
N LEU A 82 -14.73 -14.38 4.03
CA LEU A 82 -13.38 -14.55 3.41
C LEU A 82 -12.42 -13.49 3.95
N TRP A 83 -12.88 -12.25 3.99
CA TRP A 83 -12.05 -11.17 4.49
C TRP A 83 -11.66 -11.43 5.96
N GLU A 84 -12.65 -11.79 6.77
CA GLU A 84 -12.38 -12.02 8.18
C GLU A 84 -11.39 -13.20 8.36
N TYR A 85 -11.59 -14.29 7.62
CA TYR A 85 -10.80 -15.49 7.81
C TYR A 85 -9.35 -15.22 7.45
N TYR A 86 -9.13 -14.55 6.33
CA TYR A 86 -7.75 -14.42 5.82
C TYR A 86 -7.06 -13.13 6.27
N ILE A 87 -7.78 -12.02 6.33
CA ILE A 87 -7.14 -10.73 6.62
C ILE A 87 -7.20 -10.44 8.09
N VAL A 88 -8.34 -10.64 8.72
CA VAL A 88 -8.47 -10.23 10.12
C VAL A 88 -7.87 -11.27 11.03
N LYS A 89 -8.20 -12.54 10.78
CA LYS A 89 -7.76 -13.64 11.63
C LYS A 89 -6.40 -14.23 11.20
N LEU A 90 -5.88 -13.77 10.06
CA LEU A 90 -4.56 -14.22 9.55
C LEU A 90 -4.44 -15.73 9.32
N SER A 91 -5.49 -16.35 8.80
CA SER A 91 -5.49 -17.81 8.67
C SER A 91 -4.59 -18.26 7.53
N GLN A 92 -4.08 -19.48 7.62
CA GLN A 92 -3.03 -19.92 6.69
C GLN A 92 -3.63 -20.28 5.33
N SER A 93 -2.93 -19.89 4.26
CA SER A 93 -3.34 -20.24 2.90
C SER A 93 -2.16 -20.74 2.07
N PRO A 103 -2.79 -14.09 -6.06
CA PRO A 103 -4.00 -13.70 -5.31
C PRO A 103 -5.28 -13.96 -6.10
N LEU A 104 -6.37 -14.22 -5.36
CA LEU A 104 -7.65 -14.58 -5.96
C LEU A 104 -8.25 -13.33 -6.60
N THR A 105 -8.58 -13.39 -7.89
CA THR A 105 -9.09 -12.19 -8.57
C THR A 105 -10.62 -12.28 -8.75
N LYS A 106 -11.16 -13.50 -8.76
CA LYS A 106 -12.62 -13.69 -9.02
C LYS A 106 -13.09 -14.87 -8.19
N LEU A 107 -14.35 -14.83 -7.80
CA LEU A 107 -14.92 -15.87 -6.95
C LEU A 107 -15.62 -16.90 -7.84
N PRO A 108 -15.21 -18.19 -7.79
CA PRO A 108 -15.93 -19.19 -8.60
C PRO A 108 -17.42 -19.32 -8.23
N THR A 109 -18.26 -19.13 -9.26
CA THR A 109 -19.70 -19.03 -9.09
C THR A 109 -20.43 -19.85 -10.17
N VAL A 110 -21.60 -20.39 -9.85
CA VAL A 110 -22.32 -21.21 -10.78
C VAL A 110 -23.80 -20.82 -10.75
N PHE A 111 -24.34 -20.55 -11.94
CA PHE A 111 -25.74 -20.24 -12.12
C PHE A 111 -26.33 -21.26 -13.08
N ILE A 112 -27.42 -21.90 -12.66
CA ILE A 112 -28.16 -22.82 -13.58
C ILE A 112 -29.25 -22.01 -14.30
N ASP A 113 -29.03 -21.78 -15.58
CA ASP A 113 -29.88 -20.87 -16.37
C ASP A 113 -30.99 -21.71 -16.99
N HIS A 114 -32.15 -21.12 -17.24
CA HIS A 114 -33.29 -21.84 -17.79
C HIS A 114 -33.98 -20.95 -18.77
N ASP A 115 -34.74 -21.54 -19.67
CA ASP A 115 -35.36 -20.78 -20.76
C ASP A 115 -36.47 -19.90 -20.22
N ASP A 116 -36.92 -20.12 -18.98
CA ASP A 116 -38.05 -19.38 -18.40
C ASP A 116 -37.59 -18.54 -17.20
N THR A 117 -36.31 -18.17 -17.21
CA THR A 117 -35.82 -17.26 -16.17
C THR A 117 -36.22 -15.83 -16.53
N PHE A 118 -36.59 -15.03 -15.51
CA PHE A 118 -36.90 -13.61 -15.75
C PHE A 118 -35.70 -12.90 -16.37
N LYS A 119 -35.95 -12.10 -17.41
CA LYS A 119 -34.90 -11.28 -18.00
C LYS A 119 -34.31 -10.32 -16.96
N THR A 120 -35.12 -9.80 -16.03
CA THR A 120 -34.58 -8.91 -15.01
C THR A 120 -33.52 -9.66 -14.19
N LEU A 121 -33.76 -10.94 -13.91
CA LEU A 121 -32.83 -11.69 -13.14
C LEU A 121 -31.56 -11.99 -13.93
N GLU A 122 -31.71 -12.35 -15.21
CA GLU A 122 -30.55 -12.56 -16.06
C GLU A 122 -29.65 -11.29 -16.02
N ASN A 123 -30.28 -10.13 -16.21
CA ASN A 123 -29.51 -8.86 -16.21
C ASN A 123 -28.85 -8.63 -14.85
N PHE A 124 -29.59 -8.89 -13.78
CA PHE A 124 -29.09 -8.61 -12.46
C PHE A 124 -27.92 -9.55 -12.12
N ILE A 125 -28.01 -10.81 -12.51
CA ILE A 125 -26.88 -11.72 -12.36
C ILE A 125 -25.65 -11.22 -13.10
N GLU A 126 -25.83 -10.77 -14.33
CA GLU A 126 -24.67 -10.29 -15.08
C GLU A 126 -24.06 -9.06 -14.39
N GLU A 127 -24.91 -8.11 -13.97
CA GLU A 127 -24.34 -6.86 -13.46
C GLU A 127 -23.76 -7.06 -12.07
N THR A 128 -24.34 -7.95 -11.25
CA THR A 128 -23.74 -8.21 -9.96
C THR A 128 -22.50 -9.11 -10.07
N SER A 129 -22.41 -9.93 -11.11
CA SER A 129 -21.18 -10.68 -11.32
C SER A 129 -20.02 -9.71 -11.55
N LEU A 130 -20.30 -8.61 -12.24
CA LEU A 130 -19.27 -7.57 -12.45
C LEU A 130 -18.96 -6.90 -11.12
N ARG A 131 -19.99 -6.49 -10.39
CA ARG A 131 -19.76 -5.77 -9.15
C ARG A 131 -18.95 -6.57 -8.12
N TYR A 132 -19.30 -7.85 -7.96
CA TYR A 132 -18.71 -8.72 -6.95
C TYR A 132 -17.54 -9.55 -7.47
N SER A 133 -17.07 -9.29 -8.70
CA SER A 133 -15.93 -10.04 -9.25
C SER A 133 -16.20 -11.55 -9.17
N LEU A 134 -17.39 -11.96 -9.65
CA LEU A 134 -17.69 -13.39 -9.74
C LEU A 134 -17.10 -13.96 -11.03
N SER A 135 -16.55 -15.17 -10.96
CA SER A 135 -16.19 -15.90 -12.16
C SER A 135 -17.34 -16.84 -12.45
N LEU A 136 -18.22 -16.39 -13.34
CA LEU A 136 -19.53 -16.95 -13.46
C LEU A 136 -19.62 -18.05 -14.53
N TYR A 137 -19.93 -19.27 -14.11
CA TYR A 137 -20.31 -20.31 -15.03
C TYR A 137 -21.82 -20.31 -15.14
N GLU A 138 -22.34 -20.29 -16.35
CA GLU A 138 -23.81 -20.33 -16.54
C GLU A 138 -24.14 -21.57 -17.34
N SER A 139 -25.02 -22.43 -16.83
CA SER A 139 -25.39 -23.58 -17.63
C SER A 139 -26.16 -23.17 -18.88
N ASP A 140 -26.35 -24.10 -19.80
CA ASP A 140 -26.96 -23.77 -21.08
C ASP A 140 -28.47 -23.52 -20.94
N ARG A 141 -28.91 -22.30 -21.17
CA ARG A 141 -30.31 -21.89 -21.06
C ARG A 141 -31.25 -22.76 -21.90
N ASP A 142 -30.75 -23.20 -23.06
CA ASP A 142 -31.62 -23.83 -24.04
C ASP A 142 -31.35 -25.32 -24.11
N LYS A 143 -30.71 -25.91 -23.07
CA LYS A 143 -30.64 -27.34 -22.95
C LYS A 143 -31.68 -27.83 -21.95
N CYS A 144 -32.50 -28.83 -22.33
CA CYS A 144 -33.43 -29.45 -21.43
C CYS A 144 -32.74 -30.47 -20.56
N GLU A 145 -32.56 -30.14 -19.29
CA GLU A 145 -31.80 -31.01 -18.38
C GLU A 145 -32.24 -30.66 -16.96
N THR A 146 -32.14 -31.61 -16.03
CA THR A 146 -32.48 -31.34 -14.62
C THR A 146 -31.36 -30.52 -13.97
N MET A 147 -31.64 -29.94 -12.82
CA MET A 147 -30.57 -29.24 -12.07
C MET A 147 -29.38 -30.17 -11.77
N ALA A 148 -29.65 -31.42 -11.43
CA ALA A 148 -28.60 -32.37 -11.08
C ALA A 148 -27.76 -32.62 -12.31
N GLU A 149 -28.40 -32.73 -13.47
CA GLU A 149 -27.66 -32.95 -14.71
C GLU A 149 -26.83 -31.75 -15.11
N ALA A 150 -27.35 -30.53 -14.87
CA ALA A 150 -26.55 -29.34 -15.14
C ALA A 150 -25.32 -29.26 -14.23
N PHE A 151 -25.51 -29.64 -12.96
CA PHE A 151 -24.37 -29.70 -12.06
C PHE A 151 -23.38 -30.85 -12.40
N GLU A 152 -23.86 -31.95 -12.97
CA GLU A 152 -22.95 -32.99 -13.39
C GLU A 152 -22.02 -32.49 -14.47
N THR A 153 -22.56 -31.73 -15.42
CA THR A 153 -21.73 -31.12 -16.44
C THR A 153 -20.74 -30.12 -15.82
N PHE A 154 -21.23 -29.29 -14.91
CA PHE A 154 -20.35 -28.35 -14.24
C PHE A 154 -19.17 -29.08 -13.59
N LEU A 155 -19.43 -30.17 -12.87
CA LEU A 155 -18.34 -30.87 -12.21
C LEU A 155 -17.37 -31.53 -13.18
N GLN A 156 -17.82 -31.83 -14.40
CA GLN A 156 -16.91 -32.37 -15.42
C GLN A 156 -15.96 -31.30 -15.85
N VAL A 157 -16.44 -30.07 -15.94
CA VAL A 157 -15.61 -28.95 -16.33
C VAL A 157 -14.66 -28.58 -15.20
N PHE A 158 -15.14 -28.67 -13.97
CA PHE A 158 -14.39 -28.27 -12.80
C PHE A 158 -14.33 -29.41 -11.80
N PRO A 159 -13.54 -30.45 -12.11
CA PRO A 159 -13.48 -31.63 -11.25
C PRO A 159 -12.80 -31.40 -9.89
N GLU A 160 -12.16 -30.26 -9.72
CA GLU A 160 -11.57 -29.89 -8.43
C GLU A 160 -12.65 -29.51 -7.42
N THR A 161 -13.90 -29.29 -7.87
CA THR A 161 -14.94 -28.82 -6.96
C THR A 161 -15.31 -29.91 -5.99
N LYS A 162 -15.25 -29.56 -4.71
CA LYS A 162 -15.64 -30.49 -3.66
C LYS A 162 -16.91 -30.08 -2.94
N ALA A 163 -17.27 -28.79 -3.01
CA ALA A 163 -18.36 -28.29 -2.20
C ALA A 163 -18.96 -27.08 -2.90
N ILE A 164 -20.28 -26.91 -2.76
CA ILE A 164 -20.97 -25.77 -3.38
C ILE A 164 -21.87 -25.10 -2.36
N VAL A 165 -21.79 -23.78 -2.29
CA VAL A 165 -22.54 -22.99 -1.33
C VAL A 165 -23.93 -22.72 -1.92
N ILE A 166 -24.95 -22.85 -1.07
CA ILE A 166 -26.34 -22.72 -1.51
C ILE A 166 -27.10 -21.85 -0.49
N GLY A 167 -27.91 -20.90 -0.99
CA GLY A 167 -28.61 -19.96 -0.09
C GLY A 167 -30.03 -20.44 0.29
N ILE A 168 -30.18 -21.75 0.46
CA ILE A 168 -31.43 -22.35 0.85
C ILE A 168 -31.70 -22.14 2.33
N ARG A 169 -32.99 -22.02 2.67
CA ARG A 169 -33.42 -21.78 4.03
C ARG A 169 -34.33 -22.93 4.48
N HIS A 170 -34.43 -23.18 5.77
CA HIS A 170 -35.32 -24.26 6.23
C HIS A 170 -36.77 -24.05 5.82
N THR A 171 -37.16 -22.79 5.67
CA THR A 171 -38.52 -22.47 5.28
C THR A 171 -38.80 -22.71 3.79
N ASP A 172 -37.75 -22.96 2.99
CA ASP A 172 -37.95 -23.27 1.58
C ASP A 172 -38.49 -24.70 1.43
N PRO A 173 -39.11 -24.99 0.28
CA PRO A 173 -39.58 -26.36 0.05
C PRO A 173 -38.46 -27.34 0.25
N PHE A 174 -38.77 -28.42 0.98
CA PHE A 174 -37.84 -29.51 1.25
C PHE A 174 -36.64 -29.05 2.09
N GLY A 175 -36.80 -27.90 2.75
CA GLY A 175 -35.76 -27.41 3.61
C GLY A 175 -35.72 -27.94 5.03
N GLU A 176 -36.76 -28.63 5.48
CA GLU A 176 -36.87 -28.95 6.89
C GLU A 176 -35.70 -29.74 7.43
N HIS A 177 -35.25 -30.71 6.66
CA HIS A 177 -34.23 -31.66 7.18
C HIS A 177 -32.81 -31.39 6.72
N LEU A 178 -32.59 -30.24 6.08
CA LEU A 178 -31.27 -29.90 5.58
C LEU A 178 -30.32 -29.57 6.71
N LYS A 179 -29.03 -29.75 6.46
CA LYS A 179 -27.99 -29.46 7.43
C LYS A 179 -26.96 -28.51 6.85
N PRO A 180 -26.29 -27.79 7.73
CA PRO A 180 -25.31 -26.81 7.18
C PRO A 180 -24.22 -27.34 6.28
N ILE A 181 -23.77 -28.55 6.55
CA ILE A 181 -22.76 -29.18 5.69
C ILE A 181 -23.20 -30.62 5.50
N GLN A 182 -23.50 -31.01 4.27
CA GLN A 182 -23.91 -32.40 4.04
C GLN A 182 -23.74 -32.78 2.59
N LYS A 183 -23.55 -34.07 2.32
CA LYS A 183 -23.45 -34.51 0.94
C LYS A 183 -24.75 -34.35 0.18
N THR A 184 -24.62 -34.27 -1.14
CA THR A 184 -25.75 -34.37 -2.02
C THR A 184 -26.40 -35.75 -1.89
N ASP A 185 -27.61 -35.88 -2.41
CA ASP A 185 -28.30 -37.15 -2.49
C ASP A 185 -27.68 -38.06 -3.56
N ALA A 186 -28.05 -39.36 -3.51
CA ALA A 186 -27.47 -40.35 -4.42
C ALA A 186 -27.71 -40.13 -5.90
N ASN A 187 -28.82 -39.47 -6.23
CA ASN A 187 -29.12 -39.23 -7.65
C ASN A 187 -28.52 -37.96 -8.17
N TRP A 188 -27.73 -37.27 -7.34
CA TRP A 188 -27.03 -36.05 -7.76
C TRP A 188 -25.57 -36.40 -8.03
N PRO A 189 -24.84 -35.52 -8.71
CA PRO A 189 -23.38 -35.59 -8.70
C PRO A 189 -22.92 -35.48 -7.22
N ASP A 190 -21.78 -36.05 -6.93
CA ASP A 190 -21.28 -36.19 -5.58
C ASP A 190 -20.47 -34.94 -5.19
N PHE A 191 -21.02 -34.13 -4.29
CA PHE A 191 -20.27 -33.04 -3.68
C PHE A 191 -20.91 -32.69 -2.35
N TYR A 192 -20.25 -31.85 -1.56
CA TYR A 192 -20.86 -31.36 -0.33
C TYR A 192 -21.69 -30.11 -0.61
N ARG A 193 -22.88 -30.09 -0.05
CA ARG A 193 -23.67 -28.88 0.01
C ARG A 193 -23.28 -28.08 1.23
N LEU A 194 -22.98 -26.79 1.02
CA LEU A 194 -22.67 -25.88 2.12
C LEU A 194 -23.87 -24.94 2.21
N GLN A 195 -24.58 -25.03 3.32
CA GLN A 195 -25.89 -24.41 3.45
C GLN A 195 -25.90 -23.57 4.72
N PRO A 196 -25.21 -22.42 4.70
CA PRO A 196 -24.97 -21.66 5.92
C PRO A 196 -26.04 -20.62 6.24
N LEU A 197 -27.12 -20.61 5.44
CA LEU A 197 -28.22 -19.65 5.60
C LEU A 197 -29.49 -20.30 6.15
N LEU A 198 -29.41 -21.58 6.54
CA LEU A 198 -30.64 -22.33 6.75
C LEU A 198 -31.55 -21.68 7.79
N HIS A 199 -30.94 -21.10 8.83
CA HIS A 199 -31.69 -20.57 9.97
C HIS A 199 -32.23 -19.15 9.73
N TRP A 200 -31.98 -18.57 8.54
CA TRP A 200 -32.50 -17.23 8.29
C TRP A 200 -33.98 -17.25 7.93
N ASN A 201 -34.74 -16.30 8.48
CA ASN A 201 -36.11 -16.12 8.04
C ASN A 201 -36.24 -14.86 7.19
N LEU A 202 -37.42 -14.71 6.62
CA LEU A 202 -37.61 -13.66 5.66
C LEU A 202 -37.34 -12.27 6.20
N ALA A 203 -37.78 -12.01 7.43
CA ALA A 203 -37.55 -10.70 8.04
C ALA A 203 -36.06 -10.41 8.18
N ASN A 204 -35.27 -11.44 8.47
CA ASN A 204 -33.83 -11.25 8.63
C ASN A 204 -33.22 -10.90 7.29
N ILE A 205 -33.63 -11.61 6.24
CA ILE A 205 -33.12 -11.36 4.90
C ILE A 205 -33.38 -9.91 4.51
N TRP A 206 -34.62 -9.45 4.69
CA TRP A 206 -34.89 -8.05 4.27
C TRP A 206 -34.09 -7.06 5.08
N SER A 207 -34.03 -7.26 6.37
CA SER A 207 -33.36 -6.29 7.22
C SER A 207 -31.92 -6.11 6.78
N PHE A 208 -31.21 -7.22 6.62
CA PHE A 208 -29.81 -7.13 6.28
C PHE A 208 -29.65 -6.61 4.85
N LEU A 209 -30.44 -7.12 3.93
CA LEU A 209 -30.24 -6.74 2.53
C LEU A 209 -30.53 -5.24 2.36
N LEU A 210 -31.58 -4.74 3.01
CA LEU A 210 -31.86 -3.31 2.89
C LEU A 210 -30.77 -2.45 3.54
N TYR A 211 -30.29 -2.87 4.69
CA TYR A 211 -29.22 -2.10 5.35
C TYR A 211 -27.98 -2.07 4.50
N SER A 212 -27.73 -3.13 3.74
CA SER A 212 -26.46 -3.25 3.05
C SER A 212 -26.23 -2.14 2.04
N ASN A 213 -27.32 -1.57 1.52
CA ASN A 213 -27.21 -0.61 0.42
C ASN A 213 -26.64 -1.22 -0.87
N GLU A 214 -26.71 -2.54 -1.00
CA GLU A 214 -26.40 -3.16 -2.27
C GLU A 214 -27.59 -3.05 -3.21
N PRO A 215 -27.36 -3.08 -4.52
CA PRO A 215 -28.47 -3.13 -5.44
C PRO A 215 -29.21 -4.46 -5.24
N ILE A 216 -30.54 -4.42 -5.25
CA ILE A 216 -31.40 -5.61 -5.01
C ILE A 216 -32.15 -5.87 -6.32
N CYS A 217 -32.38 -7.13 -6.69
CA CYS A 217 -33.10 -7.35 -7.95
C CYS A 217 -34.42 -6.57 -7.93
N GLU A 218 -34.69 -5.79 -8.97
CA GLU A 218 -35.81 -4.88 -8.88
C GLU A 218 -37.17 -5.56 -8.97
N LEU A 219 -37.22 -6.86 -9.26
CA LEU A 219 -38.53 -7.50 -9.14
C LEU A 219 -39.08 -7.36 -7.71
N TYR A 220 -38.20 -7.40 -6.70
CA TYR A 220 -38.71 -7.31 -5.35
C TYR A 220 -39.34 -5.93 -5.10
N ARG A 221 -38.78 -4.87 -5.69
CA ARG A 221 -39.37 -3.56 -5.52
C ARG A 221 -40.83 -3.54 -6.01
N TYR A 222 -41.13 -4.35 -7.01
CA TYR A 222 -42.46 -4.33 -7.62
C TYR A 222 -43.43 -5.33 -6.99
N GLY A 223 -43.05 -5.93 -5.86
CA GLY A 223 -44.01 -6.71 -5.06
C GLY A 223 -43.76 -8.21 -5.08
N PHE A 224 -42.74 -8.66 -5.81
CA PHE A 224 -42.34 -10.08 -5.71
C PHE A 224 -41.63 -10.35 -4.39
N THR A 225 -41.83 -11.57 -3.88
CA THR A 225 -41.16 -11.96 -2.65
C THR A 225 -40.36 -13.24 -2.82
N SER A 226 -40.51 -13.86 -4.00
CA SER A 226 -39.91 -15.15 -4.31
C SER A 226 -39.85 -15.22 -5.79
N LEU A 227 -38.68 -15.55 -6.37
CA LEU A 227 -38.52 -15.52 -7.79
C LEU A 227 -38.47 -16.89 -8.39
N GLY A 228 -39.60 -17.40 -8.87
CA GLY A 228 -39.61 -18.62 -9.59
C GLY A 228 -39.49 -18.29 -11.08
N ASN A 229 -40.08 -19.11 -11.93
CA ASN A 229 -39.99 -18.88 -13.37
C ASN A 229 -40.97 -17.80 -13.84
N VAL A 230 -40.75 -17.33 -15.07
CA VAL A 230 -41.49 -16.17 -15.58
C VAL A 230 -42.97 -16.44 -15.72
N GLU A 231 -43.36 -17.70 -15.97
CA GLU A 231 -44.77 -17.96 -16.15
C GLU A 231 -45.47 -18.08 -14.79
N GLU A 232 -44.83 -18.74 -13.83
CA GLU A 232 -45.55 -19.09 -12.60
C GLU A 232 -45.53 -17.98 -11.55
N THR A 233 -44.60 -17.05 -11.65
CA THR A 233 -44.33 -16.14 -10.53
C THR A 233 -45.07 -14.84 -10.69
N LEU A 234 -45.72 -14.41 -9.63
CA LEU A 234 -46.50 -13.16 -9.62
C LEU A 234 -46.07 -12.33 -8.44
N PRO A 235 -46.38 -11.02 -8.47
CA PRO A 235 -46.26 -10.25 -7.22
C PRO A 235 -47.12 -10.94 -6.12
N ASN A 236 -46.70 -10.78 -4.90
CA ASN A 236 -47.35 -11.49 -3.81
C ASN A 236 -48.76 -10.88 -3.52
N PRO A 237 -49.82 -11.71 -3.59
CA PRO A 237 -51.19 -11.17 -3.39
C PRO A 237 -51.38 -10.54 -2.03
N HIS A 238 -50.59 -10.96 -1.03
CA HIS A 238 -50.73 -10.36 0.31
C HIS A 238 -50.17 -8.94 0.36
N LEU A 239 -49.48 -8.54 -0.71
CA LEU A 239 -48.94 -7.18 -0.82
C LEU A 239 -49.75 -6.30 -1.77
N ARG A 240 -50.94 -6.75 -2.20
CA ARG A 240 -51.73 -5.96 -3.11
C ARG A 240 -52.28 -4.76 -2.36
N LYS A 241 -52.22 -3.59 -2.99
CA LYS A 241 -52.77 -2.38 -2.38
C LYS A 241 -54.24 -2.31 -2.65
N ASP A 242 -55.01 -1.95 -1.63
CA ASP A 242 -56.44 -1.77 -1.86
C ASP A 242 -56.97 -0.71 -0.93
N LYS A 243 -58.15 -0.20 -1.26
CA LYS A 243 -58.74 0.87 -0.44
C LYS A 243 -59.39 0.33 0.82
N ASN A 244 -59.76 -0.94 0.84
CA ASN A 244 -60.61 -1.45 1.92
C ASN A 244 -59.92 -2.21 3.03
N SER A 245 -58.70 -2.68 2.78
CA SER A 245 -57.96 -3.43 3.80
C SER A 245 -57.04 -2.53 4.64
N THR A 246 -56.57 -3.08 5.74
CA THR A 246 -55.58 -2.39 6.56
C THR A 246 -54.25 -2.21 5.81
N PRO A 247 -53.79 -0.96 5.69
CA PRO A 247 -52.50 -0.65 5.05
C PRO A 247 -51.36 -1.33 5.75
N LEU A 248 -50.38 -1.76 4.98
CA LEU A 248 -49.27 -2.46 5.58
C LEU A 248 -48.26 -1.49 6.18
N LYS A 249 -47.63 -1.93 7.25
CA LYS A 249 -46.59 -1.12 7.88
C LYS A 249 -45.21 -1.71 7.58
N LEU A 250 -44.23 -0.85 7.53
CA LEU A 250 -42.89 -1.24 7.12
C LEU A 250 -42.05 -1.49 8.35
N ASN A 251 -41.39 -2.67 8.41
CA ASN A 251 -40.56 -3.01 9.56
C ASN A 251 -39.11 -2.55 9.42
N PHE A 252 -38.76 -1.98 8.26
CA PHE A 252 -37.35 -1.77 7.91
C PHE A 252 -37.05 -0.31 7.57
N GLU A 253 -37.84 0.61 8.11
CA GLU A 253 -37.58 2.03 7.89
C GLU A 253 -36.20 2.41 8.39
N TRP A 254 -35.80 1.91 9.55
CA TRP A 254 -34.52 2.33 10.09
C TRP A 254 -33.37 1.87 9.18
N GLU A 255 -33.45 0.60 8.74
CA GLU A 255 -32.39 0.07 7.92
C GLU A 255 -32.24 0.83 6.62
N ILE A 256 -33.36 1.20 5.99
CA ILE A 256 -33.28 1.93 4.72
C ILE A 256 -32.71 3.32 4.99
N GLU A 257 -33.19 3.99 6.05
CA GLU A 257 -32.73 5.37 6.33
C GLU A 257 -31.27 5.40 6.71
N ASN A 258 -30.80 4.35 7.38
CA ASN A 258 -29.46 4.30 7.91
C ASN A 258 -28.57 3.34 7.15
N ARG A 259 -28.94 3.07 5.91
CA ARG A 259 -28.19 2.06 5.16
C ARG A 259 -26.72 2.45 4.97
N TYR A 260 -25.88 1.45 4.76
CA TYR A 260 -24.45 1.62 4.81
C TYR A 260 -24.00 2.52 3.67
N LYS A 261 -23.27 3.58 4.01
CA LYS A 261 -22.87 4.57 3.01
C LYS A 261 -21.72 4.13 2.15
N HIS A 262 -21.77 4.54 0.88
CA HIS A 262 -20.67 4.26 -0.04
C HIS A 262 -19.75 5.43 -0.30
N ASN A 263 -18.61 5.13 -0.92
CA ASN A 263 -17.64 6.12 -1.32
C ASN A 263 -17.39 5.93 -2.78
N GLU A 264 -16.36 6.57 -3.32
CA GLU A 264 -16.19 6.49 -4.75
C GLU A 264 -15.84 5.09 -5.25
N VAL A 265 -15.18 4.30 -4.43
CA VAL A 265 -14.83 2.93 -4.82
C VAL A 265 -16.07 2.04 -4.75
N THR A 266 -16.88 2.20 -3.72
CA THR A 266 -17.95 1.23 -3.42
C THR A 266 -19.31 1.62 -3.94
N LYS A 267 -19.47 2.83 -4.45
CA LYS A 267 -20.78 3.23 -4.91
C LYS A 267 -21.37 2.28 -5.98
N ALA A 268 -22.69 2.16 -5.96
CA ALA A 268 -23.34 1.16 -6.81
C ALA A 268 -24.05 1.75 -8.03
N GLU A 269 -23.74 1.22 -9.23
CA GLU A 269 -24.50 1.56 -10.45
C GLU A 269 -25.90 0.93 -10.42
N PRO A 270 -26.94 1.66 -10.92
CA PRO A 270 -28.31 1.14 -10.97
C PRO A 270 -28.37 -0.13 -11.78
N ILE A 271 -29.11 -1.12 -11.26
CA ILE A 271 -29.50 -2.28 -12.02
C ILE A 271 -31.00 -2.32 -12.20
N PRO A 272 -31.47 -1.75 -13.30
CA PRO A 272 -32.90 -1.56 -13.51
C PRO A 272 -33.63 -2.85 -13.86
N ILE A 273 -34.93 -2.88 -13.55
CA ILE A 273 -35.85 -3.89 -14.09
C ILE A 273 -35.81 -3.93 -15.60
N ALA A 274 -35.93 -5.12 -16.18
CA ALA A 274 -35.92 -5.26 -17.63
C ALA A 274 -37.22 -4.74 -18.19
N ASP A 275 -37.14 -4.11 -19.36
CA ASP A 275 -38.34 -3.60 -19.99
C ASP A 275 -39.41 -4.68 -20.15
N GLU A 276 -39.03 -5.90 -20.50
CA GLU A 276 -40.09 -6.87 -20.78
C GLU A 276 -40.84 -7.23 -19.50
N ASP A 277 -40.18 -7.15 -18.34
CA ASP A 277 -40.87 -7.48 -17.09
C ASP A 277 -41.69 -6.29 -16.58
N LEU A 278 -41.21 -5.09 -16.87
CA LEU A 278 -41.88 -3.91 -16.44
C LEU A 278 -43.22 -3.83 -17.16
N VAL A 279 -43.25 -4.15 -18.45
CA VAL A 279 -44.51 -4.16 -19.22
C VAL A 279 -45.50 -5.11 -18.62
N LYS A 280 -45.03 -6.29 -18.25
CA LYS A 280 -45.87 -7.27 -17.65
C LYS A 280 -46.45 -6.77 -16.33
N ILE A 281 -45.61 -6.20 -15.47
CA ILE A 281 -46.06 -5.80 -14.14
C ILE A 281 -47.01 -4.62 -14.22
N GLU A 282 -46.66 -3.66 -15.10
CA GLU A 282 -47.45 -2.43 -15.18
C GLU A 282 -48.82 -2.64 -15.77
N ASN A 283 -49.03 -3.79 -16.42
CA ASN A 283 -50.32 -4.20 -17.01
C ASN A 283 -51.18 -5.18 -16.19
N LEU A 284 -50.69 -5.51 -15.00
N LEU A 284 -50.88 -5.27 -14.90
CA LEU A 284 -51.59 -5.92 -13.96
CA LEU A 284 -51.69 -6.06 -13.96
C LEU A 284 -52.35 -4.67 -13.58
C LEU A 284 -52.98 -5.41 -13.41
N HIS A 285 -53.62 -4.81 -13.29
N HIS A 285 -53.15 -4.12 -13.63
CA HIS A 285 -54.34 -3.62 -13.00
CA HIS A 285 -54.30 -3.37 -13.00
C HIS A 285 -54.31 -3.29 -11.51
C HIS A 285 -54.41 -3.53 -11.47
N GLU A 286 -53.29 -3.82 -10.82
CA GLU A 286 -53.22 -3.80 -9.36
C GLU A 286 -51.85 -3.37 -9.08
N ASP A 287 -51.67 -2.71 -7.94
CA ASP A 287 -50.34 -2.26 -7.50
C ASP A 287 -49.99 -3.00 -6.20
N TYR A 288 -48.69 -3.11 -5.91
CA TYR A 288 -48.24 -3.91 -4.81
C TYR A 288 -47.22 -3.14 -4.01
N TYR A 289 -47.23 -3.33 -2.69
CA TYR A 289 -46.08 -2.93 -1.88
C TYR A 289 -44.85 -3.71 -2.28
N PRO A 290 -43.66 -3.12 -2.07
CA PRO A 290 -42.47 -3.92 -2.36
C PRO A 290 -42.36 -5.16 -1.45
N GLY A 291 -41.54 -6.13 -1.85
CA GLY A 291 -41.50 -7.41 -1.16
C GLY A 291 -41.15 -7.33 0.29
N TRP A 292 -40.38 -6.32 0.68
CA TRP A 292 -39.98 -6.19 2.08
C TRP A 292 -41.08 -5.74 3.03
N TYR A 293 -42.30 -5.54 2.51
CA TYR A 293 -43.48 -5.40 3.37
C TYR A 293 -44.01 -6.78 3.81
N LEU A 294 -43.43 -7.86 3.28
CA LEU A 294 -43.81 -9.22 3.74
C LEU A 294 -42.77 -9.77 4.68
N VAL A 295 -43.19 -10.19 5.87
CA VAL A 295 -42.28 -10.76 6.86
C VAL A 295 -42.75 -12.12 7.34
N ASP A 296 -43.80 -12.67 6.75
CA ASP A 296 -44.36 -13.96 7.13
C ASP A 296 -43.82 -15.01 6.17
N ASP A 297 -42.96 -15.91 6.67
CA ASP A 297 -42.38 -16.93 5.83
C ASP A 297 -43.40 -17.86 5.20
N LYS A 298 -44.53 -18.05 5.87
CA LYS A 298 -45.57 -18.94 5.33
C LYS A 298 -46.16 -18.42 4.04
N LEU A 299 -45.95 -17.12 3.78
CA LEU A 299 -46.58 -16.48 2.64
C LEU A 299 -45.54 -16.16 1.54
N GLU A 300 -44.28 -16.52 1.76
CA GLU A 300 -43.22 -16.10 0.84
C GLU A 300 -43.49 -16.52 -0.60
N ARG A 301 -44.05 -17.73 -0.78
CA ARG A 301 -44.31 -18.25 -2.11
C ARG A 301 -45.74 -18.09 -2.56
N ALA A 302 -46.49 -17.14 -1.98
CA ALA A 302 -47.88 -16.97 -2.35
C ALA A 302 -48.12 -16.39 -3.72
N GLY A 303 -47.11 -15.73 -4.27
CA GLY A 303 -47.24 -15.15 -5.59
C GLY A 303 -46.95 -16.15 -6.67
N ARG A 304 -47.92 -17.03 -6.88
CA ARG A 304 -47.78 -18.06 -7.94
C ARG A 304 -49.11 -18.24 -8.64
N ILE A 305 -49.06 -18.53 -9.92
CA ILE A 305 -50.23 -18.90 -10.69
C ILE A 305 -50.86 -20.18 -10.13
N LYS A 306 -52.19 -20.18 -10.09
CA LYS A 306 -52.92 -21.34 -9.59
C LYS A 306 -52.85 -22.48 -10.60
N LYS A 307 -52.52 -23.65 -10.11
CA LYS A 307 -52.45 -24.87 -10.91
C LYS A 307 -53.40 -25.91 -10.31
N LYS A 308 -53.86 -26.85 -11.14
CA LYS A 308 -54.76 -27.90 -10.66
C LYS A 308 -53.99 -29.05 -10.06
N VAL B 4 15.75 11.84 8.89
CA VAL B 4 15.14 10.50 9.18
C VAL B 4 14.34 10.00 7.99
N MET B 5 14.59 8.76 7.56
CA MET B 5 13.62 8.04 6.76
C MET B 5 12.91 6.97 7.58
N ARG B 6 11.63 6.75 7.31
CA ARG B 6 10.94 5.53 7.82
C ARG B 6 11.65 4.29 7.31
N LEU B 7 11.64 3.24 8.12
CA LEU B 7 12.36 2.04 7.72
C LEU B 7 11.97 1.50 6.35
N GLY B 8 10.66 1.37 6.09
CA GLY B 8 10.26 0.87 4.79
C GLY B 8 10.75 1.75 3.64
N ASP B 9 10.78 3.06 3.84
CA ASP B 9 11.27 3.99 2.81
C ASP B 9 12.77 3.83 2.60
N ALA B 10 13.51 3.69 3.70
CA ALA B 10 14.96 3.40 3.61
C ALA B 10 15.20 2.09 2.88
N ALA B 11 14.42 1.06 3.22
CA ALA B 11 14.58 -0.23 2.57
C ALA B 11 14.26 -0.18 1.07
N GLU B 12 13.17 0.51 0.70
CA GLU B 12 12.84 0.64 -0.70
C GLU B 12 13.91 1.44 -1.43
N LEU B 13 14.43 2.50 -0.80
CA LEU B 13 15.54 3.25 -1.40
C LEU B 13 16.75 2.34 -1.66
N CYS B 14 17.12 1.55 -0.65
CA CYS B 14 18.29 0.68 -0.82
C CYS B 14 18.03 -0.39 -1.89
N TYR B 15 16.79 -0.88 -1.96
CA TYR B 15 16.45 -1.78 -3.06
C TYR B 15 16.63 -1.09 -4.43
N ASN B 16 16.16 0.15 -4.50
CA ASN B 16 16.21 0.85 -5.79
C ASN B 16 17.67 1.18 -6.16
N LEU B 17 18.49 1.61 -5.20
CA LEU B 17 19.87 1.97 -5.58
C LEU B 17 20.68 0.70 -5.88
N THR B 18 20.38 -0.39 -5.18
CA THR B 18 21.10 -1.64 -5.43
C THR B 18 20.69 -2.22 -6.80
N SER B 19 19.39 -2.16 -7.10
CA SER B 19 18.89 -2.61 -8.43
C SER B 19 19.49 -1.76 -9.54
N SER B 20 19.60 -0.46 -9.29
CA SER B 20 20.23 0.46 -10.24
C SER B 20 21.69 0.09 -10.46
N TYR B 21 22.42 -0.17 -9.37
CA TYR B 21 23.81 -0.55 -9.53
C TYR B 21 23.93 -1.85 -10.35
N LEU B 22 23.04 -2.82 -10.10
CA LEU B 22 23.06 -4.08 -10.85
C LEU B 22 22.76 -3.90 -12.34
N GLN B 23 22.14 -2.79 -12.68
CA GLN B 23 21.79 -2.50 -14.08
C GLN B 23 22.84 -1.69 -14.81
N ILE B 24 23.89 -1.24 -14.12
CA ILE B 24 24.97 -0.56 -14.80
C ILE B 24 25.53 -1.45 -15.88
N ALA B 25 25.66 -0.90 -17.10
CA ALA B 25 26.32 -1.62 -18.19
C ALA B 25 27.82 -1.61 -18.01
N ALA B 26 28.38 -2.75 -17.65
CA ALA B 26 29.80 -2.84 -17.38
C ALA B 26 30.35 -4.13 -17.96
N GLU B 27 31.55 -4.05 -18.49
CA GLU B 27 32.16 -5.26 -19.04
C GLU B 27 32.66 -6.19 -17.93
N SER B 28 32.75 -7.49 -18.23
CA SER B 28 32.88 -8.52 -17.21
C SER B 28 34.16 -8.39 -16.37
N ASP B 29 35.20 -7.76 -16.91
CA ASP B 29 36.47 -7.68 -16.17
C ASP B 29 36.61 -6.38 -15.36
N SER B 30 35.55 -5.59 -15.31
CA SER B 30 35.61 -4.30 -14.62
C SER B 30 35.35 -4.45 -13.14
N ILE B 31 35.79 -3.47 -12.39
CA ILE B 31 35.42 -3.41 -10.98
C ILE B 31 33.89 -3.42 -10.78
N ILE B 32 33.15 -2.67 -11.58
CA ILE B 32 31.72 -2.67 -11.41
C ILE B 32 31.12 -4.05 -11.62
N ALA B 33 31.49 -4.73 -12.69
CA ALA B 33 30.98 -6.07 -12.87
C ALA B 33 31.35 -7.04 -11.74
N GLN B 34 32.58 -6.96 -11.23
CA GLN B 34 32.95 -7.80 -10.09
C GLN B 34 32.10 -7.48 -8.86
N THR B 35 31.79 -6.19 -8.70
CA THR B 35 30.97 -5.77 -7.57
C THR B 35 29.54 -6.25 -7.74
N GLN B 36 29.05 -6.21 -8.97
CA GLN B 36 27.72 -6.75 -9.23
C GLN B 36 27.65 -8.23 -8.83
N ARG B 37 28.67 -8.97 -9.21
CA ARG B 37 28.76 -10.38 -8.77
C ARG B 37 28.80 -10.51 -7.25
N ALA B 38 29.57 -9.65 -6.59
CA ALA B 38 29.63 -9.67 -5.11
C ALA B 38 28.25 -9.37 -4.51
N ILE B 39 27.51 -8.40 -5.08
CA ILE B 39 26.17 -8.10 -4.62
C ILE B 39 25.27 -9.33 -4.75
N ASN B 40 25.30 -9.98 -5.90
CA ASN B 40 24.41 -11.09 -6.06
C ASN B 40 24.70 -12.23 -5.08
N THR B 41 25.98 -12.45 -4.79
CA THR B 41 26.35 -13.47 -3.81
C THR B 41 25.84 -13.09 -2.41
N THR B 42 26.01 -11.83 -2.02
CA THR B 42 25.48 -11.35 -0.74
C THR B 42 23.96 -11.45 -0.68
N LYS B 43 23.28 -11.08 -1.78
CA LYS B 43 21.83 -11.17 -1.78
C LYS B 43 21.37 -12.60 -1.61
N SER B 44 22.03 -13.53 -2.29
CA SER B 44 21.67 -14.96 -2.19
C SER B 44 21.88 -15.47 -0.77
N ILE B 45 23.01 -15.12 -0.14
CA ILE B 45 23.20 -15.54 1.25
C ILE B 45 22.08 -15.01 2.15
N LEU B 46 21.68 -13.75 1.97
CA LEU B 46 20.62 -13.22 2.84
C LEU B 46 19.22 -13.79 2.51
N ILE B 47 18.81 -13.62 1.27
CA ILE B 47 17.44 -13.99 0.90
C ILE B 47 17.25 -15.51 0.89
N ASN B 48 18.23 -16.26 0.39
CA ASN B 48 18.06 -17.70 0.21
C ASN B 48 18.58 -18.54 1.38
N GLU B 49 19.54 -18.04 2.14
CA GLU B 49 20.16 -18.88 3.19
C GLU B 49 19.86 -18.38 4.60
N THR B 50 19.65 -17.09 4.75
CA THR B 50 19.52 -16.50 6.07
C THR B 50 18.07 -16.29 6.46
N PHE B 51 17.33 -15.51 5.67
CA PHE B 51 15.95 -15.20 6.06
C PHE B 51 15.00 -16.42 6.21
N PRO B 52 15.19 -17.50 5.43
CA PRO B 52 14.37 -18.68 5.70
C PRO B 52 14.60 -19.29 7.08
N LYS B 53 15.80 -19.11 7.63
CA LYS B 53 16.14 -19.73 8.92
C LYS B 53 15.78 -18.80 10.07
N TRP B 54 16.07 -17.51 9.91
CA TRP B 54 15.85 -16.53 10.98
C TRP B 54 15.10 -15.32 10.47
N SER B 55 14.10 -14.91 11.22
CA SER B 55 13.22 -13.88 10.76
C SER B 55 13.91 -12.54 10.84
N PRO B 56 13.94 -11.77 9.71
CA PRO B 56 14.43 -10.41 9.87
C PRO B 56 13.41 -9.47 10.53
N LEU B 57 12.27 -10.00 10.96
CA LEU B 57 11.13 -9.16 11.36
C LEU B 57 10.82 -9.15 12.83
N ASN B 58 11.27 -10.16 13.57
CA ASN B 58 10.84 -10.33 14.97
C ASN B 58 11.94 -10.21 16.04
N GLY B 59 13.11 -9.72 15.63
CA GLY B 59 14.20 -9.55 16.56
C GLY B 59 15.14 -10.73 16.63
N GLU B 60 14.85 -11.81 15.89
CA GLU B 60 15.81 -12.92 15.89
C GLU B 60 17.16 -12.52 15.33
N ILE B 61 17.18 -11.54 14.44
CA ILE B 61 18.43 -11.06 13.84
C ILE B 61 18.71 -9.64 14.32
N SER B 62 19.93 -9.41 14.78
CA SER B 62 20.39 -8.04 15.02
C SER B 62 21.56 -7.74 14.08
N PHE B 63 21.79 -6.45 13.83
CA PHE B 63 22.78 -6.04 12.88
C PHE B 63 23.91 -5.32 13.61
N SER B 64 25.14 -5.83 13.52
CA SER B 64 26.26 -5.19 14.21
C SER B 64 26.82 -4.05 13.37
N TYR B 65 26.78 -2.85 13.90
CA TYR B 65 27.08 -1.67 13.10
C TYR B 65 27.99 -0.73 13.86
N ASN B 66 29.06 -0.27 13.24
CA ASN B 66 29.86 0.80 13.85
C ASN B 66 30.10 1.96 12.91
N GLY B 67 29.32 2.07 11.84
CA GLY B 67 29.38 3.26 11.01
C GLY B 67 30.46 3.25 9.96
N GLY B 68 31.29 2.22 9.93
CA GLY B 68 32.36 2.17 8.94
C GLY B 68 31.88 1.74 7.56
N LYS B 69 32.78 1.77 6.59
CA LYS B 69 32.39 1.62 5.21
C LYS B 69 31.85 0.22 4.90
N ASP B 70 32.36 -0.79 5.61
CA ASP B 70 32.01 -2.18 5.29
C ASP B 70 30.67 -2.52 5.88
N CYS B 71 30.46 -2.22 7.17
CA CYS B 71 29.12 -2.45 7.67
C CYS B 71 28.10 -1.51 7.08
N GLN B 72 28.52 -0.33 6.61
CA GLN B 72 27.55 0.54 5.94
C GLN B 72 27.10 -0.08 4.60
N VAL B 73 28.06 -0.52 3.78
CA VAL B 73 27.69 -1.20 2.56
C VAL B 73 26.77 -2.39 2.88
N LEU B 74 27.15 -3.20 3.86
CA LEU B 74 26.33 -4.35 4.21
C LEU B 74 24.92 -3.91 4.68
N LEU B 75 24.82 -2.79 5.40
CA LEU B 75 23.52 -2.33 5.87
C LEU B 75 22.65 -1.98 4.67
N LEU B 76 23.22 -1.27 3.69
CA LEU B 76 22.46 -0.91 2.48
C LEU B 76 21.97 -2.18 1.78
N LEU B 77 22.86 -3.18 1.67
CA LEU B 77 22.47 -4.43 1.03
C LEU B 77 21.42 -5.19 1.83
N TYR B 78 21.57 -5.18 3.14
CA TYR B 78 20.65 -5.85 4.02
C TYR B 78 19.26 -5.20 3.91
N LEU B 79 19.22 -3.87 3.93
CA LEU B 79 17.93 -3.18 3.77
C LEU B 79 17.31 -3.47 2.40
N SER B 80 18.13 -3.54 1.38
CA SER B 80 17.62 -3.88 0.04
C SER B 80 16.97 -5.29 0.10
N CYS B 81 17.63 -6.23 0.80
CA CYS B 81 17.13 -7.58 0.88
C CYS B 81 15.87 -7.65 1.72
N LEU B 82 15.79 -6.81 2.76
CA LEU B 82 14.56 -6.73 3.55
C LEU B 82 13.41 -6.24 2.69
N TRP B 83 13.64 -5.25 1.84
CA TRP B 83 12.57 -4.82 0.93
C TRP B 83 12.16 -5.97 -0.01
N GLU B 84 13.15 -6.66 -0.58
CA GLU B 84 12.84 -7.77 -1.49
C GLU B 84 12.08 -8.88 -0.81
N TYR B 85 12.46 -9.22 0.41
CA TYR B 85 11.72 -10.19 1.23
C TYR B 85 10.29 -9.71 1.46
N TYR B 86 10.12 -8.46 1.82
CA TYR B 86 8.79 -7.92 2.04
C TYR B 86 7.96 -8.05 0.77
N ILE B 87 8.53 -7.68 -0.36
CA ILE B 87 7.74 -7.67 -1.58
C ILE B 87 7.29 -9.10 -1.93
N VAL B 88 8.20 -10.06 -1.86
CA VAL B 88 7.93 -11.45 -2.26
C VAL B 88 7.11 -12.21 -1.27
N LYS B 89 7.39 -12.06 0.02
CA LYS B 89 6.76 -12.89 1.03
C LYS B 89 5.56 -12.23 1.70
N LEU B 90 5.55 -10.90 1.80
CA LEU B 90 4.64 -10.23 2.77
C LEU B 90 3.60 -9.34 2.12
N SER B 91 3.92 -8.76 0.96
CA SER B 91 3.17 -7.60 0.48
C SER B 91 1.80 -8.01 -0.07
N GLN B 92 1.73 -9.16 -0.72
CA GLN B 92 0.46 -9.58 -1.36
C GLN B 92 -0.43 -10.30 -0.37
N SER B 93 -1.72 -9.98 -0.41
CA SER B 93 -2.69 -10.77 0.35
C SER B 93 -3.31 -11.84 -0.54
N GLN B 94 -4.26 -12.58 0.04
CA GLN B 94 -5.00 -13.61 -0.69
C GLN B 94 -5.90 -13.03 -1.76
N PHE B 95 -6.14 -11.71 -1.72
CA PHE B 95 -7.15 -11.08 -2.58
C PHE B 95 -6.53 -10.05 -3.48
N ASP B 96 -6.92 -10.10 -4.76
CA ASP B 96 -6.58 -9.07 -5.72
C ASP B 96 -6.95 -7.67 -5.20
N GLY B 97 -5.98 -6.76 -5.24
CA GLY B 97 -6.24 -5.36 -4.85
C GLY B 97 -5.95 -5.04 -3.40
N LYS B 98 -5.62 -6.05 -2.59
CA LYS B 98 -5.32 -5.81 -1.18
C LYS B 98 -3.90 -6.24 -0.84
N PHE B 99 -3.16 -5.29 -0.28
CA PHE B 99 -1.76 -5.51 0.06
C PHE B 99 -1.55 -5.28 1.54
N HIS B 100 -0.42 -5.75 2.02
CA HIS B 100 0.00 -5.48 3.38
C HIS B 100 1.15 -4.48 3.38
N ARG B 101 1.14 -3.59 4.35
CA ARG B 101 2.21 -2.59 4.51
C ARG B 101 3.51 -3.23 4.97
N PHE B 102 4.62 -2.53 4.69
CA PHE B 102 5.90 -2.90 5.27
C PHE B 102 5.80 -2.93 6.81
N PRO B 103 6.07 -4.09 7.43
CA PRO B 103 5.67 -4.29 8.83
C PRO B 103 6.62 -3.82 9.93
N LEU B 104 7.88 -3.58 9.59
CA LEU B 104 8.90 -3.31 10.62
C LEU B 104 9.16 -1.81 10.68
N THR B 105 9.21 -1.24 11.89
CA THR B 105 9.38 0.21 12.01
C THR B 105 10.84 0.61 12.36
N LYS B 106 11.59 -0.28 13.02
CA LYS B 106 13.02 -0.01 13.26
C LYS B 106 13.80 -1.30 13.11
N LEU B 107 15.08 -1.18 12.71
CA LEU B 107 15.94 -2.36 12.51
C LEU B 107 16.83 -2.57 13.75
N PRO B 108 16.68 -3.71 14.44
CA PRO B 108 17.51 -3.96 15.62
C PRO B 108 19.01 -3.96 15.29
N THR B 109 19.78 -3.11 15.99
CA THR B 109 21.20 -2.82 15.65
C THR B 109 22.02 -2.80 16.92
N VAL B 110 23.28 -3.23 16.88
CA VAL B 110 24.13 -3.23 18.06
C VAL B 110 25.48 -2.64 17.72
N PHE B 111 25.92 -1.67 18.53
CA PHE B 111 27.22 -1.06 18.44
C PHE B 111 27.98 -1.24 19.75
N ILE B 112 29.17 -1.81 19.66
CA ILE B 112 30.03 -1.95 20.82
C ILE B 112 30.92 -0.71 20.92
N ASP B 113 30.62 0.15 21.88
CA ASP B 113 31.31 1.41 22.01
C ASP B 113 32.59 1.22 22.84
N HIS B 114 33.60 2.04 22.57
CA HIS B 114 34.85 1.98 23.32
C HIS B 114 35.31 3.38 23.63
N ASP B 115 36.15 3.50 24.65
CA ASP B 115 36.57 4.82 25.13
C ASP B 115 37.55 5.51 24.18
N ASP B 116 37.99 4.77 23.14
CA ASP B 116 38.99 5.26 22.21
C ASP B 116 38.45 5.27 20.78
N THR B 117 37.11 5.33 20.66
CA THR B 117 36.47 5.43 19.32
C THR B 117 36.60 6.88 18.80
N PHE B 118 36.80 7.05 17.48
CA PHE B 118 36.81 8.40 16.90
C PHE B 118 35.50 9.08 17.16
N LYS B 119 35.56 10.34 17.54
CA LYS B 119 34.36 11.14 17.72
C LYS B 119 33.55 11.25 16.40
N THR B 120 34.24 11.39 15.27
CA THR B 120 33.53 11.51 13.99
C THR B 120 32.71 10.25 13.78
N LEU B 121 33.26 9.09 14.15
CA LEU B 121 32.54 7.85 13.95
C LEU B 121 31.36 7.74 14.90
N GLU B 122 31.55 8.10 16.16
CA GLU B 122 30.43 8.15 17.11
C GLU B 122 29.28 8.99 16.53
N ASN B 123 29.62 10.18 16.03
CA ASN B 123 28.59 11.11 15.49
C ASN B 123 27.90 10.46 14.29
N PHE B 124 28.69 9.78 13.45
CA PHE B 124 28.16 9.20 12.23
C PHE B 124 27.22 8.02 12.55
N ILE B 125 27.59 7.23 13.54
CA ILE B 125 26.70 6.16 13.98
C ILE B 125 25.37 6.74 14.45
N GLU B 126 25.41 7.80 15.25
CA GLU B 126 24.14 8.31 15.76
C GLU B 126 23.28 8.88 14.60
N GLU B 127 23.91 9.64 13.73
CA GLU B 127 23.17 10.28 12.64
C GLU B 127 22.63 9.28 11.65
N THR B 128 23.43 8.25 11.31
CA THR B 128 22.88 7.26 10.41
C THR B 128 21.87 6.33 11.09
N SER B 129 21.92 6.16 12.41
CA SER B 129 20.87 5.41 13.07
C SER B 129 19.56 6.12 12.90
N LEU B 130 19.57 7.46 12.94
CA LEU B 130 18.32 8.20 12.66
C LEU B 130 17.91 8.05 11.20
N ARG B 131 18.86 8.23 10.30
CA ARG B 131 18.57 8.14 8.89
C ARG B 131 17.90 6.83 8.48
N TYR B 132 18.47 5.72 8.95
CA TYR B 132 18.04 4.40 8.51
C TYR B 132 17.03 3.75 9.43
N SER B 133 16.55 4.50 10.42
CA SER B 133 15.57 3.95 11.35
C SER B 133 16.09 2.69 12.03
N LEU B 134 17.31 2.79 12.54
CA LEU B 134 17.86 1.72 13.34
C LEU B 134 17.40 1.83 14.77
N SER B 135 17.20 0.69 15.43
CA SER B 135 16.95 0.67 16.83
C SER B 135 18.28 0.32 17.49
N LEU B 136 18.97 1.34 17.95
CA LEU B 136 20.39 1.23 18.27
C LEU B 136 20.57 0.88 19.74
N TYR B 137 21.26 -0.21 20.00
CA TYR B 137 21.84 -0.52 21.33
C TYR B 137 23.32 -0.19 21.26
N GLU B 138 23.80 0.58 22.22
CA GLU B 138 25.21 0.84 22.36
C GLU B 138 25.67 0.23 23.67
N SER B 139 26.80 -0.44 23.64
CA SER B 139 27.39 -0.89 24.91
C SER B 139 27.98 0.26 25.67
N ASP B 140 28.36 0.01 26.91
CA ASP B 140 28.89 1.08 27.77
C ASP B 140 30.34 1.42 27.40
N ARG B 141 30.61 2.60 26.84
CA ARG B 141 31.99 2.89 26.46
C ARG B 141 32.95 2.97 27.63
N ASP B 142 32.43 3.17 28.84
CA ASP B 142 33.33 3.38 29.96
C ASP B 142 33.46 2.17 30.84
N LYS B 143 33.03 1.02 30.35
CA LYS B 143 33.23 -0.26 31.01
C LYS B 143 34.37 -1.02 30.41
N CYS B 144 35.30 -1.48 31.24
CA CYS B 144 36.38 -2.31 30.77
C CYS B 144 35.84 -3.72 30.58
N GLU B 145 35.69 -4.10 29.32
CA GLU B 145 35.16 -5.43 29.02
C GLU B 145 35.54 -5.81 27.62
N THR B 146 35.64 -7.11 27.37
CA THR B 146 35.93 -7.60 26.01
C THR B 146 34.70 -7.47 25.12
N MET B 147 34.90 -7.57 23.81
CA MET B 147 33.76 -7.58 22.92
C MET B 147 32.79 -8.73 23.22
N ALA B 148 33.33 -9.91 23.52
CA ALA B 148 32.46 -11.03 23.90
C ALA B 148 31.61 -10.68 25.11
N GLU B 149 32.21 -10.03 26.11
CA GLU B 149 31.45 -9.69 27.30
C GLU B 149 30.39 -8.63 27.02
N ALA B 150 30.69 -7.70 26.11
CA ALA B 150 29.70 -6.68 25.76
C ALA B 150 28.54 -7.35 25.06
N PHE B 151 28.82 -8.34 24.22
CA PHE B 151 27.73 -9.05 23.55
C PHE B 151 26.97 -9.97 24.52
N GLU B 152 27.62 -10.50 25.54
CA GLU B 152 26.89 -11.26 26.56
C GLU B 152 25.82 -10.39 27.20
N THR B 153 26.19 -9.17 27.57
CA THR B 153 25.22 -8.26 28.17
C THR B 153 24.10 -7.92 27.18
N PHE B 154 24.46 -7.69 25.92
CA PHE B 154 23.45 -7.41 24.90
C PHE B 154 22.44 -8.53 24.80
N LEU B 155 22.93 -9.77 24.80
CA LEU B 155 22.02 -10.92 24.64
C LEU B 155 21.15 -11.14 25.86
N GLN B 156 21.60 -10.68 27.03
CA GLN B 156 20.74 -10.69 28.23
C GLN B 156 19.60 -9.69 28.11
N VAL B 157 19.87 -8.54 27.49
CA VAL B 157 18.84 -7.54 27.21
C VAL B 157 17.89 -8.00 26.13
N PHE B 158 18.41 -8.66 25.10
CA PHE B 158 17.59 -9.10 23.96
C PHE B 158 17.76 -10.60 23.74
N PRO B 159 17.19 -11.41 24.64
CA PRO B 159 17.40 -12.84 24.58
C PRO B 159 16.73 -13.50 23.39
N GLU B 160 15.89 -12.76 22.66
CA GLU B 160 15.29 -13.30 21.44
C GLU B 160 16.30 -13.38 20.27
N THR B 161 17.44 -12.73 20.43
CA THR B 161 18.43 -12.67 19.36
C THR B 161 19.07 -14.03 19.16
N LYS B 162 19.01 -14.52 17.92
CA LYS B 162 19.61 -15.79 17.57
C LYS B 162 20.82 -15.66 16.65
N ALA B 163 20.90 -14.53 15.94
CA ALA B 163 21.93 -14.38 14.90
C ALA B 163 22.24 -12.89 14.77
N ILE B 164 23.49 -12.57 14.44
CA ILE B 164 23.93 -11.19 14.34
C ILE B 164 24.72 -11.03 13.05
N VAL B 165 24.37 -9.98 12.29
CA VAL B 165 24.98 -9.73 11.00
C VAL B 165 26.27 -8.90 11.23
N ILE B 166 27.34 -9.28 10.54
CA ILE B 166 28.66 -8.67 10.73
C ILE B 166 29.28 -8.36 9.37
N GLY B 167 29.82 -7.15 9.22
CA GLY B 167 30.42 -6.75 7.94
C GLY B 167 31.88 -7.09 7.77
N ILE B 168 32.29 -8.23 8.31
CA ILE B 168 33.65 -8.65 8.21
C ILE B 168 33.96 -9.14 6.80
N ARG B 169 35.18 -8.91 6.34
CA ARG B 169 35.61 -9.38 5.03
C ARG B 169 36.74 -10.35 5.24
N HIS B 170 36.98 -11.23 4.26
CA HIS B 170 38.01 -12.24 4.45
C HIS B 170 39.40 -11.64 4.68
N THR B 171 39.64 -10.44 4.16
CA THR B 171 40.96 -9.84 4.35
C THR B 171 41.15 -9.14 5.71
N ASP B 172 40.11 -9.08 6.51
CA ASP B 172 40.23 -8.48 7.83
C ASP B 172 41.03 -9.42 8.73
N PRO B 173 41.59 -8.91 9.83
CA PRO B 173 42.39 -9.78 10.71
C PRO B 173 41.56 -10.95 11.14
N PHE B 174 42.12 -12.15 10.99
CA PHE B 174 41.48 -13.40 11.36
C PHE B 174 40.17 -13.66 10.61
N GLY B 175 39.98 -12.94 9.50
CA GLY B 175 38.78 -13.12 8.72
C GLY B 175 38.90 -14.22 7.70
N GLU B 176 40.12 -14.72 7.50
CA GLU B 176 40.34 -15.65 6.41
C GLU B 176 39.59 -17.00 6.68
N HIS B 177 38.96 -17.52 5.66
CA HIS B 177 38.17 -18.73 5.85
C HIS B 177 37.04 -18.77 6.96
N LEU B 178 36.62 -17.62 7.53
CA LEU B 178 35.26 -17.50 8.14
C LEU B 178 34.24 -17.97 7.11
N LYS B 179 33.03 -18.31 7.58
CA LYS B 179 31.96 -18.77 6.70
C LYS B 179 30.78 -17.84 6.79
N PRO B 180 29.94 -17.83 5.75
CA PRO B 180 28.80 -16.90 5.76
C PRO B 180 27.82 -17.10 6.89
N ILE B 181 27.69 -18.33 7.36
CA ILE B 181 26.82 -18.62 8.47
C ILE B 181 27.61 -19.55 9.38
N GLN B 182 27.87 -19.15 10.62
CA GLN B 182 28.54 -20.05 11.53
C GLN B 182 28.42 -19.60 12.98
N LYS B 183 28.38 -20.57 13.88
CA LYS B 183 28.28 -20.22 15.30
C LYS B 183 29.51 -19.46 15.79
N THR B 184 29.31 -18.67 16.85
CA THR B 184 30.41 -18.06 17.56
C THR B 184 31.29 -19.14 18.21
N ASP B 185 32.47 -18.72 18.61
CA ASP B 185 33.41 -19.60 19.29
C ASP B 185 32.97 -19.87 20.74
N ALA B 186 33.57 -20.88 21.37
CA ALA B 186 33.16 -21.31 22.70
C ALA B 186 33.26 -20.27 23.80
N ASN B 187 34.18 -19.34 23.59
CA ASN B 187 34.43 -18.30 24.59
C ASN B 187 33.48 -17.11 24.45
N TRP B 188 32.66 -17.12 23.40
CA TRP B 188 31.68 -16.05 23.15
C TRP B 188 30.29 -16.47 23.69
N PRO B 189 29.38 -15.52 23.84
CA PRO B 189 27.97 -15.90 23.95
C PRO B 189 27.56 -16.69 22.70
N ASP B 190 26.55 -17.52 22.86
CA ASP B 190 26.15 -18.45 21.81
C ASP B 190 25.17 -17.78 20.87
N PHE B 191 25.57 -17.52 19.63
CA PHE B 191 24.64 -17.09 18.58
C PHE B 191 25.26 -17.42 17.23
N TYR B 192 24.47 -17.31 16.16
CA TYR B 192 25.04 -17.45 14.82
C TYR B 192 25.59 -16.14 14.30
N ARG B 193 26.80 -16.18 13.75
CA ARG B 193 27.37 -15.08 12.99
C ARG B 193 26.87 -15.18 11.56
N LEU B 194 26.32 -14.07 11.06
CA LEU B 194 25.86 -13.97 9.68
C LEU B 194 26.86 -13.02 9.00
N GLN B 195 27.65 -13.55 8.08
CA GLN B 195 28.82 -12.82 7.53
C GLN B 195 28.72 -12.84 6.01
N PRO B 196 27.80 -12.04 5.45
CA PRO B 196 27.48 -12.07 4.03
C PRO B 196 28.35 -11.20 3.14
N LEU B 197 29.37 -10.57 3.72
CA LEU B 197 30.24 -9.65 3.00
C LEU B 197 31.65 -10.23 2.80
N LEU B 198 31.87 -11.52 3.07
CA LEU B 198 33.22 -11.97 3.26
C LEU B 198 34.02 -11.84 1.96
N HIS B 199 33.36 -12.07 0.82
CA HIS B 199 34.00 -12.08 -0.48
C HIS B 199 34.20 -10.71 -1.09
N TRP B 200 33.79 -9.64 -0.40
CA TRP B 200 33.99 -8.29 -0.94
C TRP B 200 35.41 -7.80 -0.76
N ASN B 201 35.96 -7.18 -1.80
CA ASN B 201 37.25 -6.54 -1.66
C ASN B 201 37.09 -5.02 -1.56
N LEU B 202 38.19 -4.35 -1.33
CA LEU B 202 38.12 -2.92 -1.08
C LEU B 202 37.56 -2.16 -2.30
N ALA B 203 37.93 -2.57 -3.52
CA ALA B 203 37.41 -1.89 -4.71
C ALA B 203 35.90 -2.02 -4.83
N ASN B 204 35.38 -3.20 -4.48
CA ASN B 204 33.95 -3.42 -4.51
C ASN B 204 33.28 -2.49 -3.51
N ILE B 205 33.85 -2.42 -2.30
CA ILE B 205 33.25 -1.56 -1.26
C ILE B 205 33.19 -0.10 -1.71
N TRP B 206 34.29 0.44 -2.21
CA TRP B 206 34.22 1.85 -2.62
C TRP B 206 33.30 2.05 -3.78
N SER B 207 33.32 1.16 -4.77
CA SER B 207 32.49 1.38 -5.96
C SER B 207 31.00 1.48 -5.57
N PHE B 208 30.55 0.53 -4.76
CA PHE B 208 29.16 0.53 -4.40
C PHE B 208 28.84 1.70 -3.45
N LEU B 209 29.71 1.94 -2.47
CA LEU B 209 29.39 2.98 -1.49
C LEU B 209 29.37 4.37 -2.16
N LEU B 210 30.30 4.63 -3.08
CA LEU B 210 30.31 5.91 -3.77
C LEU B 210 29.09 6.04 -4.69
N TYR B 211 28.73 4.98 -5.39
CA TYR B 211 27.54 5.04 -6.26
C TYR B 211 26.27 5.29 -5.44
N SER B 212 26.21 4.79 -4.20
CA SER B 212 24.97 4.83 -3.45
C SER B 212 24.51 6.27 -3.17
N ASN B 213 25.44 7.21 -3.13
CA ASN B 213 25.14 8.59 -2.78
C ASN B 213 24.59 8.68 -1.38
N GLU B 214 24.90 7.70 -0.54
CA GLU B 214 24.63 7.82 0.89
C GLU B 214 25.77 8.55 1.58
N PRO B 215 25.48 9.21 2.73
CA PRO B 215 26.58 9.87 3.45
C PRO B 215 27.56 8.81 3.95
N ILE B 216 28.85 9.11 3.87
CA ILE B 216 29.96 8.17 4.21
C ILE B 216 30.71 8.83 5.39
N CYS B 217 31.18 8.07 6.37
CA CYS B 217 31.92 8.68 7.48
C CYS B 217 33.01 9.56 6.90
N GLU B 218 33.08 10.81 7.34
CA GLU B 218 33.98 11.74 6.68
C GLU B 218 35.43 11.48 6.96
N LEU B 219 35.75 10.62 7.94
CA LEU B 219 37.15 10.24 8.06
C LEU B 219 37.71 9.69 6.73
N TYR B 220 36.91 8.93 5.99
CA TYR B 220 37.44 8.36 4.75
C TYR B 220 37.80 9.48 3.76
N ARG B 221 37.00 10.55 3.73
CA ARG B 221 37.32 11.68 2.85
C ARG B 221 38.69 12.27 3.13
N TYR B 222 39.14 12.17 4.37
CA TYR B 222 40.40 12.78 4.79
C TYR B 222 41.59 11.83 4.73
N GLY B 223 41.38 10.64 4.17
CA GLY B 223 42.52 9.78 3.85
C GLY B 223 42.61 8.50 4.65
N PHE B 224 41.67 8.27 5.56
CA PHE B 224 41.61 7.00 6.25
C PHE B 224 41.03 5.94 5.32
N THR B 225 41.52 4.71 5.49
CA THR B 225 40.99 3.58 4.75
C THR B 225 40.47 2.47 5.68
N SER B 226 40.76 2.58 6.97
CA SER B 226 40.35 1.58 7.96
C SER B 226 40.27 2.27 9.28
N LEU B 227 39.14 2.17 9.98
CA LEU B 227 38.93 2.92 11.21
C LEU B 227 39.16 2.06 12.41
N GLY B 228 40.39 2.04 12.89
CA GLY B 228 40.64 1.46 14.19
C GLY B 228 40.43 2.51 15.26
N ASN B 229 41.10 2.36 16.39
CA ASN B 229 40.88 3.32 17.48
C ASN B 229 41.62 4.63 17.23
N VAL B 230 41.23 5.67 17.97
CA VAL B 230 41.74 7.03 17.72
C VAL B 230 43.21 7.15 18.04
N GLU B 231 43.73 6.29 18.90
CA GLU B 231 45.16 6.38 19.23
C GLU B 231 46.03 5.75 18.17
N GLU B 232 45.58 4.65 17.57
CA GLU B 232 46.46 3.88 16.69
C GLU B 232 46.29 4.25 15.22
N THR B 233 45.17 4.87 14.86
CA THR B 233 44.82 4.95 13.45
C THR B 233 45.21 6.27 12.82
N LEU B 234 45.90 6.19 11.69
CA LEU B 234 46.32 7.36 10.92
C LEU B 234 45.74 7.30 9.50
N PRO B 235 45.70 8.45 8.82
CA PRO B 235 45.41 8.37 7.39
C PRO B 235 46.41 7.45 6.70
N ASN B 236 46.02 6.83 5.61
CA ASN B 236 46.84 5.78 5.01
C ASN B 236 48.06 6.40 4.36
N PRO B 237 49.29 5.98 4.75
CA PRO B 237 50.49 6.64 4.22
C PRO B 237 50.64 6.45 2.72
N HIS B 238 50.04 5.41 2.17
CA HIS B 238 50.09 5.23 0.73
C HIS B 238 49.24 6.25 -0.05
N LEU B 239 48.42 6.99 0.67
CA LEU B 239 47.55 8.04 0.07
C LEU B 239 48.14 9.43 0.33
N ARG B 240 49.37 9.51 0.86
CA ARG B 240 49.95 10.81 1.10
C ARG B 240 50.24 11.51 -0.20
N LYS B 241 49.89 12.78 -0.27
CA LYS B 241 50.22 13.57 -1.48
C LYS B 241 51.66 14.07 -1.41
N ASP B 242 52.38 13.99 -2.52
CA ASP B 242 53.78 14.40 -2.54
C ASP B 242 54.16 14.92 -3.93
N LYS B 243 54.90 16.03 -3.96
CA LYS B 243 55.33 16.67 -5.22
C LYS B 243 55.88 15.70 -6.26
N ASN B 244 56.73 14.79 -5.82
CA ASN B 244 57.37 13.83 -6.73
C ASN B 244 57.05 12.39 -6.34
N SER B 245 55.82 12.18 -5.90
CA SER B 245 55.15 10.90 -6.09
C SER B 245 54.28 11.05 -7.33
N THR B 246 54.15 10.00 -8.11
CA THR B 246 53.22 10.04 -9.24
C THR B 246 51.78 10.06 -8.72
N PRO B 247 50.96 11.00 -9.23
CA PRO B 247 49.55 11.20 -8.86
C PRO B 247 48.75 9.90 -8.96
N LEU B 248 47.90 9.64 -7.97
CA LEU B 248 47.15 8.39 -7.96
C LEU B 248 45.92 8.45 -8.86
N LYS B 249 45.60 7.31 -9.47
CA LYS B 249 44.42 7.21 -10.34
C LYS B 249 43.14 6.95 -9.56
N LEU B 250 42.07 7.62 -9.95
CA LEU B 250 40.75 7.37 -9.37
C LEU B 250 40.06 6.30 -10.20
N ASN B 251 39.68 5.18 -9.57
CA ASN B 251 38.94 4.08 -10.23
C ASN B 251 37.43 4.24 -10.25
N PHE B 252 36.93 5.28 -9.59
CA PHE B 252 35.51 5.40 -9.31
C PHE B 252 34.90 6.72 -9.81
N GLU B 253 35.51 7.29 -10.86
CA GLU B 253 34.97 8.52 -11.44
C GLU B 253 33.54 8.32 -11.91
N TRP B 254 33.30 7.23 -12.64
CA TRP B 254 31.96 7.01 -13.18
C TRP B 254 30.91 6.93 -12.04
N GLU B 255 31.23 6.15 -11.01
CA GLU B 255 30.28 5.97 -9.92
C GLU B 255 29.98 7.29 -9.23
N ILE B 256 30.98 8.13 -9.05
CA ILE B 256 30.72 9.42 -8.36
C ILE B 256 29.89 10.34 -9.25
N GLU B 257 30.25 10.38 -10.53
CA GLU B 257 29.59 11.30 -11.50
C GLU B 257 28.15 10.88 -11.77
N ASN B 258 27.90 9.58 -11.68
CA ASN B 258 26.61 9.00 -11.99
C ASN B 258 25.93 8.42 -10.79
N ARG B 259 26.30 8.92 -9.61
CA ARG B 259 25.73 8.38 -8.39
C ARG B 259 24.21 8.53 -8.29
N TYR B 260 23.63 7.65 -7.51
CA TYR B 260 22.19 7.45 -7.51
C TYR B 260 21.49 8.70 -7.06
N LYS B 261 20.56 9.19 -7.89
CA LYS B 261 19.94 10.47 -7.59
C LYS B 261 18.87 10.30 -6.54
N HIS B 262 18.84 11.22 -5.58
CA HIS B 262 17.84 11.19 -4.51
C HIS B 262 16.72 12.20 -4.77
N ASN B 263 15.54 11.95 -4.19
CA ASN B 263 14.44 12.92 -4.22
C ASN B 263 14.24 13.60 -2.87
N GLU B 264 13.07 14.23 -2.67
CA GLU B 264 12.77 14.99 -1.45
C GLU B 264 12.70 14.11 -0.19
N VAL B 265 12.13 12.93 -0.32
CA VAL B 265 12.04 12.00 0.80
C VAL B 265 13.42 11.39 1.15
N THR B 266 14.31 11.26 0.17
CA THR B 266 15.51 10.42 0.35
C THR B 266 16.80 11.21 0.44
N LYS B 267 16.76 12.51 0.22
CA LYS B 267 18.00 13.26 0.17
C LYS B 267 18.68 13.17 1.53
N ALA B 268 19.99 13.45 1.56
CA ALA B 268 20.82 13.21 2.74
C ALA B 268 21.73 14.41 3.00
N GLU B 269 21.82 14.79 4.27
CA GLU B 269 22.66 15.90 4.73
C GLU B 269 24.13 15.49 4.80
N PRO B 270 25.04 16.47 4.68
CA PRO B 270 26.40 16.19 5.15
C PRO B 270 26.37 15.82 6.62
N ILE B 271 27.15 14.80 6.98
CA ILE B 271 27.45 14.51 8.38
C ILE B 271 28.91 14.83 8.52
N PRO B 272 29.23 16.03 9.03
CA PRO B 272 30.55 16.70 9.00
C PRO B 272 31.60 16.09 9.98
N ILE B 273 32.89 16.16 9.62
CA ILE B 273 33.96 15.60 10.50
C ILE B 273 34.00 16.38 11.82
N ALA B 274 34.18 15.68 12.94
CA ALA B 274 34.28 16.35 14.23
C ALA B 274 35.48 17.27 14.31
N ASP B 275 35.30 18.42 14.97
CA ASP B 275 36.42 19.32 15.12
C ASP B 275 37.65 18.67 15.73
N GLU B 276 37.45 17.81 16.71
CA GLU B 276 38.62 17.20 17.34
C GLU B 276 39.44 16.35 16.36
N ASP B 277 38.74 15.71 15.42
CA ASP B 277 39.40 14.91 14.39
C ASP B 277 40.01 15.78 13.30
N LEU B 278 39.38 16.90 12.98
CA LEU B 278 40.01 17.82 12.05
C LEU B 278 41.34 18.36 12.60
N VAL B 279 41.37 18.72 13.89
CA VAL B 279 42.61 19.14 14.50
C VAL B 279 43.68 18.09 14.36
N LYS B 280 43.32 16.84 14.61
CA LYS B 280 44.29 15.78 14.55
C LYS B 280 44.85 15.70 13.16
N ILE B 281 43.96 15.80 12.15
CA ILE B 281 44.40 15.61 10.78
C ILE B 281 45.25 16.81 10.33
N GLU B 282 44.88 18.01 10.76
CA GLU B 282 45.68 19.24 10.47
C GLU B 282 47.09 19.18 11.08
N ASN B 283 47.22 18.57 12.25
CA ASN B 283 48.51 18.48 12.94
C ASN B 283 49.54 17.63 12.23
N LEU B 284 49.10 16.80 11.28
CA LEU B 284 49.97 15.96 10.50
C LEU B 284 50.85 16.73 9.55
N HIS B 285 50.39 17.91 9.11
CA HIS B 285 51.15 18.70 8.15
C HIS B 285 51.44 17.92 6.88
N GLU B 286 50.48 17.10 6.50
CA GLU B 286 50.55 16.35 5.22
C GLU B 286 49.14 16.26 4.76
N ASP B 287 48.97 16.13 3.45
CA ASP B 287 47.64 15.97 2.89
C ASP B 287 47.51 14.58 2.27
N TYR B 288 46.27 14.08 2.19
CA TYR B 288 46.01 12.74 1.73
C TYR B 288 44.91 12.71 0.71
N TYR B 289 45.03 11.83 -0.30
CA TYR B 289 43.86 11.49 -1.10
C TYR B 289 42.80 10.83 -0.22
N PRO B 290 41.53 10.95 -0.61
CA PRO B 290 40.52 10.23 0.17
C PRO B 290 40.68 8.72 0.02
N GLY B 291 40.07 7.98 0.93
CA GLY B 291 40.37 6.56 1.06
C GLY B 291 40.08 5.75 -0.18
N TRP B 292 39.14 6.22 -1.01
CA TRP B 292 38.76 5.51 -2.22
C TRP B 292 39.78 5.58 -3.34
N TYR B 293 40.91 6.24 -3.07
CA TYR B 293 42.10 6.12 -3.92
C TYR B 293 42.92 4.87 -3.59
N LEU B 294 42.56 4.14 -2.55
CA LEU B 294 43.23 2.87 -2.25
C LEU B 294 42.34 1.72 -2.68
N VAL B 295 42.87 0.86 -3.57
CA VAL B 295 42.16 -0.35 -3.92
C VAL B 295 42.97 -1.61 -3.62
N ASP B 296 44.18 -1.44 -3.07
CA ASP B 296 45.06 -2.60 -2.70
C ASP B 296 44.70 -3.08 -1.31
N ASP B 297 43.98 -4.19 -1.24
CA ASP B 297 43.52 -4.72 0.02
C ASP B 297 44.62 -4.93 1.05
N LYS B 298 45.80 -5.33 0.59
CA LYS B 298 46.83 -5.65 1.56
C LYS B 298 47.32 -4.40 2.31
N LEU B 299 47.00 -3.22 1.77
CA LEU B 299 47.44 -1.95 2.38
C LEU B 299 46.34 -1.27 3.22
N GLU B 300 45.18 -1.92 3.36
CA GLU B 300 44.03 -1.27 3.94
C GLU B 300 44.32 -0.76 5.36
N ARG B 301 45.11 -1.50 6.12
CA ARG B 301 45.42 -1.18 7.52
C ARG B 301 46.81 -0.58 7.69
N ALA B 302 47.38 -0.02 6.62
CA ALA B 302 48.72 0.51 6.69
C ALA B 302 48.78 1.74 7.56
C ALA B 302 48.79 1.77 7.59
N GLY B 303 49.95 1.91 8.16
N GLY B 303 47.65 2.37 7.89
CA GLY B 303 50.37 3.17 8.70
CA GLY B 303 47.63 3.58 8.72
C GLY B 303 49.96 3.39 10.13
C GLY B 303 47.57 3.30 10.23
N ARG B 304 49.47 2.33 10.77
N ARG B 304 48.72 2.87 10.79
CA ARG B 304 49.01 2.46 12.15
CA ARG B 304 48.87 2.56 12.25
C ARG B 304 50.19 2.85 13.00
N ILE B 305 49.97 3.47 14.15
CA ILE B 305 51.07 3.83 15.00
C ILE B 305 51.84 2.56 15.35
N LYS B 306 53.16 2.67 15.31
CA LYS B 306 54.05 1.55 15.60
C LYS B 306 54.06 1.23 17.10
N LYS B 307 53.87 -0.05 17.42
CA LYS B 307 53.96 -0.57 18.79
C LYS B 307 54.92 -1.74 18.91
N LYS B 308 55.24 -2.06 20.16
CA LYS B 308 55.97 -3.27 20.59
C LYS B 308 57.47 -3.09 20.52
N VAL C 4 -63.39 -24.59 -45.56
CA VAL C 4 -62.94 -23.26 -46.14
C VAL C 4 -63.75 -22.09 -45.57
N MET C 5 -63.06 -21.09 -45.02
CA MET C 5 -63.68 -19.79 -44.69
C MET C 5 -63.08 -18.71 -45.56
N ARG C 6 -63.90 -17.77 -46.04
CA ARG C 6 -63.39 -16.57 -46.63
C ARG C 6 -62.62 -15.75 -45.61
N LEU C 7 -61.64 -14.97 -46.08
CA LEU C 7 -60.71 -14.35 -45.13
C LEU C 7 -61.44 -13.43 -44.17
N GLY C 8 -62.38 -12.61 -44.67
CA GLY C 8 -63.08 -11.72 -43.75
C GLY C 8 -63.89 -12.49 -42.73
N ASP C 9 -64.46 -13.63 -43.12
CA ASP C 9 -65.20 -14.44 -42.18
C ASP C 9 -64.25 -15.06 -41.16
N ALA C 10 -63.09 -15.52 -41.62
CA ALA C 10 -62.06 -16.02 -40.70
C ALA C 10 -61.59 -14.95 -39.71
N ALA C 11 -61.35 -13.75 -40.22
CA ALA C 11 -60.93 -12.65 -39.37
C ALA C 11 -61.98 -12.27 -38.34
N GLU C 12 -63.25 -12.17 -38.78
CA GLU C 12 -64.31 -11.84 -37.86
C GLU C 12 -64.45 -12.91 -36.78
N LEU C 13 -64.37 -14.17 -37.19
CA LEU C 13 -64.43 -15.26 -36.23
C LEU C 13 -63.31 -15.11 -35.20
N CYS C 14 -62.10 -14.85 -35.68
CA CYS C 14 -60.97 -14.69 -34.77
C CYS C 14 -61.14 -13.51 -33.85
N TYR C 15 -61.70 -12.41 -34.36
CA TYR C 15 -62.00 -11.28 -33.51
C TYR C 15 -63.05 -11.63 -32.45
N ASN C 16 -64.07 -12.36 -32.86
CA ASN C 16 -65.10 -12.77 -31.93
C ASN C 16 -64.58 -13.71 -30.87
N LEU C 17 -63.75 -14.68 -31.25
CA LEU C 17 -63.32 -15.63 -30.22
C LEU C 17 -62.29 -14.97 -29.30
N THR C 18 -61.49 -14.05 -29.84
CA THR C 18 -60.51 -13.35 -29.02
C THR C 18 -61.19 -12.39 -28.05
N SER C 19 -62.20 -11.67 -28.55
CA SER C 19 -63.00 -10.82 -27.67
C SER C 19 -63.71 -11.62 -26.60
N SER C 20 -64.26 -12.76 -26.96
CA SER C 20 -64.91 -13.63 -25.98
C SER C 20 -63.94 -14.09 -24.90
N TYR C 21 -62.73 -14.48 -25.32
CA TYR C 21 -61.75 -14.89 -24.35
C TYR C 21 -61.42 -13.75 -23.40
N LEU C 22 -61.27 -12.54 -23.95
CA LEU C 22 -60.96 -11.37 -23.13
C LEU C 22 -62.08 -11.03 -22.15
N GLN C 23 -63.29 -11.50 -22.43
CA GLN C 23 -64.44 -11.22 -21.55
C GLN C 23 -64.60 -12.25 -20.42
N ILE C 24 -63.81 -13.31 -20.41
CA ILE C 24 -63.92 -14.27 -19.33
C ILE C 24 -63.53 -13.55 -18.03
N ALA C 25 -64.33 -13.67 -16.96
CA ALA C 25 -63.92 -13.11 -15.68
C ALA C 25 -63.01 -14.10 -14.99
N ALA C 26 -61.73 -13.76 -14.97
CA ALA C 26 -60.72 -14.67 -14.48
C ALA C 26 -60.03 -14.07 -13.27
N GLU C 27 -59.72 -14.91 -12.27
CA GLU C 27 -59.04 -14.44 -11.04
C GLU C 27 -57.61 -13.98 -11.35
N SER C 28 -57.05 -13.10 -10.53
CA SER C 28 -55.77 -12.48 -10.81
C SER C 28 -54.60 -13.50 -10.75
N ASP C 29 -54.81 -14.64 -10.11
CA ASP C 29 -53.77 -15.67 -10.06
C ASP C 29 -53.97 -16.78 -11.10
N SER C 30 -54.81 -16.55 -12.11
CA SER C 30 -55.17 -17.62 -13.01
C SER C 30 -54.36 -17.56 -14.30
N ILE C 31 -54.24 -18.73 -14.94
CA ILE C 31 -53.66 -18.77 -16.28
C ILE C 31 -54.49 -17.95 -17.28
N ILE C 32 -55.81 -18.02 -17.18
CA ILE C 32 -56.63 -17.23 -18.11
C ILE C 32 -56.35 -15.75 -18.00
N ALA C 33 -56.27 -15.22 -16.77
CA ALA C 33 -55.96 -13.78 -16.63
C ALA C 33 -54.62 -13.44 -17.23
N GLN C 34 -53.62 -14.30 -16.99
CA GLN C 34 -52.29 -14.05 -17.55
C GLN C 34 -52.33 -14.05 -19.10
N THR C 35 -53.15 -14.95 -19.66
CA THR C 35 -53.28 -15.07 -21.11
C THR C 35 -53.99 -13.85 -21.68
N GLN C 36 -54.98 -13.34 -20.97
CA GLN C 36 -55.65 -12.10 -21.38
C GLN C 36 -54.66 -10.95 -21.43
N ARG C 37 -53.81 -10.86 -20.42
CA ARG C 37 -52.74 -9.83 -20.45
C ARG C 37 -51.81 -10.01 -21.65
N ALA C 38 -51.49 -11.27 -21.95
CA ALA C 38 -50.63 -11.54 -23.09
C ALA C 38 -51.30 -11.18 -24.41
N ILE C 39 -52.61 -11.43 -24.50
CA ILE C 39 -53.37 -11.02 -25.71
C ILE C 39 -53.33 -9.53 -25.88
N ASN C 40 -53.55 -8.81 -24.80
CA ASN C 40 -53.56 -7.38 -24.92
C ASN C 40 -52.23 -6.78 -25.33
N THR C 41 -51.15 -7.37 -24.84
CA THR C 41 -49.82 -6.92 -25.28
C THR C 41 -49.59 -7.22 -26.76
N THR C 42 -49.97 -8.42 -27.21
CA THR C 42 -49.87 -8.76 -28.62
C THR C 42 -50.69 -7.79 -29.51
N LYS C 43 -51.92 -7.55 -29.09
CA LYS C 43 -52.76 -6.64 -29.85
C LYS C 43 -52.15 -5.25 -29.98
N SER C 44 -51.60 -4.74 -28.88
CA SER C 44 -50.94 -3.43 -28.89
C SER C 44 -49.74 -3.41 -29.85
N ILE C 45 -48.93 -4.48 -29.81
CA ILE C 45 -47.82 -4.53 -30.73
C ILE C 45 -48.30 -4.46 -32.18
N LEU C 46 -49.34 -5.23 -32.51
CA LEU C 46 -49.82 -5.25 -33.89
C LEU C 46 -50.54 -3.95 -34.26
N ILE C 47 -51.51 -3.56 -33.44
CA ILE C 47 -52.42 -2.48 -33.86
C ILE C 47 -51.74 -1.14 -33.70
N ASN C 48 -51.01 -0.95 -32.60
CA ASN C 48 -50.34 0.32 -32.33
C ASN C 48 -48.95 0.51 -32.94
N GLU C 49 -48.16 -0.56 -33.06
CA GLU C 49 -46.75 -0.40 -33.43
C GLU C 49 -46.45 -0.97 -34.80
N THR C 50 -47.28 -1.90 -35.28
CA THR C 50 -46.95 -2.61 -36.54
C THR C 50 -47.74 -2.07 -37.72
N PHE C 51 -49.08 -2.16 -37.65
CA PHE C 51 -49.90 -1.78 -38.81
C PHE C 51 -49.74 -0.30 -39.22
N PRO C 52 -49.50 0.61 -38.27
CA PRO C 52 -49.20 1.99 -38.76
C PRO C 52 -47.91 2.12 -39.59
N LYS C 53 -46.98 1.18 -39.44
CA LYS C 53 -45.66 1.29 -40.08
C LYS C 53 -45.70 0.49 -41.38
N TRP C 54 -46.34 -0.69 -41.37
CA TRP C 54 -46.37 -1.58 -42.55
C TRP C 54 -47.77 -2.06 -42.81
N SER C 55 -48.17 -1.99 -44.06
CA SER C 55 -49.49 -2.39 -44.47
C SER C 55 -49.63 -3.91 -44.52
N PRO C 56 -50.61 -4.44 -43.77
CA PRO C 56 -50.95 -5.86 -43.83
C PRO C 56 -51.76 -6.24 -45.05
N LEU C 57 -52.04 -5.25 -45.90
CA LEU C 57 -52.98 -5.46 -46.99
C LEU C 57 -52.32 -5.62 -48.35
N ASN C 58 -51.13 -5.05 -48.52
CA ASN C 58 -50.59 -4.90 -49.87
C ASN C 58 -49.33 -5.72 -50.06
N GLY C 59 -49.10 -6.65 -49.15
CA GLY C 59 -47.98 -7.54 -49.30
C GLY C 59 -46.76 -7.02 -48.59
N GLU C 60 -46.85 -5.87 -47.89
CA GLU C 60 -45.64 -5.45 -47.15
C GLU C 60 -45.33 -6.40 -45.99
N ILE C 61 -46.37 -7.04 -45.46
CA ILE C 61 -46.18 -8.01 -44.40
C ILE C 61 -46.55 -9.38 -44.89
N SER C 62 -45.66 -10.33 -44.63
CA SER C 62 -46.00 -11.74 -44.77
C SER C 62 -45.97 -12.44 -43.42
N PHE C 63 -46.65 -13.58 -43.32
CA PHE C 63 -46.85 -14.29 -42.06
C PHE C 63 -46.12 -15.64 -42.13
N SER C 64 -45.09 -15.84 -41.30
CA SER C 64 -44.39 -17.12 -41.34
C SER C 64 -45.16 -18.20 -40.59
N TYR C 65 -45.48 -19.30 -41.23
CA TYR C 65 -46.40 -20.25 -40.63
C TYR C 65 -45.91 -21.67 -40.92
N ASN C 66 -45.86 -22.51 -39.89
CA ASN C 66 -45.57 -23.94 -40.12
C ASN C 66 -46.58 -24.84 -39.43
N GLY C 67 -47.76 -24.32 -39.08
CA GLY C 67 -48.82 -25.15 -38.57
C GLY C 67 -48.72 -25.52 -37.10
N GLY C 68 -47.65 -25.12 -36.42
CA GLY C 68 -47.56 -25.45 -35.00
C GLY C 68 -48.36 -24.54 -34.10
N LYS C 69 -48.35 -24.87 -32.81
CA LYS C 69 -49.27 -24.26 -31.88
C LYS C 69 -49.04 -22.76 -31.71
N ASP C 70 -47.79 -22.33 -31.81
CA ASP C 70 -47.44 -20.98 -31.45
C ASP C 70 -47.75 -20.07 -32.64
N CYS C 71 -47.32 -20.46 -33.82
CA CYS C 71 -47.73 -19.63 -34.94
C CYS C 71 -49.22 -19.75 -35.23
N GLN C 72 -49.87 -20.85 -34.87
CA GLN C 72 -51.34 -20.89 -34.97
C GLN C 72 -52.03 -19.89 -34.04
N VAL C 73 -51.65 -19.89 -32.78
CA VAL C 73 -52.18 -18.88 -31.87
C VAL C 73 -51.93 -17.51 -32.46
N LEU C 74 -50.68 -17.25 -32.89
CA LEU C 74 -50.38 -15.91 -33.40
C LEU C 74 -51.25 -15.61 -34.62
N LEU C 75 -51.48 -16.60 -35.48
CA LEU C 75 -52.32 -16.35 -36.67
C LEU C 75 -53.74 -15.95 -36.26
N LEU C 76 -54.32 -16.65 -35.29
CA LEU C 76 -55.65 -16.25 -34.78
C LEU C 76 -55.65 -14.83 -34.25
N LEU C 77 -54.59 -14.48 -33.52
CA LEU C 77 -54.54 -13.12 -32.97
C LEU C 77 -54.32 -12.10 -34.08
N TYR C 78 -53.50 -12.45 -35.06
CA TYR C 78 -53.23 -11.55 -36.18
C TYR C 78 -54.50 -11.30 -36.99
N LEU C 79 -55.27 -12.35 -37.27
CA LEU C 79 -56.52 -12.17 -37.98
C LEU C 79 -57.49 -11.37 -37.15
N SER C 80 -57.53 -11.58 -35.84
CA SER C 80 -58.39 -10.76 -34.96
C SER C 80 -58.01 -9.28 -35.11
N CYS C 81 -56.70 -9.00 -35.12
CA CYS C 81 -56.23 -7.63 -35.20
C CYS C 81 -56.52 -7.00 -36.54
N LEU C 82 -56.46 -7.79 -37.61
CA LEU C 82 -56.86 -7.26 -38.93
C LEU C 82 -58.32 -6.84 -38.92
N TRP C 83 -59.19 -7.65 -38.32
CA TRP C 83 -60.62 -7.32 -38.25
C TRP C 83 -60.80 -6.06 -37.39
N GLU C 84 -60.13 -6.00 -36.25
CA GLU C 84 -60.29 -4.87 -35.34
C GLU C 84 -59.81 -3.61 -36.03
N TYR C 85 -58.68 -3.68 -36.74
CA TYR C 85 -58.05 -2.51 -37.32
C TYR C 85 -58.86 -1.97 -38.49
N TYR C 86 -59.41 -2.86 -39.30
CA TYR C 86 -60.08 -2.38 -40.52
C TYR C 86 -61.57 -2.21 -40.33
N ILE C 87 -62.17 -2.99 -39.45
CA ILE C 87 -63.63 -3.05 -39.41
C ILE C 87 -64.20 -2.42 -38.15
N VAL C 88 -63.63 -2.77 -37.01
CA VAL C 88 -64.16 -2.30 -35.74
C VAL C 88 -63.68 -0.88 -35.46
N PHE C 102 -64.33 -6.05 -45.67
CA PHE C 102 -62.97 -6.52 -45.38
C PHE C 102 -62.05 -6.42 -46.61
N PRO C 103 -60.99 -5.61 -46.51
CA PRO C 103 -60.19 -5.17 -47.66
C PRO C 103 -59.02 -6.10 -48.04
N LEU C 104 -59.16 -7.41 -47.75
CA LEU C 104 -58.17 -8.41 -48.15
C LEU C 104 -58.88 -9.75 -48.36
N THR C 105 -58.48 -10.48 -49.40
CA THR C 105 -59.11 -11.78 -49.72
C THR C 105 -58.28 -13.06 -49.42
N LYS C 106 -56.96 -12.93 -49.40
CA LYS C 106 -56.09 -14.02 -48.91
C LYS C 106 -54.97 -13.40 -48.12
N LEU C 107 -54.49 -14.11 -47.10
CA LEU C 107 -53.40 -13.56 -46.23
C LEU C 107 -52.01 -14.09 -46.69
N PRO C 108 -51.12 -13.21 -47.09
CA PRO C 108 -49.78 -13.64 -47.55
C PRO C 108 -49.01 -14.42 -46.46
N THR C 109 -48.62 -15.65 -46.77
CA THR C 109 -48.08 -16.60 -45.75
C THR C 109 -46.87 -17.29 -46.33
N VAL C 110 -45.88 -17.62 -45.48
CA VAL C 110 -44.69 -18.25 -45.98
C VAL C 110 -44.34 -19.41 -45.07
N PHE C 111 -44.13 -20.59 -45.69
CA PHE C 111 -43.73 -21.79 -44.98
C PHE C 111 -42.41 -22.27 -45.59
N ILE C 112 -41.40 -22.44 -44.75
CA ILE C 112 -40.14 -22.99 -45.20
C ILE C 112 -40.21 -24.51 -45.02
N ASP C 113 -40.28 -25.23 -46.12
CA ASP C 113 -40.50 -26.67 -46.08
C ASP C 113 -39.16 -27.38 -46.00
N HIS C 114 -39.14 -28.54 -45.38
CA HIS C 114 -37.91 -29.31 -45.20
C HIS C 114 -38.19 -30.75 -45.49
N ASP C 115 -37.17 -31.50 -45.87
CA ASP C 115 -37.36 -32.88 -46.29
C ASP C 115 -37.69 -33.80 -45.11
N ASP C 116 -37.57 -33.28 -43.89
CA ASP C 116 -37.74 -34.07 -42.66
C ASP C 116 -38.88 -33.48 -41.79
N THR C 117 -39.82 -32.82 -42.43
CA THR C 117 -41.00 -32.33 -41.74
C THR C 117 -42.01 -33.45 -41.53
N PHE C 118 -42.65 -33.49 -40.36
CA PHE C 118 -43.72 -34.47 -40.15
C PHE C 118 -44.79 -34.37 -41.23
N LYS C 119 -45.22 -35.49 -41.75
CA LYS C 119 -46.34 -35.53 -42.69
C LYS C 119 -47.60 -34.94 -42.09
N THR C 120 -47.86 -35.22 -40.81
CA THR C 120 -49.04 -34.64 -40.18
C THR C 120 -48.99 -33.12 -40.26
N LEU C 121 -47.80 -32.55 -40.04
CA LEU C 121 -47.69 -31.11 -40.06
C LEU C 121 -47.84 -30.57 -41.48
N GLU C 122 -47.25 -31.23 -42.48
CA GLU C 122 -47.47 -30.85 -43.84
C GLU C 122 -48.98 -30.80 -44.15
N ASN C 123 -49.70 -31.87 -43.81
CA ASN C 123 -51.12 -31.93 -44.14
C ASN C 123 -51.85 -30.79 -43.39
N PHE C 124 -51.47 -30.53 -42.14
CA PHE C 124 -52.14 -29.52 -41.34
C PHE C 124 -51.92 -28.13 -41.94
N ILE C 125 -50.71 -27.84 -42.40
CA ILE C 125 -50.45 -26.57 -43.05
C ILE C 125 -51.33 -26.41 -44.28
N GLU C 126 -51.40 -27.44 -45.11
CA GLU C 126 -52.22 -27.37 -46.32
C GLU C 126 -53.69 -27.14 -45.98
N GLU C 127 -54.23 -27.91 -45.06
CA GLU C 127 -55.65 -27.80 -44.76
C GLU C 127 -55.98 -26.52 -44.06
N THR C 128 -55.12 -26.04 -43.15
CA THR C 128 -55.40 -24.75 -42.52
C THR C 128 -55.17 -23.58 -43.47
N SER C 129 -54.31 -23.73 -44.48
CA SER C 129 -54.21 -22.66 -45.47
C SER C 129 -55.54 -22.49 -46.18
N LEU C 130 -56.20 -23.60 -46.47
CA LEU C 130 -57.51 -23.53 -47.09
C LEU C 130 -58.53 -22.96 -46.08
N ARG C 131 -58.51 -23.43 -44.83
CA ARG C 131 -59.48 -22.96 -43.84
C ARG C 131 -59.44 -21.45 -43.64
N TYR C 132 -58.22 -20.89 -43.53
CA TYR C 132 -58.02 -19.49 -43.14
C TYR C 132 -57.80 -18.56 -44.32
N SER C 133 -57.95 -19.09 -45.53
CA SER C 133 -57.74 -18.32 -46.74
C SER C 133 -56.34 -17.70 -46.72
N LEU C 134 -55.33 -18.52 -46.48
CA LEU C 134 -53.96 -18.07 -46.61
C LEU C 134 -53.53 -18.16 -48.09
N SER C 135 -52.68 -17.25 -48.51
CA SER C 135 -52.00 -17.38 -49.76
C SER C 135 -50.62 -17.93 -49.46
N LEU C 136 -50.49 -19.23 -49.56
CA LEU C 136 -49.31 -19.93 -49.10
C LEU C 136 -48.20 -19.89 -50.13
N TYR C 137 -47.00 -19.47 -49.70
CA TYR C 137 -45.77 -19.76 -50.43
C TYR C 137 -45.07 -20.83 -49.63
N GLU C 138 -44.59 -21.87 -50.32
CA GLU C 138 -43.75 -22.88 -49.67
C GLU C 138 -42.40 -22.88 -50.33
N SER C 139 -41.35 -22.87 -49.54
CA SER C 139 -40.03 -23.12 -50.12
C SER C 139 -39.92 -24.56 -50.63
N ASP C 140 -38.83 -24.82 -51.35
CA ASP C 140 -38.59 -26.13 -51.93
C ASP C 140 -38.05 -27.11 -50.90
N ARG C 141 -38.88 -28.06 -50.50
CA ARG C 141 -38.51 -29.13 -49.58
C ARG C 141 -37.23 -29.85 -49.97
N ASP C 142 -37.00 -29.99 -51.26
CA ASP C 142 -35.97 -30.89 -51.76
C ASP C 142 -34.73 -30.10 -52.20
N LYS C 143 -34.64 -28.83 -51.82
CA LYS C 143 -33.42 -28.04 -51.95
C LYS C 143 -32.68 -27.94 -50.65
N CYS C 144 -31.38 -28.23 -50.69
CA CYS C 144 -30.53 -28.11 -49.55
C CYS C 144 -30.16 -26.65 -49.43
N GLU C 145 -30.76 -25.94 -48.47
CA GLU C 145 -30.49 -24.52 -48.27
C GLU C 145 -30.84 -24.17 -46.85
N THR C 146 -30.21 -23.11 -46.33
CA THR C 146 -30.52 -22.66 -44.98
C THR C 146 -31.86 -21.90 -44.97
N MET C 147 -32.39 -21.65 -43.78
CA MET C 147 -33.60 -20.85 -43.69
C MET C 147 -33.40 -19.48 -44.30
N ALA C 148 -32.26 -18.84 -44.01
CA ALA C 148 -31.98 -17.51 -44.54
C ALA C 148 -31.99 -17.55 -46.06
N GLU C 149 -31.37 -18.57 -46.64
CA GLU C 149 -31.35 -18.74 -48.09
C GLU C 149 -32.75 -18.94 -48.67
N ALA C 150 -33.58 -19.73 -47.99
CA ALA C 150 -34.97 -19.88 -48.46
C ALA C 150 -35.72 -18.55 -48.43
N PHE C 151 -35.50 -17.76 -47.38
CA PHE C 151 -36.13 -16.44 -47.33
C PHE C 151 -35.58 -15.47 -48.35
N GLU C 152 -34.30 -15.62 -48.71
CA GLU C 152 -33.76 -14.82 -49.79
C GLU C 152 -34.53 -15.06 -51.08
N THR C 153 -34.81 -16.31 -51.38
CA THR C 153 -35.52 -16.64 -52.59
C THR C 153 -36.95 -16.09 -52.51
N PHE C 154 -37.56 -16.23 -51.33
CA PHE C 154 -38.93 -15.73 -51.12
C PHE C 154 -39.01 -14.23 -51.40
N LEU C 155 -38.02 -13.49 -50.95
CA LEU C 155 -38.08 -12.05 -51.12
C LEU C 155 -37.78 -11.63 -52.56
N GLN C 156 -37.07 -12.46 -53.32
CA GLN C 156 -36.98 -12.21 -54.77
C GLN C 156 -38.32 -12.41 -55.46
N VAL C 157 -39.12 -13.35 -55.00
CA VAL C 157 -40.44 -13.57 -55.58
C VAL C 157 -41.41 -12.45 -55.15
N PHE C 158 -41.31 -12.02 -53.90
CA PHE C 158 -42.19 -10.98 -53.35
C PHE C 158 -41.37 -9.82 -52.79
N PRO C 159 -40.74 -9.05 -53.68
CA PRO C 159 -39.88 -7.96 -53.22
C PRO C 159 -40.59 -6.82 -52.50
N GLU C 160 -41.93 -6.79 -52.53
CA GLU C 160 -42.70 -5.80 -51.76
C GLU C 160 -42.66 -6.07 -50.26
N THR C 161 -42.23 -7.28 -49.91
CA THR C 161 -42.23 -7.69 -48.50
C THR C 161 -41.21 -6.88 -47.70
N LYS C 162 -41.66 -6.24 -46.62
CA LYS C 162 -40.75 -5.49 -45.77
C LYS C 162 -40.63 -6.08 -44.38
N ALA C 163 -41.60 -6.92 -43.99
CA ALA C 163 -41.69 -7.39 -42.61
C ALA C 163 -42.36 -8.75 -42.62
N ILE C 164 -41.91 -9.63 -41.73
CA ILE C 164 -42.45 -10.98 -41.63
C ILE C 164 -42.76 -11.31 -40.19
N VAL C 165 -43.97 -11.80 -39.96
CA VAL C 165 -44.45 -12.18 -38.62
C VAL C 165 -43.94 -13.55 -38.25
N ILE C 166 -43.48 -13.69 -37.00
CA ILE C 166 -42.86 -14.96 -36.54
C ILE C 166 -43.45 -15.28 -35.16
N GLY C 167 -43.86 -16.54 -34.93
CA GLY C 167 -44.44 -16.94 -33.63
C GLY C 167 -43.44 -17.42 -32.61
N ILE C 168 -42.26 -16.82 -32.62
CA ILE C 168 -41.21 -17.19 -31.67
C ILE C 168 -41.47 -16.58 -30.29
N ARG C 169 -41.01 -17.31 -29.26
CA ARG C 169 -41.23 -16.93 -27.89
C ARG C 169 -39.89 -16.78 -27.18
N HIS C 170 -39.83 -15.97 -26.13
CA HIS C 170 -38.55 -15.78 -25.43
C HIS C 170 -38.00 -17.11 -24.89
N THR C 171 -38.90 -18.04 -24.58
CA THR C 171 -38.49 -19.35 -24.05
C THR C 171 -37.92 -20.27 -25.15
N ASP C 172 -38.07 -19.93 -26.42
CA ASP C 172 -37.50 -20.75 -27.47
C ASP C 172 -36.00 -20.57 -27.52
N PRO C 173 -35.29 -21.54 -28.13
CA PRO C 173 -33.85 -21.38 -28.26
C PRO C 173 -33.52 -20.05 -28.94
N PHE C 174 -32.52 -19.37 -28.37
CA PHE C 174 -32.04 -18.05 -28.81
C PHE C 174 -33.13 -16.98 -28.81
N GLY C 175 -34.12 -17.19 -27.96
CA GLY C 175 -35.18 -16.23 -27.81
C GLY C 175 -34.94 -15.13 -26.79
N GLU C 176 -33.90 -15.26 -25.95
CA GLU C 176 -33.80 -14.40 -24.78
C GLU C 176 -33.76 -12.93 -25.18
N HIS C 177 -33.04 -12.59 -26.27
CA HIS C 177 -32.69 -11.21 -26.55
C HIS C 177 -33.54 -10.58 -27.64
N LEU C 178 -34.55 -11.32 -28.11
CA LEU C 178 -35.37 -10.86 -29.22
C LEU C 178 -36.27 -9.73 -28.81
N LYS C 179 -36.70 -8.96 -29.81
CA LYS C 179 -37.56 -7.78 -29.58
C LYS C 179 -38.79 -7.88 -30.45
N PRO C 180 -39.89 -7.24 -30.03
CA PRO C 180 -41.11 -7.37 -30.86
C PRO C 180 -41.01 -6.87 -32.31
N ILE C 181 -40.18 -5.85 -32.56
CA ILE C 181 -39.98 -5.35 -33.92
C ILE C 181 -38.49 -5.09 -34.06
N GLN C 182 -37.80 -5.84 -34.92
CA GLN C 182 -36.38 -5.62 -35.11
C GLN C 182 -35.91 -6.19 -36.43
N LYS C 183 -34.85 -5.64 -36.99
CA LYS C 183 -34.29 -6.16 -38.21
C LYS C 183 -33.75 -7.57 -38.05
N THR C 184 -33.66 -8.29 -39.17
CA THR C 184 -32.90 -9.51 -39.23
C THR C 184 -31.41 -9.26 -38.98
N ASP C 185 -30.70 -10.35 -38.72
CA ASP C 185 -29.24 -10.29 -38.56
C ASP C 185 -28.52 -10.07 -39.90
N ALA C 186 -27.23 -9.73 -39.83
CA ALA C 186 -26.45 -9.41 -41.03
C ALA C 186 -26.35 -10.51 -42.06
N ASN C 187 -26.43 -11.77 -41.63
CA ASN C 187 -26.28 -12.89 -42.59
C ASN C 187 -27.61 -13.40 -43.12
N TRP C 188 -28.67 -12.65 -42.84
CA TRP C 188 -29.99 -12.93 -43.33
C TRP C 188 -30.31 -11.93 -44.43
N PRO C 189 -31.29 -12.26 -45.27
CA PRO C 189 -31.85 -11.23 -46.11
C PRO C 189 -32.40 -10.11 -45.21
N ASP C 190 -32.43 -8.90 -45.73
CA ASP C 190 -32.80 -7.71 -44.93
C ASP C 190 -34.31 -7.53 -44.92
N PHE C 191 -34.93 -7.75 -43.77
CA PHE C 191 -36.34 -7.39 -43.55
C PHE C 191 -36.55 -7.18 -42.06
N TYR C 192 -37.71 -6.67 -41.65
CA TYR C 192 -38.07 -6.59 -40.22
C TYR C 192 -38.75 -7.87 -39.75
N ARG C 193 -38.26 -8.38 -38.63
CA ARG C 193 -38.94 -9.40 -37.90
C ARG C 193 -40.01 -8.78 -37.00
N LEU C 194 -41.23 -9.32 -37.12
CA LEU C 194 -42.34 -8.88 -36.27
C LEU C 194 -42.64 -10.07 -35.36
N GLN C 195 -42.37 -9.89 -34.06
CA GLN C 195 -42.34 -10.98 -33.12
C GLN C 195 -43.27 -10.61 -31.96
N PRO C 196 -44.59 -10.66 -32.19
CA PRO C 196 -45.55 -10.17 -31.22
C PRO C 196 -45.99 -11.20 -30.21
N LEU C 197 -45.38 -12.39 -30.21
CA LEU C 197 -45.77 -13.49 -29.30
C LEU C 197 -44.68 -13.74 -28.26
N LEU C 198 -43.67 -12.86 -28.20
CA LEU C 198 -42.46 -13.21 -27.44
C LEU C 198 -42.74 -13.49 -25.97
N HIS C 199 -43.70 -12.78 -25.40
CA HIS C 199 -43.98 -12.85 -23.98
C HIS C 199 -44.94 -13.99 -23.60
N TRP C 200 -45.39 -14.79 -24.58
CA TRP C 200 -46.32 -15.86 -24.26
C TRP C 200 -45.55 -17.08 -23.71
N ASN C 201 -46.13 -17.70 -22.68
CA ASN C 201 -45.61 -18.95 -22.18
C ASN C 201 -46.49 -20.11 -22.59
N LEU C 202 -45.98 -21.32 -22.35
CA LEU C 202 -46.66 -22.51 -22.86
C LEU C 202 -48.09 -22.62 -22.32
N ALA C 203 -48.29 -22.33 -21.03
CA ALA C 203 -49.64 -22.40 -20.45
C ALA C 203 -50.60 -21.46 -21.16
N ASN C 204 -50.13 -20.30 -21.55
CA ASN C 204 -50.99 -19.33 -22.24
C ASN C 204 -51.36 -19.82 -23.62
N ILE C 205 -50.40 -20.38 -24.34
CA ILE C 205 -50.66 -20.93 -25.66
C ILE C 205 -51.74 -21.99 -25.57
N TRP C 206 -51.58 -22.95 -24.65
CA TRP C 206 -52.62 -23.99 -24.58
C TRP C 206 -54.00 -23.43 -24.20
N SER C 207 -54.04 -22.48 -23.28
CA SER C 207 -55.34 -22.01 -22.80
C SER C 207 -56.09 -21.37 -23.97
N PHE C 208 -55.42 -20.50 -24.70
CA PHE C 208 -56.08 -19.80 -25.77
C PHE C 208 -56.43 -20.77 -26.93
N LEU C 209 -55.48 -21.61 -27.32
CA LEU C 209 -55.69 -22.51 -28.45
C LEU C 209 -56.85 -23.47 -28.14
N LEU C 210 -56.93 -24.01 -26.93
CA LEU C 210 -58.05 -24.90 -26.59
C LEU C 210 -59.38 -24.16 -26.56
N TYR C 211 -59.37 -22.94 -26.02
CA TYR C 211 -60.61 -22.17 -25.98
C TYR C 211 -61.07 -21.86 -27.42
N SER C 212 -60.14 -21.68 -28.34
CA SER C 212 -60.53 -21.20 -29.67
C SER C 212 -61.45 -22.18 -30.40
N ASN C 213 -61.35 -23.46 -30.04
CA ASN C 213 -62.11 -24.50 -30.73
C ASN C 213 -61.74 -24.60 -32.21
N GLU C 214 -60.53 -24.15 -32.54
CA GLU C 214 -59.96 -24.39 -33.86
C GLU C 214 -59.27 -25.75 -33.92
N PRO C 215 -59.16 -26.33 -35.12
CA PRO C 215 -58.42 -27.59 -35.17
C PRO C 215 -56.95 -27.32 -34.85
N ILE C 216 -56.35 -28.22 -34.08
CA ILE C 216 -54.95 -28.14 -33.59
C ILE C 216 -54.19 -29.28 -34.27
N CYS C 217 -52.92 -29.08 -34.62
CA CYS C 217 -52.17 -30.17 -35.23
C CYS C 217 -52.26 -31.39 -34.32
N GLU C 218 -52.67 -32.55 -34.86
CA GLU C 218 -52.97 -33.67 -33.98
C GLU C 218 -51.78 -34.31 -33.33
N LEU C 219 -50.56 -34.00 -33.77
CA LEU C 219 -49.42 -34.50 -33.03
C LEU C 219 -49.49 -34.10 -31.57
N TYR C 220 -49.98 -32.89 -31.27
CA TYR C 220 -50.03 -32.50 -29.84
C TYR C 220 -50.96 -33.42 -29.06
N ARG C 221 -52.05 -33.87 -29.69
CA ARG C 221 -52.99 -34.76 -29.01
C ARG C 221 -52.31 -36.05 -28.57
N TYR C 222 -51.27 -36.47 -29.29
CA TYR C 222 -50.58 -37.73 -29.02
C TYR C 222 -49.36 -37.59 -28.12
N GLY C 223 -49.16 -36.41 -27.52
CA GLY C 223 -48.16 -36.22 -26.45
C GLY C 223 -46.98 -35.39 -26.88
N PHE C 224 -46.95 -34.92 -28.14
CA PHE C 224 -45.93 -33.96 -28.51
C PHE C 224 -46.23 -32.59 -27.89
N THR C 225 -45.13 -31.88 -27.58
CA THR C 225 -45.24 -30.53 -27.05
C THR C 225 -44.46 -29.48 -27.85
N SER C 226 -43.69 -29.95 -28.82
CA SER C 226 -42.79 -29.14 -29.63
C SER C 226 -42.52 -29.95 -30.88
N LEU C 227 -42.75 -29.35 -32.03
CA LEU C 227 -42.62 -30.12 -33.26
C LEU C 227 -41.35 -29.79 -34.01
N GLY C 228 -40.27 -30.53 -33.77
CA GLY C 228 -39.06 -30.42 -34.58
C GLY C 228 -39.21 -31.36 -35.75
N ASN C 229 -38.10 -31.83 -36.27
CA ASN C 229 -38.15 -32.67 -37.43
C ASN C 229 -38.52 -34.12 -37.05
N VAL C 230 -38.86 -34.88 -38.08
CA VAL C 230 -39.42 -36.20 -37.91
C VAL C 230 -38.46 -37.19 -37.27
N GLU C 231 -37.15 -36.97 -37.43
CA GLU C 231 -36.21 -37.89 -36.81
C GLU C 231 -35.99 -37.58 -35.34
N GLU C 232 -35.90 -36.30 -35.01
CA GLU C 232 -35.43 -35.91 -33.68
C GLU C 232 -36.56 -35.86 -32.67
N THR C 233 -37.80 -35.71 -33.12
CA THR C 233 -38.88 -35.33 -32.21
C THR C 233 -39.67 -36.53 -31.72
N LEU C 234 -39.91 -36.57 -30.42
CA LEU C 234 -40.63 -37.67 -29.77
C LEU C 234 -41.77 -37.06 -28.94
N PRO C 235 -42.77 -37.88 -28.60
CA PRO C 235 -43.69 -37.41 -27.57
C PRO C 235 -42.91 -37.05 -26.29
N ASN C 236 -43.46 -36.14 -25.51
CA ASN C 236 -42.72 -35.66 -24.36
C ASN C 236 -42.66 -36.72 -23.26
N PRO C 237 -41.45 -37.11 -22.81
CA PRO C 237 -41.36 -38.19 -21.81
C PRO C 237 -42.04 -37.82 -20.47
N HIS C 238 -42.18 -36.53 -20.18
CA HIS C 238 -42.88 -36.11 -18.96
C HIS C 238 -44.36 -36.34 -19.04
N LEU C 239 -44.85 -36.68 -20.24
CA LEU C 239 -46.28 -36.95 -20.43
C LEU C 239 -46.56 -38.43 -20.58
N ARG C 240 -45.55 -39.28 -20.39
CA ARG C 240 -45.78 -40.70 -20.53
C ARG C 240 -46.67 -41.18 -19.39
N LYS C 241 -47.69 -41.98 -19.70
CA LYS C 241 -48.56 -42.57 -18.69
C LYS C 241 -47.87 -43.76 -18.04
N ASP C 242 -47.99 -43.88 -16.73
CA ASP C 242 -47.49 -45.08 -16.08
C ASP C 242 -48.38 -45.43 -14.91
N LYS C 243 -48.13 -46.54 -14.23
CA LYS C 243 -49.01 -46.95 -13.13
C LYS C 243 -48.61 -46.34 -11.80
N ASN C 244 -47.32 -46.02 -11.66
CA ASN C 244 -46.76 -45.78 -10.34
C ASN C 244 -46.50 -44.32 -9.99
N SER C 245 -46.51 -43.44 -10.98
CA SER C 245 -46.33 -42.01 -10.72
C SER C 245 -47.65 -41.32 -10.44
N THR C 246 -47.54 -40.11 -9.89
CA THR C 246 -48.75 -39.30 -9.68
C THR C 246 -49.37 -38.92 -11.04
N PRO C 247 -50.67 -39.19 -11.22
CA PRO C 247 -51.34 -38.75 -12.46
C PRO C 247 -51.24 -37.25 -12.67
N LEU C 248 -51.14 -36.85 -13.94
CA LEU C 248 -51.11 -35.44 -14.25
C LEU C 248 -52.50 -34.88 -14.27
N LYS C 249 -52.60 -33.60 -13.90
CA LYS C 249 -53.90 -32.97 -13.83
C LYS C 249 -54.00 -31.94 -14.95
N LEU C 250 -55.21 -31.65 -15.35
CA LEU C 250 -55.47 -30.78 -16.50
C LEU C 250 -55.78 -29.37 -16.02
N ASN C 251 -55.04 -28.38 -16.52
CA ASN C 251 -55.23 -26.98 -16.14
C ASN C 251 -56.22 -26.23 -17.02
N PHE C 252 -56.77 -26.89 -18.04
CA PHE C 252 -57.55 -26.21 -19.06
C PHE C 252 -58.96 -26.78 -19.19
N GLU C 253 -59.46 -27.34 -18.09
CA GLU C 253 -60.80 -27.89 -18.15
C GLU C 253 -61.85 -26.84 -18.50
N TRP C 254 -61.74 -25.65 -17.94
CA TRP C 254 -62.77 -24.64 -18.18
C TRP C 254 -62.78 -24.25 -19.66
N GLU C 255 -61.60 -24.01 -20.21
CA GLU C 255 -61.49 -23.60 -21.60
C GLU C 255 -62.02 -24.64 -22.56
N ILE C 256 -61.74 -25.91 -22.29
CA ILE C 256 -62.28 -26.97 -23.12
C ILE C 256 -63.82 -27.03 -23.02
N GLU C 257 -64.34 -27.08 -21.81
CA GLU C 257 -65.78 -27.21 -21.62
C GLU C 257 -66.53 -26.01 -22.20
N ASN C 258 -65.92 -24.83 -22.10
CA ASN C 258 -66.55 -23.58 -22.47
C ASN C 258 -65.97 -22.96 -23.74
N ARG C 259 -65.35 -23.81 -24.56
CA ARG C 259 -64.71 -23.34 -25.76
C ARG C 259 -65.69 -22.64 -26.72
N TYR C 260 -65.14 -21.80 -27.59
CA TYR C 260 -65.95 -20.92 -28.40
C TYR C 260 -66.81 -21.72 -29.36
N LYS C 261 -68.12 -21.48 -29.31
CA LYS C 261 -69.02 -22.32 -30.10
C LYS C 261 -69.14 -21.81 -31.52
N HIS C 262 -69.05 -22.73 -32.46
CA HIS C 262 -69.07 -22.37 -33.87
C HIS C 262 -70.50 -22.47 -34.44
N ASN C 263 -70.66 -21.96 -35.66
CA ASN C 263 -71.93 -22.09 -36.39
C ASN C 263 -71.70 -22.82 -37.69
N GLU C 264 -72.69 -22.82 -38.58
CA GLU C 264 -72.54 -23.56 -39.82
C GLU C 264 -71.47 -22.98 -40.75
N VAL C 265 -71.21 -21.70 -40.63
CA VAL C 265 -70.24 -21.07 -41.49
C VAL C 265 -68.82 -21.27 -40.91
N THR C 266 -68.73 -21.57 -39.63
CA THR C 266 -67.41 -21.53 -39.03
C THR C 266 -67.00 -22.86 -38.43
N LYS C 267 -67.89 -23.84 -38.47
CA LYS C 267 -67.60 -25.15 -37.94
C LYS C 267 -66.33 -25.62 -38.57
N ALA C 268 -65.60 -26.44 -37.84
CA ALA C 268 -64.34 -26.96 -38.35
C ALA C 268 -64.24 -28.45 -38.11
N GLU C 269 -64.12 -29.20 -39.18
CA GLU C 269 -63.83 -30.62 -39.00
C GLU C 269 -62.38 -30.76 -38.53
N PRO C 270 -62.13 -31.65 -37.57
CA PRO C 270 -60.71 -31.92 -37.28
C PRO C 270 -59.87 -32.35 -38.48
N ILE C 271 -58.61 -32.03 -38.38
CA ILE C 271 -57.65 -32.33 -39.39
C ILE C 271 -56.76 -33.38 -38.77
N PRO C 272 -56.73 -34.58 -39.35
CA PRO C 272 -56.24 -35.74 -38.58
C PRO C 272 -54.74 -36.00 -38.67
N ILE C 273 -54.23 -36.75 -37.69
CA ILE C 273 -52.90 -37.31 -37.77
C ILE C 273 -52.70 -38.14 -39.05
N ALA C 274 -51.54 -38.00 -39.70
CA ALA C 274 -51.21 -38.80 -40.90
C ALA C 274 -51.02 -40.25 -40.57
N ASP C 275 -51.37 -41.13 -41.51
CA ASP C 275 -51.24 -42.54 -41.24
C ASP C 275 -49.79 -42.93 -40.90
N GLU C 276 -48.80 -42.33 -41.57
CA GLU C 276 -47.44 -42.71 -41.29
C GLU C 276 -46.99 -42.30 -39.89
N ASP C 277 -47.60 -41.24 -39.34
CA ASP C 277 -47.26 -40.82 -37.97
C ASP C 277 -48.01 -41.66 -36.92
N LEU C 278 -49.21 -42.10 -37.22
CA LEU C 278 -49.88 -43.01 -36.34
C LEU C 278 -49.10 -44.32 -36.21
N VAL C 279 -48.55 -44.82 -37.31
CA VAL C 279 -47.68 -45.96 -37.21
C VAL C 279 -46.51 -45.72 -36.24
N LYS C 280 -45.86 -44.56 -36.35
CA LYS C 280 -44.78 -44.27 -35.42
C LYS C 280 -45.27 -44.31 -33.99
N ILE C 281 -46.43 -43.70 -33.74
CA ILE C 281 -46.98 -43.62 -32.39
C ILE C 281 -47.32 -45.00 -31.83
N GLU C 282 -47.92 -45.82 -32.65
CA GLU C 282 -48.22 -47.19 -32.24
C GLU C 282 -46.97 -48.00 -31.88
N ASN C 283 -45.88 -47.82 -32.63
CA ASN C 283 -44.65 -48.58 -32.41
C ASN C 283 -43.97 -48.25 -31.09
N LEU C 284 -44.36 -47.15 -30.45
CA LEU C 284 -43.78 -46.80 -29.14
C LEU C 284 -44.19 -47.74 -28.03
N HIS C 285 -45.39 -48.30 -28.12
CA HIS C 285 -45.94 -49.11 -27.04
C HIS C 285 -45.92 -48.38 -25.70
N GLU C 286 -46.19 -47.08 -25.74
CA GLU C 286 -46.41 -46.29 -24.52
C GLU C 286 -47.52 -45.36 -24.87
N ASP C 287 -48.29 -44.94 -23.89
CA ASP C 287 -49.31 -43.93 -24.14
C ASP C 287 -48.92 -42.65 -23.39
N TYR C 288 -49.43 -41.53 -23.87
CA TYR C 288 -49.02 -40.21 -23.40
C TYR C 288 -50.26 -39.38 -23.18
N TYR C 289 -50.25 -38.54 -22.14
CA TYR C 289 -51.20 -37.45 -22.10
C TYR C 289 -50.95 -36.49 -23.27
N PRO C 290 -51.99 -35.78 -23.71
CA PRO C 290 -51.76 -34.79 -24.78
C PRO C 290 -50.91 -33.65 -24.28
N GLY C 291 -50.36 -32.90 -25.23
CA GLY C 291 -49.35 -31.90 -24.90
C GLY C 291 -49.82 -30.83 -23.94
N TRP C 292 -51.12 -30.57 -23.90
CA TRP C 292 -51.66 -29.54 -23.00
C TRP C 292 -51.69 -29.94 -21.52
N TYR C 293 -51.22 -31.15 -21.22
CA TYR C 293 -50.88 -31.52 -19.85
C TYR C 293 -49.52 -31.02 -19.42
N LEU C 294 -48.74 -30.44 -20.33
CA LEU C 294 -47.46 -29.83 -19.96
C LEU C 294 -47.64 -28.32 -19.89
N VAL C 295 -47.29 -27.72 -18.76
CA VAL C 295 -47.30 -26.29 -18.67
C VAL C 295 -45.95 -25.72 -18.22
N ASP C 296 -44.92 -26.56 -18.22
CA ASP C 296 -43.58 -26.13 -17.80
C ASP C 296 -42.75 -25.84 -19.05
N ASP C 297 -42.47 -24.56 -19.30
CA ASP C 297 -41.70 -24.17 -20.47
C ASP C 297 -40.32 -24.81 -20.54
N LYS C 298 -39.72 -25.12 -19.40
CA LYS C 298 -38.37 -25.71 -19.36
C LYS C 298 -38.38 -27.10 -19.97
N LEU C 299 -39.55 -27.71 -20.03
CA LEU C 299 -39.69 -29.09 -20.49
C LEU C 299 -40.30 -29.19 -21.90
N GLU C 300 -40.57 -28.03 -22.52
CA GLU C 300 -41.29 -28.05 -23.77
C GLU C 300 -40.56 -28.87 -24.84
N ARG C 301 -39.22 -28.82 -24.84
CA ARG C 301 -38.42 -29.49 -25.88
C ARG C 301 -37.83 -30.83 -25.38
N ALA C 302 -38.42 -31.40 -24.33
CA ALA C 302 -37.87 -32.64 -23.73
C ALA C 302 -38.00 -33.85 -24.62
N GLY C 303 -38.97 -33.83 -25.53
CA GLY C 303 -39.17 -34.98 -26.45
C GLY C 303 -38.23 -34.89 -27.63
N ARG C 304 -36.96 -35.23 -27.39
CA ARG C 304 -35.94 -35.26 -28.44
C ARG C 304 -35.07 -36.47 -28.32
N ILE C 305 -34.66 -37.00 -29.46
CA ILE C 305 -33.67 -38.09 -29.51
C ILE C 305 -32.36 -37.61 -28.94
N LYS C 306 -31.72 -38.47 -28.15
CA LYS C 306 -30.42 -38.16 -27.57
C LYS C 306 -29.32 -38.20 -28.64
N LYS C 307 -28.52 -37.16 -28.66
CA LYS C 307 -27.40 -37.06 -29.59
C LYS C 307 -26.12 -36.86 -28.78
N LYS C 308 -24.97 -37.28 -29.32
CA LYS C 308 -23.71 -37.04 -28.63
C LYS C 308 -23.33 -35.59 -28.84
N VAL D 4 62.83 21.98 46.47
CA VAL D 4 62.09 23.22 46.07
C VAL D 4 62.79 23.93 44.94
N MET D 5 62.02 24.32 43.91
CA MET D 5 62.48 25.23 42.86
C MET D 5 61.57 26.43 42.94
N ARG D 6 62.10 27.60 42.62
CA ARG D 6 61.26 28.73 42.43
C ARG D 6 60.38 28.55 41.19
N LEU D 7 59.21 29.19 41.20
CA LEU D 7 58.25 28.95 40.12
C LEU D 7 58.85 29.28 38.74
N GLY D 8 59.56 30.40 38.61
CA GLY D 8 60.10 30.75 37.30
C GLY D 8 61.15 29.75 36.84
N ASP D 9 61.92 29.21 37.78
CA ASP D 9 62.89 28.18 37.41
C ASP D 9 62.18 26.87 36.97
N ALA D 10 61.12 26.49 37.71
CA ALA D 10 60.32 25.31 37.29
C ALA D 10 59.68 25.53 35.91
N ALA D 11 59.17 26.73 35.68
CA ALA D 11 58.57 27.02 34.38
C ALA D 11 59.60 26.99 33.27
N GLU D 12 60.76 27.58 33.52
CA GLU D 12 61.80 27.54 32.50
C GLU D 12 62.25 26.11 32.23
N LEU D 13 62.40 25.33 33.28
CA LEU D 13 62.77 23.91 33.11
C LEU D 13 61.73 23.18 32.22
N CYS D 14 60.47 23.40 32.51
CA CYS D 14 59.41 22.76 31.73
C CYS D 14 59.38 23.21 30.29
N TYR D 15 59.67 24.49 30.05
CA TYR D 15 59.76 24.97 28.70
C TYR D 15 60.91 24.26 27.98
N ASN D 16 62.07 24.14 28.64
CA ASN D 16 63.22 23.53 28.03
C ASN D 16 62.99 22.04 27.77
N LEU D 17 62.34 21.35 28.71
CA LEU D 17 62.15 19.91 28.49
C LEU D 17 61.10 19.67 27.41
N THR D 18 60.07 20.50 27.36
CA THR D 18 59.07 20.36 26.34
C THR D 18 59.65 20.70 24.96
N SER D 19 60.45 21.76 24.90
CA SER D 19 61.11 22.11 23.64
C SER D 19 62.02 20.97 23.16
N SER D 20 62.76 20.39 24.09
CA SER D 20 63.63 19.26 23.78
C SER D 20 62.81 18.08 23.23
N TYR D 21 61.70 17.75 23.86
CA TYR D 21 60.83 16.68 23.36
C TYR D 21 60.39 16.99 21.94
N LEU D 22 59.99 18.24 21.71
CA LEU D 22 59.49 18.64 20.39
C LEU D 22 60.58 18.59 19.30
N GLN D 23 61.83 18.60 19.72
CA GLN D 23 62.95 18.52 18.79
C GLN D 23 63.36 17.11 18.45
N ILE D 24 62.82 16.11 19.13
CA ILE D 24 63.20 14.73 18.84
C ILE D 24 62.79 14.41 17.41
N ALA D 25 63.72 13.83 16.65
CA ALA D 25 63.45 13.53 15.25
C ALA D 25 62.78 12.17 15.18
N ALA D 26 61.46 12.14 15.09
CA ALA D 26 60.72 10.89 15.27
C ALA D 26 60.06 10.52 13.95
N GLU D 27 59.85 9.22 13.74
CA GLU D 27 59.15 8.75 12.54
C GLU D 27 57.68 9.17 12.53
N SER D 28 57.13 9.41 11.34
CA SER D 28 55.76 9.90 11.21
C SER D 28 54.71 9.02 11.88
N ASP D 29 54.97 7.70 11.96
CA ASP D 29 54.01 6.76 12.55
C ASP D 29 54.39 6.33 13.96
N SER D 30 55.15 7.16 14.64
CA SER D 30 55.61 6.84 15.98
C SER D 30 54.72 7.43 17.06
N ILE D 31 54.79 6.83 18.23
CA ILE D 31 54.18 7.41 19.41
C ILE D 31 54.79 8.78 19.70
N ILE D 32 56.11 8.92 19.58
CA ILE D 32 56.73 10.21 19.88
C ILE D 32 56.15 11.28 18.96
N ALA D 33 56.04 11.02 17.66
CA ALA D 33 55.53 12.08 16.76
C ALA D 33 54.09 12.45 17.13
N GLN D 34 53.29 11.44 17.46
CA GLN D 34 51.92 11.72 17.86
C GLN D 34 51.92 12.56 19.12
N THR D 35 52.84 12.27 20.06
CA THR D 35 52.88 13.03 21.29
C THR D 35 53.31 14.48 21.02
N GLN D 36 54.23 14.67 20.08
CA GLN D 36 54.59 16.03 19.68
C GLN D 36 53.39 16.78 19.18
N ARG D 37 52.61 16.13 18.33
CA ARG D 37 51.38 16.78 17.86
C ARG D 37 50.43 17.12 19.00
N ALA D 38 50.32 16.22 19.98
CA ALA D 38 49.45 16.48 21.14
C ALA D 38 49.96 17.66 21.97
N ILE D 39 51.29 17.77 22.14
CA ILE D 39 51.87 18.90 22.85
C ILE D 39 51.52 20.20 22.11
N ASN D 40 51.66 20.21 20.79
CA ASN D 40 51.35 21.44 20.09
C ASN D 40 49.91 21.86 20.19
N THR D 41 49.01 20.90 20.17
CA THR D 41 47.59 21.24 20.36
C THR D 41 47.34 21.79 21.78
N THR D 42 47.92 21.14 22.80
CA THR D 42 47.75 21.66 24.17
C THR D 42 48.31 23.05 24.34
N LYS D 43 49.47 23.29 23.75
CA LYS D 43 50.08 24.59 23.88
C LYS D 43 49.20 25.65 23.20
N SER D 44 48.65 25.33 22.05
CA SER D 44 47.79 26.29 21.33
C SER D 44 46.54 26.59 22.16
N ILE D 45 45.94 25.55 22.76
CA ILE D 45 44.76 25.81 23.57
C ILE D 45 45.12 26.78 24.71
N LEU D 46 46.25 26.55 25.37
CA LEU D 46 46.59 27.39 26.52
C LEU D 46 46.99 28.82 26.06
N ILE D 47 47.98 28.91 25.19
CA ILE D 47 48.57 30.21 24.84
C ILE D 47 47.57 31.04 24.00
N ASN D 48 46.86 30.39 23.07
CA ASN D 48 46.01 31.12 22.12
C ASN D 48 44.55 31.23 22.50
N GLU D 49 44.04 30.27 23.26
CA GLU D 49 42.63 30.29 23.60
C GLU D 49 42.33 30.57 25.08
N THR D 50 43.27 30.28 25.96
CA THR D 50 43.01 30.33 27.39
C THR D 50 43.57 31.60 28.01
N PHE D 51 44.88 31.80 27.92
CA PHE D 51 45.52 32.95 28.58
C PHE D 51 45.00 34.32 28.10
N PRO D 52 44.60 34.45 26.83
CA PRO D 52 43.98 35.76 26.44
C PRO D 52 42.64 36.05 27.13
N LYS D 53 41.94 35.03 27.61
CA LYS D 53 40.63 35.17 28.27
C LYS D 53 40.75 35.32 29.78
N TRP D 54 41.63 34.53 30.39
CA TRP D 54 41.83 34.54 31.82
C TRP D 54 43.29 34.60 32.15
N SER D 55 43.64 35.42 33.12
CA SER D 55 45.01 35.60 33.53
C SER D 55 45.53 34.41 34.29
N PRO D 56 46.69 33.86 33.88
CA PRO D 56 47.31 32.85 34.72
C PRO D 56 48.10 33.45 35.89
N LEU D 57 48.05 34.77 36.04
CA LEU D 57 48.92 35.52 36.96
C LEU D 57 48.26 36.00 38.24
N ASN D 58 46.94 36.11 38.24
CA ASN D 58 46.27 36.84 39.32
C ASN D 58 45.23 36.02 40.08
N GLY D 59 45.22 34.71 39.88
CA GLY D 59 44.28 33.89 40.63
C GLY D 59 43.00 33.61 39.85
N GLU D 60 42.79 34.23 38.70
CA GLU D 60 41.58 33.87 37.92
C GLU D 60 41.57 32.40 37.53
N ILE D 61 42.76 31.79 37.38
CA ILE D 61 42.88 30.38 37.04
C ILE D 61 43.49 29.65 38.21
N SER D 62 42.87 28.55 38.62
CA SER D 62 43.51 27.58 39.48
C SER D 62 43.75 26.26 38.76
N PHE D 63 44.70 25.47 39.25
CA PHE D 63 45.10 24.26 38.55
C PHE D 63 44.71 23.06 39.42
N SER D 64 43.83 22.17 38.95
CA SER D 64 43.46 21.00 39.78
C SER D 64 44.54 19.94 39.70
N TYR D 65 45.00 19.45 40.82
CA TYR D 65 46.16 18.55 40.83
C TYR D 65 45.97 17.51 41.90
N ASN D 66 46.07 16.24 41.54
CA ASN D 66 46.14 15.19 42.54
C ASN D 66 47.37 14.30 42.39
N GLY D 67 48.40 14.78 41.69
CA GLY D 67 49.67 14.00 41.69
C GLY D 67 49.68 12.86 40.70
N GLY D 68 48.57 12.63 40.00
CA GLY D 68 48.55 11.55 39.04
C GLY D 68 49.25 11.89 37.72
N LYS D 69 49.35 10.89 36.83
CA LYS D 69 50.19 11.02 35.65
C LYS D 69 49.65 12.07 34.68
N ASP D 70 48.33 12.21 34.62
CA ASP D 70 47.72 13.08 33.60
C ASP D 70 47.77 14.51 34.00
N CYS D 71 47.36 14.78 35.23
CA CYS D 71 47.51 16.17 35.67
C CYS D 71 48.98 16.55 35.86
N GLN D 72 49.87 15.57 36.12
CA GLN D 72 51.28 15.95 36.17
C GLN D 72 51.82 16.32 34.76
N VAL D 73 51.54 15.49 33.76
CA VAL D 73 51.93 15.88 32.40
C VAL D 73 51.35 17.25 32.10
N LEU D 74 50.06 17.45 32.37
CA LEU D 74 49.47 18.73 32.07
C LEU D 74 50.16 19.87 32.82
N LEU D 75 50.54 19.63 34.08
CA LEU D 75 51.24 20.68 34.85
C LEU D 75 52.56 21.05 34.17
N LEU D 76 53.31 20.07 33.71
CA LEU D 76 54.55 20.37 33.02
C LEU D 76 54.30 21.19 31.79
N LEU D 77 53.29 20.80 31.01
CA LEU D 77 52.96 21.58 29.82
C LEU D 77 52.45 23.01 30.17
N TYR D 78 51.66 23.10 31.23
CA TYR D 78 51.11 24.39 31.66
C TYR D 78 52.24 25.30 32.11
N LEU D 79 53.19 24.76 32.88
CA LEU D 79 54.36 25.56 33.28
C LEU D 79 55.18 25.98 32.09
N SER D 80 55.33 25.12 31.09
CA SER D 80 56.04 25.50 29.89
C SER D 80 55.36 26.65 29.19
N CYS D 81 54.02 26.60 29.15
CA CYS D 81 53.26 27.68 28.52
C CYS D 81 53.32 28.97 29.35
N LEU D 82 53.36 28.84 30.66
CA LEU D 82 53.51 30.01 31.52
C LEU D 82 54.86 30.70 31.21
N TRP D 83 55.91 29.92 31.01
CA TRP D 83 57.22 30.51 30.68
C TRP D 83 57.16 31.21 29.34
N GLU D 84 56.50 30.59 28.36
CA GLU D 84 56.37 31.19 27.04
C GLU D 84 55.56 32.48 27.13
N TYR D 85 54.50 32.48 27.92
CA TYR D 85 53.66 33.68 28.10
C TYR D 85 54.50 34.78 28.75
N TYR D 86 55.24 34.42 29.79
CA TYR D 86 56.16 35.37 30.41
C TYR D 86 57.13 35.93 29.41
N ILE D 87 57.84 35.10 28.66
CA ILE D 87 58.86 35.62 27.77
C ILE D 87 58.25 36.57 26.74
N VAL D 88 57.16 36.17 26.11
CA VAL D 88 56.60 36.91 24.99
C VAL D 88 55.84 38.16 25.42
N LYS D 89 55.17 38.10 26.55
CA LYS D 89 54.22 39.15 26.93
C LYS D 89 54.75 40.06 28.04
N LEU D 90 55.61 39.53 28.92
CA LEU D 90 55.91 40.19 30.19
C LEU D 90 57.36 40.59 30.38
N SER D 91 58.29 39.92 29.71
CA SER D 91 59.68 39.97 30.13
C SER D 91 60.35 41.27 29.68
N GLN D 92 60.00 41.74 28.49
CA GLN D 92 60.64 42.95 27.96
C GLN D 92 59.97 44.19 28.50
N SER D 93 60.78 45.19 28.86
CA SER D 93 60.23 46.50 29.23
C SER D 93 60.29 47.44 28.04
N GLN D 94 59.92 48.71 28.25
CA GLN D 94 59.97 49.70 27.21
C GLN D 94 61.40 50.06 26.84
N PHE D 95 62.37 49.65 27.65
CA PHE D 95 63.77 50.10 27.47
C PHE D 95 64.70 48.97 27.20
N ASP D 96 65.52 49.13 26.17
CA ASP D 96 66.63 48.25 25.98
C ASP D 96 67.46 47.99 27.25
N GLY D 97 67.63 46.73 27.57
CA GLY D 97 68.52 46.37 28.66
C GLY D 97 67.81 46.19 29.98
N LYS D 98 66.51 46.52 30.01
CA LYS D 98 65.73 46.34 31.24
C LYS D 98 64.65 45.28 31.01
N PHE D 99 64.72 44.21 31.82
CA PHE D 99 63.69 43.17 31.75
C PHE D 99 62.91 43.08 33.04
N HIS D 100 61.72 42.51 32.98
CA HIS D 100 60.93 42.25 34.17
C HIS D 100 61.13 40.79 34.59
N ARG D 101 61.31 40.56 35.89
CA ARG D 101 61.50 39.19 36.33
C ARG D 101 60.20 38.41 36.27
N PHE D 102 60.31 37.09 36.28
CA PHE D 102 59.11 36.25 36.27
C PHE D 102 58.15 36.62 37.44
N PRO D 103 56.87 36.98 37.14
CA PRO D 103 56.07 37.72 38.14
C PRO D 103 55.44 36.90 39.28
N LEU D 104 55.28 35.61 39.07
CA LEU D 104 54.44 34.82 39.95
C LEU D 104 55.35 34.01 40.84
N THR D 105 55.04 34.00 42.13
CA THR D 105 55.85 33.27 43.07
C THR D 105 55.33 31.83 43.27
N LYS D 106 54.00 31.63 43.26
CA LYS D 106 53.44 30.29 43.44
C LYS D 106 52.26 30.13 42.52
N LEU D 107 52.03 28.89 42.05
CA LEU D 107 50.95 28.63 41.13
C LEU D 107 49.71 28.17 41.89
N PRO D 108 48.59 28.92 41.80
CA PRO D 108 47.39 28.49 42.54
C PRO D 108 46.91 27.11 42.08
N THR D 109 46.79 26.21 43.06
CA THR D 109 46.55 24.79 42.80
C THR D 109 45.49 24.29 43.79
N VAL D 110 44.70 23.31 43.36
CA VAL D 110 43.64 22.78 44.21
C VAL D 110 43.64 21.26 44.18
N PHE D 111 43.64 20.67 45.39
CA PHE D 111 43.58 19.23 45.55
C PHE D 111 42.42 18.89 46.49
N ILE D 112 41.51 18.01 46.01
CA ILE D 112 40.41 17.53 46.88
C ILE D 112 40.91 16.26 47.57
N ASP D 113 41.14 16.35 48.89
CA ASP D 113 41.72 15.24 49.65
C ASP D 113 40.61 14.43 50.26
N HIS D 114 40.83 13.15 50.48
CA HIS D 114 39.76 12.28 51.02
C HIS D 114 40.39 11.29 51.99
N ASP D 115 39.58 10.74 52.90
CA ASP D 115 40.19 9.87 53.90
C ASP D 115 40.78 8.63 53.26
N ASP D 116 40.17 8.20 52.18
CA ASP D 116 40.55 6.97 51.52
C ASP D 116 41.49 7.20 50.31
N THR D 117 42.23 8.31 50.28
CA THR D 117 43.26 8.56 49.24
C THR D 117 44.54 7.83 49.67
N PHE D 118 45.27 7.28 48.71
CA PHE D 118 46.55 6.61 49.02
C PHE D 118 47.53 7.55 49.73
N LYS D 119 48.16 7.10 50.83
CA LYS D 119 49.22 7.86 51.45
C LYS D 119 50.32 8.19 50.45
N THR D 120 50.61 7.26 49.55
CA THR D 120 51.68 7.50 48.60
C THR D 120 51.35 8.72 47.76
N LEU D 121 50.08 8.84 47.41
CA LEU D 121 49.67 9.96 46.56
C LEU D 121 49.68 11.26 47.35
N GLU D 122 49.21 11.25 48.59
CA GLU D 122 49.29 12.45 49.41
C GLU D 122 50.70 12.95 49.55
N ASN D 123 51.63 12.04 49.84
CA ASN D 123 53.01 12.46 50.01
C ASN D 123 53.54 13.01 48.68
N PHE D 124 53.16 12.37 47.56
CA PHE D 124 53.71 12.80 46.27
C PHE D 124 53.18 14.21 45.93
N ILE D 125 51.89 14.45 46.21
CA ILE D 125 51.32 15.78 45.99
C ILE D 125 52.06 16.83 46.82
N GLU D 126 52.29 16.50 48.08
CA GLU D 126 52.96 17.47 48.98
C GLU D 126 54.39 17.77 48.48
N GLU D 127 55.14 16.72 48.12
CA GLU D 127 56.54 16.95 47.72
C GLU D 127 56.65 17.59 46.35
N THR D 128 55.79 17.21 45.41
CA THR D 128 55.85 17.90 44.11
C THR D 128 55.30 19.32 44.17
N SER D 129 54.38 19.60 45.09
CA SER D 129 53.98 20.98 45.29
C SER D 129 55.17 21.87 45.69
N LEU D 130 56.04 21.32 46.52
CA LEU D 130 57.30 22.00 46.82
C LEU D 130 58.20 22.12 45.61
N ARG D 131 58.35 21.04 44.84
CA ARG D 131 59.25 21.10 43.69
C ARG D 131 58.81 22.16 42.69
N TYR D 132 57.51 22.22 42.41
CA TYR D 132 56.97 23.07 41.36
C TYR D 132 56.44 24.41 41.85
N SER D 133 56.68 24.74 43.12
CA SER D 133 56.21 26.00 43.67
C SER D 133 54.72 26.21 43.43
N LEU D 134 53.95 25.19 43.79
CA LEU D 134 52.49 25.29 43.78
C LEU D 134 52.03 25.90 45.07
N SER D 135 50.98 26.70 45.00
CA SER D 135 50.29 27.15 46.20
C SER D 135 49.09 26.25 46.36
N LEU D 136 49.22 25.25 47.23
CA LEU D 136 48.30 24.12 47.28
C LEU D 136 47.16 24.35 48.26
N TYR D 137 45.95 24.46 47.75
CA TYR D 137 44.77 24.33 48.60
C TYR D 137 44.43 22.86 48.68
N GLU D 138 44.17 22.37 49.90
CA GLU D 138 43.66 21.01 50.09
C GLU D 138 42.34 21.06 50.80
N SER D 139 41.38 20.30 50.32
CA SER D 139 40.10 20.19 51.01
C SER D 139 40.23 19.37 52.30
N ASP D 140 39.15 19.40 53.09
CA ASP D 140 39.09 18.70 54.36
C ASP D 140 39.01 17.18 54.14
N ARG D 141 40.06 16.49 54.53
CA ARG D 141 40.26 15.08 54.28
C ARG D 141 39.15 14.24 54.95
N ASP D 142 38.64 14.73 56.07
CA ASP D 142 37.70 13.90 56.84
C ASP D 142 36.22 14.31 56.71
N LYS D 143 35.93 15.32 55.88
CA LYS D 143 34.56 15.79 55.67
C LYS D 143 33.88 14.93 54.61
N CYS D 144 32.68 14.46 54.91
CA CYS D 144 31.86 13.79 53.90
C CYS D 144 31.22 14.82 52.98
N GLU D 145 31.68 14.87 51.72
CA GLU D 145 31.14 15.81 50.72
C GLU D 145 31.50 15.34 49.31
N THR D 146 30.67 15.69 48.34
CA THR D 146 30.94 15.39 46.93
C THR D 146 32.11 16.28 46.48
N MET D 147 32.75 15.91 45.37
CA MET D 147 33.77 16.77 44.78
C MET D 147 33.19 18.15 44.45
N ALA D 148 31.97 18.19 43.92
CA ALA D 148 31.33 19.45 43.59
C ALA D 148 31.17 20.32 44.85
N GLU D 149 30.78 19.69 45.96
CA GLU D 149 30.65 20.41 47.21
C GLU D 149 32.01 20.93 47.74
N ALA D 150 33.05 20.12 47.60
CA ALA D 150 34.38 20.58 47.99
C ALA D 150 34.81 21.80 47.17
N PHE D 151 34.47 21.80 45.88
CA PHE D 151 34.82 22.93 45.03
C PHE D 151 33.93 24.16 45.33
N GLU D 152 32.71 23.93 45.78
CA GLU D 152 31.88 25.07 46.22
C GLU D 152 32.57 25.82 47.38
N THR D 153 33.10 25.06 48.34
CA THR D 153 33.87 25.67 49.43
C THR D 153 35.12 26.37 48.91
N PHE D 154 35.84 25.73 48.00
CA PHE D 154 37.03 26.35 47.42
C PHE D 154 36.66 27.69 46.78
N LEU D 155 35.54 27.75 46.07
CA LEU D 155 35.15 28.99 45.39
C LEU D 155 34.73 30.09 46.37
N GLN D 156 34.22 29.68 47.53
CA GLN D 156 33.93 30.66 48.56
C GLN D 156 35.20 31.27 49.14
N VAL D 157 36.25 30.47 49.29
CA VAL D 157 37.53 30.94 49.78
C VAL D 157 38.25 31.81 48.74
N PHE D 158 38.13 31.43 47.46
CA PHE D 158 38.79 32.13 46.38
C PHE D 158 37.80 32.57 45.29
N PRO D 159 36.97 33.56 45.61
CA PRO D 159 35.89 33.95 44.71
C PRO D 159 36.34 34.63 43.43
N GLU D 160 37.62 34.97 43.36
CA GLU D 160 38.21 35.52 42.15
C GLU D 160 38.41 34.44 41.06
N THR D 161 38.28 33.16 41.44
CA THR D 161 38.52 32.06 40.51
C THR D 161 37.44 32.05 39.42
N LYS D 162 37.86 32.07 38.18
CA LYS D 162 36.94 32.01 37.04
C LYS D 162 37.04 30.71 36.28
N ALA D 163 38.20 30.04 36.37
CA ALA D 163 38.45 28.89 35.53
C ALA D 163 39.40 27.96 36.26
N ILE D 164 39.24 26.66 36.05
CA ILE D 164 40.09 25.69 36.69
C ILE D 164 40.56 24.67 35.68
N VAL D 165 41.88 24.39 35.69
CA VAL D 165 42.51 23.46 34.75
C VAL D 165 42.34 22.03 35.26
N ILE D 166 42.04 21.11 34.35
CA ILE D 166 41.76 19.73 34.71
C ILE D 166 42.48 18.81 33.72
N GLY D 167 43.16 17.74 34.19
CA GLY D 167 43.91 16.83 33.31
C GLY D 167 43.07 15.68 32.80
N ILE D 168 41.80 15.91 32.58
CA ILE D 168 40.90 14.91 32.04
C ILE D 168 41.16 14.66 30.55
N ARG D 169 40.89 13.42 30.12
CA ARG D 169 41.11 13.01 28.75
C ARG D 169 39.81 12.46 28.15
N HIS D 170 39.68 12.52 26.83
CA HIS D 170 38.45 11.97 26.24
C HIS D 170 38.22 10.52 26.57
N THR D 171 39.30 9.77 26.79
CA THR D 171 39.21 8.36 27.12
C THR D 171 38.73 8.09 28.54
N ASP D 172 38.67 9.13 29.38
CA ASP D 172 38.15 8.99 30.74
C ASP D 172 36.64 8.87 30.76
N PRO D 173 36.08 8.34 31.86
CA PRO D 173 34.63 8.18 31.92
C PRO D 173 33.90 9.47 31.68
N PHE D 174 32.87 9.41 30.83
CA PHE D 174 32.09 10.60 30.45
C PHE D 174 32.98 11.67 29.79
N GLY D 175 34.12 11.26 29.20
CA GLY D 175 35.01 12.20 28.55
C GLY D 175 34.70 12.51 27.11
N GLU D 176 33.84 11.70 26.50
CA GLU D 176 33.58 11.86 25.06
C GLU D 176 33.15 13.27 24.68
N HIS D 177 32.25 13.83 25.48
CA HIS D 177 31.52 15.09 25.29
CA HIS D 177 31.70 15.07 24.99
C HIS D 177 32.30 16.33 25.62
N LEU D 178 33.47 16.17 26.25
CA LEU D 178 34.12 17.33 26.85
C LEU D 178 34.78 18.20 25.77
N LYS D 179 34.98 19.48 26.13
CA LYS D 179 35.56 20.45 25.22
C LYS D 179 36.70 21.18 25.94
N PRO D 180 37.67 21.73 25.19
CA PRO D 180 38.80 22.37 25.87
C PRO D 180 38.48 23.51 26.79
N ILE D 181 37.43 24.25 26.50
CA ILE D 181 37.02 25.34 27.38
C ILE D 181 35.52 25.23 27.49
N GLN D 182 34.99 24.96 28.67
CA GLN D 182 33.54 24.90 28.77
C GLN D 182 33.07 25.00 30.21
N LYS D 183 31.88 25.51 30.40
CA LYS D 183 31.37 25.68 31.75
C LYS D 183 31.18 24.34 32.46
N THR D 184 31.25 24.38 33.79
CA THR D 184 30.82 23.25 34.60
C THR D 184 29.36 22.94 34.35
N ASP D 185 28.90 21.77 34.80
CA ASP D 185 27.48 21.37 34.81
CA ASP D 185 27.46 21.56 34.66
C ASP D 185 26.69 22.06 35.91
N ALA D 186 25.35 21.86 35.93
CA ALA D 186 24.49 22.48 37.01
C ALA D 186 24.80 22.18 38.48
N ASN D 187 25.25 20.96 38.75
CA ASN D 187 25.44 20.54 40.14
C ASN D 187 26.74 21.00 40.70
N TRP D 188 27.52 21.68 39.85
CA TRP D 188 28.80 22.19 40.21
C TRP D 188 28.66 23.68 40.45
N PRO D 189 29.57 24.23 41.23
CA PRO D 189 29.74 25.68 41.25
C PRO D 189 30.06 26.19 39.84
N ASP D 190 29.78 27.46 39.62
CA ASP D 190 29.86 28.02 38.27
C ASP D 190 31.28 28.49 38.01
N PHE D 191 32.02 27.78 37.14
CA PHE D 191 33.28 28.29 36.61
C PHE D 191 33.54 27.62 35.26
N TYR D 192 34.55 28.07 34.55
CA TYR D 192 34.97 27.40 33.32
C TYR D 192 35.95 26.29 33.62
N ARG D 193 35.70 25.12 33.03
CA ARG D 193 36.68 24.04 33.00
C ARG D 193 37.63 24.27 31.83
N LEU D 194 38.93 24.21 32.13
CA LEU D 194 39.96 24.32 31.13
C LEU D 194 40.55 22.91 31.00
N GLN D 195 40.34 22.30 29.83
CA GLN D 195 40.62 20.87 29.66
C GLN D 195 41.50 20.71 28.42
N PRO D 196 42.79 21.09 28.55
CA PRO D 196 43.70 21.17 27.41
C PRO D 196 44.41 19.86 27.07
N LEU D 197 44.10 18.77 27.79
CA LEU D 197 44.74 17.48 27.66
C LEU D 197 43.80 16.45 26.98
N LEU D 198 42.63 16.90 26.51
CA LEU D 198 41.59 15.93 26.15
C LEU D 198 42.04 14.92 25.09
N HIS D 199 42.83 15.36 24.13
CA HIS D 199 43.22 14.56 22.97
C HIS D 199 44.42 13.63 23.28
N TRP D 200 44.93 13.65 24.50
CA TRP D 200 46.07 12.77 24.83
C TRP D 200 45.62 11.37 25.11
N ASN D 201 46.36 10.39 24.62
CA ASN D 201 46.07 9.02 24.98
C ASN D 201 47.17 8.49 25.89
N LEU D 202 46.98 7.28 26.38
CA LEU D 202 47.85 6.75 27.38
C LEU D 202 49.29 6.65 26.92
N ALA D 203 49.50 6.23 25.67
CA ALA D 203 50.86 6.11 25.22
C ALA D 203 51.56 7.48 25.17
N ASN D 204 50.80 8.52 24.82
CA ASN D 204 51.41 9.87 24.77
C ASN D 204 51.79 10.30 26.20
N ILE D 205 50.93 10.04 27.17
CA ILE D 205 51.20 10.38 28.55
C ILE D 205 52.48 9.72 29.04
N TRP D 206 52.60 8.39 28.85
CA TRP D 206 53.82 7.76 29.33
C TRP D 206 55.05 8.24 28.60
N SER D 207 54.97 8.42 27.30
CA SER D 207 56.16 8.84 26.54
C SER D 207 56.71 10.17 27.09
N PHE D 208 55.84 11.15 27.22
CA PHE D 208 56.27 12.44 27.69
C PHE D 208 56.70 12.40 29.14
N LEU D 209 55.91 11.71 29.98
CA LEU D 209 56.24 11.73 31.40
C LEU D 209 57.57 11.02 31.68
N LEU D 210 57.82 9.89 30.99
CA LEU D 210 59.10 9.19 31.16
C LEU D 210 60.25 10.04 30.61
N TYR D 211 60.06 10.68 29.47
CA TYR D 211 61.14 11.53 28.91
C TYR D 211 61.47 12.66 29.87
N SER D 212 60.45 13.17 30.56
CA SER D 212 60.65 14.39 31.36
C SER D 212 61.71 14.24 32.45
N ASN D 213 61.90 13.03 32.94
CA ASN D 213 62.79 12.79 34.07
C ASN D 213 62.32 13.51 35.32
N GLU D 214 61.02 13.77 35.41
CA GLU D 214 60.42 14.23 36.62
C GLU D 214 60.05 13.05 37.51
N PRO D 215 59.96 13.26 38.82
CA PRO D 215 59.53 12.14 39.66
C PRO D 215 58.09 11.76 39.27
N ILE D 216 57.77 10.48 39.27
CA ILE D 216 56.43 9.96 38.92
C ILE D 216 55.88 9.25 40.16
N CYS D 217 54.60 9.41 40.47
CA CYS D 217 54.07 8.76 41.66
C CYS D 217 54.43 7.28 41.63
N GLU D 218 55.00 6.77 42.73
CA GLU D 218 55.53 5.42 42.68
C GLU D 218 54.46 4.33 42.60
N LEU D 219 53.21 4.67 42.83
CA LEU D 219 52.20 3.63 42.57
C LEU D 219 52.27 3.15 41.14
N TYR D 220 52.58 4.03 40.19
CA TYR D 220 52.64 3.57 38.80
C TYR D 220 53.79 2.58 38.60
N ARG D 221 54.90 2.76 39.33
CA ARG D 221 56.01 1.82 39.22
C ARG D 221 55.58 0.42 39.62
N TYR D 222 54.62 0.32 40.55
CA TYR D 222 54.18 -0.99 41.07
C TYR D 222 52.99 -1.58 40.30
N GLY D 223 52.61 -0.97 39.16
CA GLY D 223 51.63 -1.57 38.27
C GLY D 223 50.28 -0.89 38.21
N PHE D 224 50.09 0.15 39.00
CA PHE D 224 48.90 0.95 38.85
C PHE D 224 48.91 1.70 37.51
N THR D 225 47.70 1.93 36.96
CA THR D 225 47.58 2.74 35.77
C THR D 225 46.51 3.81 35.91
N SER D 226 45.81 3.81 37.02
CA SER D 226 44.76 4.76 37.34
C SER D 226 44.64 4.80 38.86
N LEU D 227 44.47 5.98 39.45
CA LEU D 227 44.53 6.07 40.90
C LEU D 227 43.18 6.48 41.47
N GLY D 228 42.43 5.51 41.96
CA GLY D 228 41.21 5.79 42.75
C GLY D 228 41.50 5.66 44.21
N ASN D 229 40.47 5.37 44.98
CA ASN D 229 40.66 5.26 46.42
C ASN D 229 41.30 3.93 46.81
N VAL D 230 41.75 3.84 48.07
CA VAL D 230 42.51 2.69 48.57
C VAL D 230 41.71 1.38 48.49
N GLU D 231 40.40 1.46 48.60
CA GLU D 231 39.64 0.21 48.67
C GLU D 231 39.14 -0.22 47.31
N GLU D 232 39.22 0.66 46.31
CA GLU D 232 38.70 0.28 45.00
C GLU D 232 39.78 0.16 43.92
N THR D 233 41.05 0.41 44.28
CA THR D 233 42.10 0.50 43.26
C THR D 233 43.20 -0.49 43.53
N LEU D 234 43.58 -1.23 42.50
CA LEU D 234 44.65 -2.22 42.55
C LEU D 234 45.58 -2.01 41.35
N PRO D 235 46.76 -2.62 41.39
CA PRO D 235 47.54 -2.68 40.18
C PRO D 235 46.71 -3.26 39.02
N ASN D 236 47.04 -2.89 37.80
CA ASN D 236 46.20 -3.29 36.67
C ASN D 236 46.36 -4.78 36.39
N PRO D 237 45.25 -5.52 36.40
CA PRO D 237 45.37 -6.97 36.21
C PRO D 237 45.99 -7.35 34.86
N HIS D 238 45.88 -6.47 33.85
CA HIS D 238 46.50 -6.77 32.56
C HIS D 238 48.02 -6.62 32.58
N LEU D 239 48.55 -6.13 33.71
CA LEU D 239 50.00 -6.01 33.87
C LEU D 239 50.54 -7.08 34.79
N ARG D 240 49.71 -8.06 35.16
CA ARG D 240 50.23 -9.16 35.99
C ARG D 240 51.27 -9.98 35.25
N LYS D 241 52.39 -10.27 35.90
CA LYS D 241 53.39 -11.15 35.32
C LYS D 241 52.98 -12.61 35.54
N ASP D 242 53.17 -13.41 34.52
CA ASP D 242 52.95 -14.84 34.67
C ASP D 242 53.93 -15.64 33.85
N LYS D 243 54.52 -16.66 34.46
CA LYS D 243 55.46 -17.51 33.77
C LYS D 243 54.72 -18.16 32.61
N ASN D 244 55.41 -18.37 31.50
CA ASN D 244 54.77 -18.96 30.32
C ASN D 244 53.65 -18.11 29.74
N SER D 245 53.55 -16.85 30.18
CA SER D 245 53.04 -15.79 29.31
C SER D 245 54.22 -15.11 28.66
N THR D 246 54.12 -14.83 27.37
CA THR D 246 55.12 -14.00 26.69
C THR D 246 55.25 -12.65 27.42
N PRO D 247 56.50 -12.27 27.80
CA PRO D 247 56.65 -10.99 28.48
C PRO D 247 56.05 -9.82 27.68
N LEU D 248 55.53 -8.82 28.38
CA LEU D 248 55.09 -7.57 27.74
C LEU D 248 56.30 -6.81 27.25
N LYS D 249 56.12 -6.05 26.18
CA LYS D 249 57.25 -5.28 25.64
C LYS D 249 57.07 -3.81 25.96
N LEU D 250 58.18 -3.11 26.08
CA LEU D 250 58.18 -1.74 26.51
C LEU D 250 58.26 -0.81 25.28
N ASN D 251 57.36 0.17 25.17
CA ASN D 251 57.34 1.08 24.05
C ASN D 251 58.15 2.35 24.28
N PHE D 252 58.75 2.48 25.46
CA PHE D 252 59.34 3.73 25.91
C PHE D 252 60.80 3.63 26.31
N GLU D 253 61.48 2.64 25.75
CA GLU D 253 62.88 2.45 26.04
C GLU D 253 63.72 3.66 25.68
N TRP D 254 63.43 4.24 24.52
CA TRP D 254 64.24 5.38 24.07
C TRP D 254 64.06 6.55 25.04
N GLU D 255 62.81 6.82 25.40
CA GLU D 255 62.51 7.94 26.29
C GLU D 255 63.17 7.83 27.63
N ILE D 256 63.18 6.62 28.19
CA ILE D 256 63.85 6.42 29.45
C ILE D 256 65.36 6.59 29.33
N GLU D 257 65.92 5.99 28.29
CA GLU D 257 67.38 6.03 28.11
C GLU D 257 67.87 7.43 27.78
N ASN D 258 67.02 8.21 27.14
CA ASN D 258 67.40 9.54 26.65
C ASN D 258 66.67 10.65 27.39
N ARG D 259 66.25 10.35 28.60
CA ARG D 259 65.41 11.28 29.35
C ARG D 259 66.17 12.58 29.63
N TYR D 260 65.42 13.65 29.84
CA TYR D 260 65.97 14.98 29.88
C TYR D 260 66.91 15.14 31.07
N LYS D 261 68.15 15.59 30.82
CA LYS D 261 69.15 15.68 31.88
C LYS D 261 68.98 16.94 32.70
N HIS D 262 69.20 16.82 34.00
CA HIS D 262 69.09 17.96 34.86
C HIS D 262 70.44 18.49 35.29
N ASN D 263 70.43 19.68 35.87
CA ASN D 263 71.64 20.26 36.44
C ASN D 263 71.46 20.42 37.95
N GLU D 264 72.32 21.17 38.62
CA GLU D 264 72.22 21.26 40.08
C GLU D 264 70.92 21.89 40.55
N VAL D 265 70.43 22.89 39.81
CA VAL D 265 69.19 23.59 40.17
C VAL D 265 67.95 22.73 39.92
N THR D 266 68.03 21.86 38.91
CA THR D 266 66.80 21.19 38.42
C THR D 266 66.75 19.73 38.83
N LYS D 267 67.80 19.21 39.43
CA LYS D 267 67.84 17.80 39.77
C LYS D 267 66.64 17.42 40.64
N ALA D 268 66.13 16.22 40.42
CA ALA D 268 65.05 15.71 41.26
C ALA D 268 65.51 14.54 42.11
N GLU D 269 64.96 14.42 43.31
CA GLU D 269 65.21 13.23 44.10
C GLU D 269 64.00 12.34 44.18
N PRO D 270 64.21 11.11 44.64
CA PRO D 270 63.16 10.12 44.78
C PRO D 270 62.09 10.67 45.67
N ILE D 271 60.85 10.51 45.23
CA ILE D 271 59.74 10.64 46.12
C ILE D 271 59.19 9.23 46.31
N PRO D 272 59.54 8.60 47.43
CA PRO D 272 59.25 7.19 47.66
C PRO D 272 57.80 6.85 47.90
N ILE D 273 57.46 5.62 47.55
CA ILE D 273 56.20 5.00 47.97
C ILE D 273 56.08 5.06 49.49
N ALA D 274 54.85 5.24 49.98
CA ALA D 274 54.61 5.18 51.42
C ALA D 274 54.65 3.76 51.90
N ASP D 275 55.22 3.54 53.08
CA ASP D 275 55.38 2.22 53.58
C ASP D 275 54.07 1.50 53.68
N GLU D 276 53.00 2.17 54.10
CA GLU D 276 51.75 1.42 54.23
C GLU D 276 51.24 0.89 52.91
N ASP D 277 51.52 1.59 51.79
CA ASP D 277 51.08 1.07 50.51
C ASP D 277 51.99 -0.04 50.02
N LEU D 278 53.29 0.15 50.27
CA LEU D 278 54.26 -0.83 49.81
C LEU D 278 53.96 -2.17 50.43
N VAL D 279 53.67 -2.18 51.73
CA VAL D 279 53.41 -3.45 52.40
C VAL D 279 52.19 -4.14 51.78
N LYS D 280 51.17 -3.35 51.49
CA LYS D 280 49.97 -3.90 50.91
C LYS D 280 50.22 -4.47 49.53
N ILE D 281 50.99 -3.77 48.71
CA ILE D 281 51.24 -4.23 47.35
C ILE D 281 52.11 -5.47 47.39
N GLU D 282 53.07 -5.48 48.30
CA GLU D 282 53.97 -6.64 48.41
C GLU D 282 53.28 -7.88 48.96
N ASN D 283 52.11 -7.71 49.52
CA ASN D 283 51.39 -8.86 50.05
C ASN D 283 50.42 -9.46 49.05
N LEU D 284 50.40 -8.94 47.82
CA LEU D 284 49.43 -9.39 46.81
C LEU D 284 49.68 -10.75 46.22
N HIS D 285 50.88 -11.28 46.33
CA HIS D 285 51.12 -12.64 45.82
C HIS D 285 51.17 -12.69 44.30
N GLU D 286 51.20 -11.52 43.67
CA GLU D 286 51.29 -11.38 42.22
C GLU D 286 52.21 -10.21 42.02
N ASP D 287 53.02 -10.26 40.96
CA ASP D 287 53.86 -9.09 40.63
C ASP D 287 53.36 -8.47 39.34
N TYR D 288 53.69 -7.20 39.10
CA TYR D 288 53.13 -6.46 37.99
C TYR D 288 54.24 -5.72 37.27
N TYR D 289 54.13 -5.61 35.96
CA TYR D 289 54.90 -4.63 35.20
C TYR D 289 54.48 -3.22 35.67
N PRO D 290 55.40 -2.24 35.53
CA PRO D 290 54.96 -0.89 35.83
C PRO D 290 53.91 -0.40 34.84
N GLY D 291 53.22 0.66 35.23
CA GLY D 291 52.05 1.08 34.47
C GLY D 291 52.35 1.46 33.03
N TRP D 292 53.60 1.88 32.73
CA TRP D 292 53.94 2.29 31.39
C TRP D 292 54.12 1.10 30.44
N TYR D 293 53.88 -0.11 30.93
CA TYR D 293 53.73 -1.22 30.01
C TYR D 293 52.30 -1.32 29.47
N LEU D 294 51.37 -0.47 29.97
CA LEU D 294 50.01 -0.42 29.39
C LEU D 294 49.89 0.76 28.45
N VAL D 295 49.51 0.48 27.21
CA VAL D 295 49.24 1.54 26.25
C VAL D 295 47.84 1.47 25.66
N ASP D 296 47.02 0.54 26.11
CA ASP D 296 45.65 0.42 25.63
C ASP D 296 44.69 1.20 26.53
N ASP D 297 44.16 2.30 26.01
CA ASP D 297 43.28 3.16 26.78
C ASP D 297 42.05 2.46 27.27
N LYS D 298 41.64 1.40 26.57
CA LYS D 298 40.42 0.68 26.97
C LYS D 298 40.61 -0.09 28.26
N LEU D 299 41.85 -0.27 28.66
CA LEU D 299 42.16 -1.07 29.83
C LEU D 299 42.67 -0.23 31.00
N GLU D 300 42.76 1.09 30.84
CA GLU D 300 43.43 1.95 31.82
C GLU D 300 42.80 1.81 33.20
N ARG D 301 41.48 1.62 33.25
CA ARG D 301 40.77 1.54 34.52
C ARG D 301 40.48 0.13 34.97
N ALA D 302 41.19 -0.86 34.43
CA ALA D 302 40.86 -2.25 34.75
C ALA D 302 41.18 -2.59 36.21
N GLY D 303 42.04 -1.81 36.87
CA GLY D 303 42.32 -2.02 38.29
C GLY D 303 41.46 -1.19 39.22
N ARG D 304 40.47 -0.49 38.65
CA ARG D 304 39.76 0.52 39.41
C ARG D 304 38.25 0.34 39.35
N VAL E 4 21.83 5.51 25.45
CA VAL E 4 20.57 4.82 25.01
C VAL E 4 19.81 4.09 26.15
N MET E 5 18.49 4.31 26.20
CA MET E 5 17.62 3.46 27.01
C MET E 5 16.50 2.91 26.13
N ARG E 6 16.09 1.67 26.38
CA ARG E 6 14.84 1.18 25.79
C ARG E 6 13.64 1.89 26.36
N LEU E 7 12.55 1.91 25.60
CA LEU E 7 11.48 2.86 25.93
C LEU E 7 10.83 2.57 27.26
N GLY E 8 10.59 1.29 27.53
CA GLY E 8 9.98 0.89 28.79
C GLY E 8 10.87 1.27 29.95
N ASP E 9 12.19 1.16 29.76
CA ASP E 9 13.11 1.53 30.82
C ASP E 9 13.08 3.05 31.06
N ALA E 10 13.03 3.79 29.97
CA ALA E 10 12.94 5.25 30.10
C ALA E 10 11.65 5.67 30.76
N ALA E 11 10.56 5.03 30.36
CA ALA E 11 9.28 5.31 30.99
C ALA E 11 9.27 5.00 32.48
N GLU E 12 9.84 3.87 32.91
CA GLU E 12 9.90 3.54 34.31
C GLU E 12 10.75 4.56 35.06
N LEU E 13 11.90 4.91 34.49
CA LEU E 13 12.78 5.93 35.07
C LEU E 13 11.98 7.23 35.30
N CYS E 14 11.24 7.65 34.27
CA CYS E 14 10.45 8.89 34.37
C CYS E 14 9.36 8.77 35.42
N TYR E 15 8.69 7.61 35.47
CA TYR E 15 7.74 7.39 36.52
C TYR E 15 8.39 7.46 37.89
N ASN E 16 9.57 6.84 38.01
CA ASN E 16 10.23 6.83 39.32
C ASN E 16 10.69 8.23 39.75
N LEU E 17 11.22 9.02 38.82
CA LEU E 17 11.73 10.34 39.24
C LEU E 17 10.57 11.29 39.48
N THR E 18 9.50 11.13 38.71
CA THR E 18 8.32 11.96 38.92
C THR E 18 7.68 11.59 40.25
N SER E 19 7.57 10.27 40.53
CA SER E 19 7.07 9.82 41.83
C SER E 19 7.90 10.31 43.00
N SER E 20 9.20 10.26 42.82
CA SER E 20 10.11 10.73 43.85
C SER E 20 9.96 12.24 44.10
N TYR E 21 9.80 13.02 43.04
CA TYR E 21 9.58 14.45 43.18
C TYR E 21 8.28 14.69 43.97
N LEU E 22 7.21 13.95 43.62
CA LEU E 22 5.94 14.13 44.32
C LEU E 22 6.00 13.76 45.79
N GLN E 23 7.01 12.97 46.17
CA GLN E 23 7.12 12.52 47.57
C GLN E 23 7.94 13.48 48.42
N ILE E 24 8.51 14.52 47.83
CA ILE E 24 9.24 15.53 48.59
C ILE E 24 8.25 16.22 49.52
N ALA E 25 8.51 16.26 50.83
CA ALA E 25 7.60 17.00 51.71
C ALA E 25 7.98 18.46 51.70
N ALA E 26 7.18 19.27 51.01
CA ALA E 26 7.56 20.66 50.75
C ALA E 26 6.55 21.59 51.42
N GLU E 27 6.99 22.80 51.78
CA GLU E 27 6.06 23.72 52.43
C GLU E 27 5.04 24.35 51.45
N SER E 28 3.89 24.80 51.93
CA SER E 28 2.85 25.28 51.01
C SER E 28 3.22 26.61 50.33
N ASP E 29 4.27 27.27 50.76
CA ASP E 29 4.68 28.46 50.02
C ASP E 29 5.88 28.21 49.13
N SER E 30 6.15 26.96 48.85
CA SER E 30 7.40 26.63 48.12
C SER E 30 7.16 26.46 46.62
N ILE E 31 8.21 26.67 45.87
CA ILE E 31 8.19 26.36 44.45
C ILE E 31 7.99 24.85 44.26
N ILE E 32 8.64 24.01 45.07
CA ILE E 32 8.45 22.58 44.92
C ILE E 32 6.99 22.16 45.09
N ALA E 33 6.31 22.68 46.12
CA ALA E 33 4.91 22.29 46.31
C ALA E 33 4.07 22.71 45.11
N GLN E 34 4.35 23.89 44.60
CA GLN E 34 3.59 24.40 43.46
C GLN E 34 3.84 23.52 42.24
N THR E 35 5.07 23.04 42.10
CA THR E 35 5.43 22.20 40.99
C THR E 35 4.76 20.83 41.10
N GLN E 36 4.66 20.32 42.34
CA GLN E 36 3.93 19.08 42.58
C GLN E 36 2.47 19.24 42.15
N ARG E 37 1.86 20.35 42.50
CA ARG E 37 0.47 20.59 42.04
C ARG E 37 0.41 20.64 40.50
N ALA E 38 1.39 21.26 39.87
CA ALA E 38 1.42 21.32 38.42
C ALA E 38 1.57 19.93 37.81
N ILE E 39 2.44 19.09 38.40
CA ILE E 39 2.57 17.71 37.92
C ILE E 39 1.24 16.96 38.03
N ASN E 40 0.56 17.13 39.15
CA ASN E 40 -0.67 16.37 39.32
C ASN E 40 -1.74 16.82 38.33
N THR E 41 -1.78 18.11 37.99
CA THR E 41 -2.71 18.56 36.97
C THR E 41 -2.38 18.02 35.57
N THR E 42 -1.08 18.01 35.24
CA THR E 42 -0.63 17.41 34.00
C THR E 42 -0.95 15.94 33.94
N LYS E 43 -0.74 15.23 35.03
CA LYS E 43 -1.06 13.80 35.03
C LYS E 43 -2.53 13.59 34.80
N SER E 44 -3.35 14.42 35.42
CA SER E 44 -4.79 14.24 35.30
C SER E 44 -5.23 14.50 33.85
N ILE E 45 -4.69 15.52 33.22
CA ILE E 45 -5.03 15.82 31.84
C ILE E 45 -4.67 14.62 30.97
N LEU E 46 -3.48 14.03 31.16
CA LEU E 46 -3.06 12.93 30.31
C LEU E 46 -3.84 11.64 30.62
N ILE E 47 -3.83 11.22 31.86
CA ILE E 47 -4.38 9.91 32.22
C ILE E 47 -5.90 9.88 32.21
N ASN E 48 -6.53 10.96 32.65
CA ASN E 48 -7.97 11.02 32.77
C ASN E 48 -8.65 11.58 31.55
N GLU E 49 -8.02 12.51 30.82
CA GLU E 49 -8.72 13.22 29.77
C GLU E 49 -8.21 12.87 28.40
N THR E 50 -6.97 12.44 28.31
CA THR E 50 -6.35 12.28 27.00
C THR E 50 -6.30 10.82 26.55
N PHE E 51 -5.67 9.96 27.34
CA PHE E 51 -5.49 8.58 26.92
C PHE E 51 -6.81 7.81 26.71
N PRO E 52 -7.88 8.14 27.47
CA PRO E 52 -9.20 7.51 27.16
C PRO E 52 -9.78 7.90 25.81
N LYS E 53 -9.31 9.01 25.23
CA LYS E 53 -9.85 9.48 23.96
C LYS E 53 -9.01 9.03 22.78
N TRP E 54 -7.69 9.07 22.95
CA TRP E 54 -6.76 8.71 21.89
C TRP E 54 -5.69 7.79 22.42
N SER E 55 -5.37 6.77 21.64
CA SER E 55 -4.38 5.80 22.05
C SER E 55 -2.96 6.35 21.89
N PRO E 56 -2.17 6.30 22.97
CA PRO E 56 -0.76 6.65 22.90
C PRO E 56 0.07 5.52 22.32
N LEU E 57 -0.56 4.40 21.96
CA LEU E 57 0.19 3.20 21.55
C LEU E 57 0.23 2.95 20.04
N ASN E 58 -0.79 3.43 19.32
CA ASN E 58 -0.99 2.98 17.96
C ASN E 58 -0.83 4.08 16.91
N GLY E 59 -0.22 5.19 17.32
CA GLY E 59 0.09 6.26 16.37
C GLY E 59 -0.96 7.35 16.34
N GLU E 60 -2.05 7.18 17.10
CA GLU E 60 -3.04 8.26 17.17
C GLU E 60 -2.47 9.54 17.79
N ILE E 61 -1.48 9.40 18.67
CA ILE E 61 -0.85 10.55 19.31
C ILE E 61 0.61 10.62 18.91
N SER E 62 1.02 11.79 18.45
CA SER E 62 2.43 12.07 18.26
C SER E 62 2.86 13.16 19.23
N PHE E 63 4.16 13.22 19.50
CA PHE E 63 4.65 14.13 20.54
C PHE E 63 5.53 15.16 19.86
N SER E 64 5.18 16.46 19.95
CA SER E 64 6.04 17.47 19.30
C SER E 64 7.25 17.84 20.18
N TYR E 65 8.45 17.72 19.65
CA TYR E 65 9.65 17.83 20.50
C TYR E 65 10.72 18.60 19.79
N ASN E 66 11.23 19.66 20.42
CA ASN E 66 12.42 20.32 19.88
C ASN E 66 13.57 20.42 20.84
N GLY E 67 13.56 19.60 21.88
CA GLY E 67 14.71 19.51 22.77
C GLY E 67 14.79 20.64 23.80
N GLY E 68 13.86 21.60 23.77
CA GLY E 68 13.86 22.69 24.75
C GLY E 68 13.36 22.26 26.10
N LYS E 69 13.47 23.16 27.08
CA LYS E 69 13.21 22.82 28.45
C LYS E 69 11.75 22.40 28.71
N ASP E 70 10.84 23.06 27.99
CA ASP E 70 9.43 22.85 28.29
C ASP E 70 8.95 21.54 27.68
N CYS E 71 9.26 21.33 26.40
CA CYS E 71 8.86 20.03 25.88
C CYS E 71 9.66 18.90 26.45
N GLN E 72 10.88 19.14 26.94
CA GLN E 72 11.60 18.08 27.68
C GLN E 72 10.90 17.74 28.98
N VAL E 73 10.57 18.75 29.78
CA VAL E 73 9.80 18.45 31.01
C VAL E 73 8.54 17.67 30.65
N LEU E 74 7.82 18.12 29.63
CA LEU E 74 6.57 17.45 29.27
C LEU E 74 6.84 16.02 28.80
N LEU E 75 7.96 15.80 28.09
CA LEU E 75 8.25 14.44 27.66
C LEU E 75 8.48 13.53 28.84
N LEU E 76 9.22 14.02 29.84
CA LEU E 76 9.43 13.19 31.05
C LEU E 76 8.09 12.85 31.71
N LEU E 77 7.20 13.83 31.78
CA LEU E 77 5.89 13.61 32.41
C LEU E 77 5.05 12.67 31.58
N TYR E 78 5.17 12.80 30.28
CA TYR E 78 4.38 11.95 29.37
C TYR E 78 4.82 10.50 29.49
N LEU E 79 6.12 10.27 29.48
CA LEU E 79 6.64 8.93 29.68
C LEU E 79 6.22 8.37 31.03
N SER E 80 6.28 9.20 32.08
CA SER E 80 5.84 8.77 33.40
C SER E 80 4.38 8.31 33.32
N CYS E 81 3.55 9.08 32.63
CA CYS E 81 2.14 8.76 32.52
C CYS E 81 1.87 7.51 31.70
N LEU E 82 2.70 7.25 30.69
CA LEU E 82 2.59 5.98 29.94
C LEU E 82 2.89 4.81 30.86
N TRP E 83 3.93 4.91 31.67
CA TRP E 83 4.22 3.84 32.61
C TRP E 83 3.10 3.69 33.62
N GLU E 84 2.60 4.81 34.13
CA GLU E 84 1.54 4.76 35.10
C GLU E 84 0.28 4.12 34.54
N TYR E 85 -0.08 4.50 33.32
CA TYR E 85 -1.32 4.08 32.71
C TYR E 85 -1.23 2.59 32.36
N TYR E 86 -0.12 2.14 31.80
CA TYR E 86 -0.07 0.76 31.32
C TYR E 86 0.43 -0.27 32.31
N ILE E 87 1.23 0.14 33.29
CA ILE E 87 1.94 -0.81 34.16
C ILE E 87 1.43 -0.71 35.57
N VAL E 88 1.54 0.46 36.17
CA VAL E 88 0.99 0.73 37.47
C VAL E 88 -0.53 0.86 37.38
N PHE E 102 5.78 -3.52 28.97
CA PHE E 102 5.50 -2.20 28.39
C PHE E 102 5.16 -2.33 26.90
N PRO E 103 3.95 -1.86 26.51
CA PRO E 103 3.35 -2.19 25.21
C PRO E 103 3.87 -1.36 24.04
N LEU E 104 4.83 -0.48 24.30
CA LEU E 104 5.42 0.37 23.27
C LEU E 104 6.95 0.23 23.23
N THR E 105 7.52 0.28 22.02
CA THR E 105 8.96 0.09 21.80
C THR E 105 9.69 1.42 21.46
N LYS E 106 9.00 2.29 20.73
CA LYS E 106 9.48 3.66 20.50
C LYS E 106 8.33 4.62 20.60
N LEU E 107 8.61 5.86 20.99
CA LEU E 107 7.54 6.88 21.13
C LEU E 107 7.43 7.76 19.86
N PRO E 108 6.31 7.75 19.17
CA PRO E 108 6.20 8.61 17.98
C PRO E 108 6.37 10.12 18.28
N THR E 109 7.34 10.75 17.61
CA THR E 109 7.82 12.12 17.97
C THR E 109 8.05 12.91 16.69
N VAL E 110 7.75 14.20 16.72
CA VAL E 110 7.91 15.06 15.58
C VAL E 110 8.66 16.34 15.92
N PHE E 111 9.66 16.65 15.10
CA PHE E 111 10.51 17.81 15.24
C PHE E 111 10.51 18.57 13.93
N ILE E 112 10.12 19.83 13.99
CA ILE E 112 10.21 20.65 12.79
C ILE E 112 11.56 21.34 12.73
N ASP E 113 12.41 20.89 11.79
CA ASP E 113 13.80 21.38 11.73
C ASP E 113 13.86 22.61 10.83
N HIS E 114 14.79 23.53 11.11
CA HIS E 114 14.96 24.71 10.29
C HIS E 114 16.46 24.90 10.05
N ASP E 115 16.79 25.56 8.93
CA ASP E 115 18.18 25.80 8.59
C ASP E 115 18.85 26.66 9.67
N ASP E 116 18.07 27.51 10.32
CA ASP E 116 18.63 28.47 11.31
C ASP E 116 18.40 28.06 12.78
N THR E 117 18.16 26.77 12.99
CA THR E 117 18.10 26.17 14.33
C THR E 117 19.53 26.06 14.86
N PHE E 118 19.71 26.30 16.15
CA PHE E 118 21.04 26.09 16.76
C PHE E 118 21.54 24.67 16.58
N LYS E 119 22.82 24.53 16.18
CA LYS E 119 23.39 23.20 16.11
C LYS E 119 23.33 22.51 17.46
N THR E 120 23.53 23.27 18.53
CA THR E 120 23.47 22.67 19.86
C THR E 120 22.10 22.02 20.08
N LEU E 121 21.04 22.70 19.66
CA LEU E 121 19.70 22.14 19.87
C LEU E 121 19.47 20.94 18.94
N GLU E 122 19.92 21.01 17.68
CA GLU E 122 19.81 19.83 16.81
C GLU E 122 20.49 18.61 17.37
N ASN E 123 21.72 18.78 17.89
CA ASN E 123 22.46 17.64 18.45
C ASN E 123 21.75 17.14 19.67
N PHE E 124 21.20 18.06 20.48
CA PHE E 124 20.51 17.66 21.69
C PHE E 124 19.25 16.82 21.35
N ILE E 125 18.50 17.25 20.34
CA ILE E 125 17.33 16.48 19.93
C ILE E 125 17.73 15.10 19.47
N GLU E 126 18.75 15.01 18.64
CA GLU E 126 19.19 13.73 18.12
C GLU E 126 19.68 12.81 19.25
N GLU E 127 20.51 13.33 20.17
CA GLU E 127 21.02 12.46 21.20
C GLU E 127 19.95 12.08 22.23
N THR E 128 19.05 13.00 22.58
CA THR E 128 17.96 12.59 23.45
C THR E 128 16.92 11.70 22.76
N SER E 129 16.75 11.83 21.45
CA SER E 129 15.90 10.84 20.73
C SER E 129 16.41 9.43 20.89
N LEU E 130 17.74 9.28 20.81
CA LEU E 130 18.33 7.97 21.03
C LEU E 130 18.16 7.56 22.49
N ARG E 131 18.42 8.47 23.43
CA ARG E 131 18.27 8.17 24.84
C ARG E 131 16.88 7.68 25.24
N TYR E 132 15.85 8.38 24.73
CA TYR E 132 14.47 8.14 25.22
C TYR E 132 13.75 7.18 24.29
N SER E 133 14.46 6.62 23.34
CA SER E 133 13.85 5.66 22.40
C SER E 133 12.66 6.31 21.70
N LEU E 134 12.91 7.50 21.19
CA LEU E 134 11.90 8.18 20.38
C LEU E 134 11.98 7.72 18.96
N SER E 135 10.83 7.69 18.30
CA SER E 135 10.80 7.49 16.89
C SER E 135 10.62 8.82 16.21
N LEU E 136 11.74 9.41 15.82
CA LEU E 136 11.79 10.85 15.48
C LEU E 136 11.50 11.04 14.01
N TYR E 137 10.50 11.86 13.70
CA TYR E 137 10.34 12.42 12.38
C TYR E 137 10.91 13.81 12.43
N GLU E 138 11.78 14.14 11.49
CA GLU E 138 12.28 15.50 11.35
C GLU E 138 11.78 16.03 10.03
N SER E 139 11.34 17.28 10.02
CA SER E 139 10.99 17.93 8.78
C SER E 139 12.28 18.29 8.05
N ASP E 140 12.15 18.67 6.79
CA ASP E 140 13.29 19.00 5.96
C ASP E 140 13.78 20.43 6.27
N ARG E 141 14.95 20.54 6.88
CA ARG E 141 15.36 21.84 7.38
C ARG E 141 15.77 22.80 6.27
N ASP E 142 16.03 22.27 5.08
CA ASP E 142 16.37 23.13 3.97
C ASP E 142 15.18 23.52 3.09
N LYS E 143 13.98 23.06 3.45
CA LYS E 143 12.78 23.46 2.73
C LYS E 143 12.15 24.69 3.37
N CYS E 144 11.81 25.68 2.54
CA CYS E 144 11.05 26.84 3.00
C CYS E 144 9.56 26.54 3.09
N GLU E 145 9.07 26.36 4.31
CA GLU E 145 7.65 26.08 4.50
C GLU E 145 7.27 26.58 5.90
N THR E 146 5.99 26.91 6.10
CA THR E 146 5.53 27.29 7.44
C THR E 146 5.48 26.07 8.34
N MET E 147 5.39 26.29 9.66
CA MET E 147 5.26 25.16 10.59
C MET E 147 3.99 24.39 10.27
N ALA E 148 2.91 25.12 10.00
CA ALA E 148 1.67 24.48 9.56
C ALA E 148 1.88 23.62 8.31
N GLU E 149 2.64 24.13 7.35
CA GLU E 149 2.91 23.36 6.13
C GLU E 149 3.78 22.13 6.43
N ALA E 150 4.75 22.27 7.32
CA ALA E 150 5.57 21.10 7.70
C ALA E 150 4.73 20.04 8.35
N PHE E 151 3.77 20.45 9.16
CA PHE E 151 2.87 19.48 9.79
C PHE E 151 1.90 18.85 8.82
N GLU E 152 1.52 19.56 7.76
CA GLU E 152 0.68 18.95 6.74
C GLU E 152 1.42 17.80 6.11
N THR E 153 2.70 18.00 5.80
CA THR E 153 3.50 16.92 5.26
C THR E 153 3.59 15.74 6.22
N PHE E 154 3.83 16.02 7.50
CA PHE E 154 3.89 14.98 8.52
C PHE E 154 2.60 14.18 8.58
N LEU E 155 1.45 14.88 8.54
CA LEU E 155 0.16 14.22 8.61
C LEU E 155 -0.10 13.34 7.39
N GLN E 156 0.50 13.69 6.26
CA GLN E 156 0.32 12.88 5.06
C GLN E 156 1.12 11.57 5.18
N VAL E 157 2.29 11.64 5.82
CA VAL E 157 3.07 10.44 6.13
C VAL E 157 2.40 9.56 7.20
N PHE E 158 1.81 10.19 8.21
CA PHE E 158 1.16 9.48 9.29
C PHE E 158 -0.30 9.90 9.45
N PRO E 159 -1.17 9.47 8.55
CA PRO E 159 -2.57 9.88 8.55
C PRO E 159 -3.38 9.29 9.73
N GLU E 160 -2.80 8.35 10.47
CA GLU E 160 -3.44 7.80 11.67
C GLU E 160 -3.39 8.79 12.85
N THR E 161 -2.52 9.80 12.72
CA THR E 161 -2.39 10.84 13.78
C THR E 161 -3.66 11.60 13.95
N LYS E 162 -4.17 11.60 15.17
CA LYS E 162 -5.37 12.39 15.50
C LYS E 162 -5.07 13.57 16.43
N ALA E 163 -3.95 13.50 17.14
CA ALA E 163 -3.67 14.47 18.20
C ALA E 163 -2.16 14.59 18.39
N ILE E 164 -1.70 15.78 18.74
CA ILE E 164 -0.27 16.00 18.92
C ILE E 164 -0.02 16.74 20.19
N VAL E 165 0.92 16.23 20.99
CA VAL E 165 1.26 16.82 22.29
C VAL E 165 2.23 18.00 22.07
N ILE E 166 1.97 19.12 22.74
CA ILE E 166 2.77 20.36 22.58
C ILE E 166 3.13 20.92 23.95
N GLY E 167 4.37 21.29 24.17
CA GLY E 167 4.84 21.82 25.47
C GLY E 167 4.69 23.32 25.64
N ILE E 168 3.61 23.87 25.08
CA ILE E 168 3.37 25.28 25.16
C ILE E 168 2.78 25.62 26.55
N ARG E 169 3.05 26.85 26.99
CA ARG E 169 2.62 27.33 28.29
C ARG E 169 1.76 28.58 28.11
N HIS E 170 0.89 28.87 29.07
CA HIS E 170 0.06 30.08 28.95
C HIS E 170 0.90 31.36 28.88
N THR E 171 2.12 31.32 29.43
CA THR E 171 3.02 32.47 29.42
C THR E 171 3.69 32.65 28.05
N ASP E 172 3.54 31.70 27.12
CA ASP E 172 4.14 31.84 25.79
C ASP E 172 3.28 32.78 24.94
N PRO E 173 3.85 33.29 23.83
CA PRO E 173 3.04 34.18 22.99
C PRO E 173 1.77 33.52 22.49
N PHE E 174 0.67 34.30 22.56
CA PHE E 174 -0.66 33.80 22.22
C PHE E 174 -1.05 32.58 23.06
N GLY E 175 -0.50 32.48 24.27
CA GLY E 175 -0.81 31.32 25.11
C GLY E 175 -1.97 31.51 26.07
N GLU E 176 -2.43 32.76 26.22
CA GLU E 176 -3.46 33.06 27.23
C GLU E 176 -4.71 32.23 27.05
N HIS E 177 -5.14 32.06 25.81
CA HIS E 177 -6.47 31.46 25.68
CA HIS E 177 -6.42 31.49 25.31
C HIS E 177 -6.43 29.97 25.26
N LEU E 178 -5.26 29.36 25.33
CA LEU E 178 -5.15 27.95 25.00
C LEU E 178 -5.83 27.06 26.05
N LYS E 179 -6.19 25.86 25.60
CA LYS E 179 -6.89 24.89 26.42
C LYS E 179 -6.13 23.57 26.37
N PRO E 180 -6.24 22.76 27.43
CA PRO E 180 -5.49 21.49 27.41
C PRO E 180 -5.79 20.55 26.26
N ILE E 181 -7.02 20.55 25.79
CA ILE E 181 -7.36 19.74 24.62
C ILE E 181 -8.17 20.63 23.72
N GLN E 182 -7.69 20.85 22.50
CA GLN E 182 -8.51 21.65 21.58
C GLN E 182 -8.02 21.52 20.16
N LYS E 183 -8.90 21.74 19.20
CA LYS E 183 -8.50 21.63 17.81
C LYS E 183 -7.48 22.69 17.39
N THR E 184 -6.70 22.38 16.37
CA THR E 184 -5.86 23.35 15.72
C THR E 184 -6.73 24.47 15.16
N ASP E 185 -6.08 25.54 14.71
CA ASP E 185 -6.69 26.63 13.92
CA ASP E 185 -6.86 26.55 13.98
C ASP E 185 -6.87 26.29 12.44
N ALA E 186 -7.57 27.17 11.69
CA ALA E 186 -7.90 26.92 10.25
C ALA E 186 -6.73 26.69 9.29
N ASN E 187 -5.62 27.42 9.50
CA ASN E 187 -4.46 27.34 8.62
C ASN E 187 -3.57 26.16 8.88
N TRP E 188 -3.98 25.32 9.84
CA TRP E 188 -3.24 24.17 10.21
C TRP E 188 -3.99 22.96 9.71
N PRO E 189 -3.28 21.85 9.57
CA PRO E 189 -3.97 20.60 9.36
C PRO E 189 -4.88 20.30 10.56
N ASP E 190 -5.88 19.49 10.34
CA ASP E 190 -6.89 19.26 11.33
C ASP E 190 -6.44 18.14 12.30
N PHE E 191 -6.12 18.53 13.54
CA PHE E 191 -5.91 17.53 14.59
C PHE E 191 -6.19 18.23 15.92
N TYR E 192 -6.21 17.44 16.99
CA TYR E 192 -6.33 17.97 18.33
C TYR E 192 -4.95 18.30 18.87
N ARG E 193 -4.82 19.52 19.39
CA ARG E 193 -3.66 19.89 20.20
C ARG E 193 -3.84 19.40 21.62
N LEU E 194 -2.85 18.70 22.14
CA LEU E 194 -2.83 18.25 23.50
C LEU E 194 -1.80 19.08 24.23
N GLN E 195 -2.27 19.92 25.13
CA GLN E 195 -1.44 20.95 25.75
C GLN E 195 -1.47 20.84 27.26
N PRO E 196 -0.79 19.81 27.80
CA PRO E 196 -0.94 19.47 29.21
C PRO E 196 0.01 20.22 30.14
N LEU E 197 0.79 21.15 29.59
CA LEU E 197 1.80 21.90 30.37
C LEU E 197 1.38 23.37 30.55
N LEU E 198 0.15 23.73 30.16
CA LEU E 198 -0.17 25.16 30.03
C LEU E 198 0.04 25.93 31.33
N HIS E 199 -0.29 25.29 32.44
CA HIS E 199 -0.30 25.94 33.73
C HIS E 199 1.10 26.01 34.36
N TRP E 200 2.13 25.48 33.71
CA TRP E 200 3.45 25.50 34.30
C TRP E 200 4.10 26.87 34.11
N ASN E 201 4.77 27.36 35.15
CA ASN E 201 5.57 28.59 35.01
C ASN E 201 7.03 28.27 35.03
N LEU E 202 7.82 29.28 34.75
CA LEU E 202 9.24 29.06 34.58
C LEU E 202 9.92 28.44 35.80
N ALA E 203 9.54 28.86 37.00
CA ALA E 203 10.15 28.29 38.19
C ALA E 203 9.84 26.82 38.30
N ASN E 204 8.63 26.41 37.93
CA ASN E 204 8.28 24.99 38.04
C ASN E 204 9.09 24.16 37.06
N ILE E 205 9.26 24.69 35.85
CA ILE E 205 10.06 24.03 34.83
C ILE E 205 11.49 23.77 35.33
N TRP E 206 12.14 24.79 35.85
CA TRP E 206 13.50 24.57 36.28
C TRP E 206 13.58 23.64 37.47
N SER E 207 12.65 23.78 38.41
CA SER E 207 12.68 22.92 39.57
C SER E 207 12.67 21.44 39.17
N PHE E 208 11.70 21.08 38.35
CA PHE E 208 11.53 19.69 37.97
C PHE E 208 12.68 19.23 37.07
N LEU E 209 13.06 20.04 36.11
CA LEU E 209 14.11 19.64 35.18
C LEU E 209 15.45 19.44 35.88
N LEU E 210 15.81 20.33 36.79
CA LEU E 210 17.05 20.16 37.54
C LEU E 210 16.97 18.95 38.45
N TYR E 211 15.84 18.74 39.11
CA TYR E 211 15.70 17.56 39.97
C TYR E 211 15.88 16.27 39.16
N SER E 212 15.41 16.27 37.92
CA SER E 212 15.31 15.03 37.15
C SER E 212 16.68 14.43 36.93
N ASN E 213 17.72 15.27 36.96
CA ASN E 213 19.07 14.79 36.61
C ASN E 213 19.18 14.27 35.18
N GLU E 214 18.27 14.71 34.30
CA GLU E 214 18.41 14.43 32.92
C GLU E 214 19.30 15.48 32.25
N PRO E 215 19.92 15.14 31.13
CA PRO E 215 20.70 16.13 30.41
C PRO E 215 19.81 17.25 29.92
N ILE E 216 20.29 18.48 30.05
CA ILE E 216 19.53 19.70 29.68
C ILE E 216 20.24 20.35 28.48
N CYS E 217 19.53 20.93 27.53
CA CYS E 217 20.24 21.55 26.41
C CYS E 217 21.22 22.59 26.96
N GLU E 218 22.48 22.52 26.53
CA GLU E 218 23.50 23.31 27.18
C GLU E 218 23.41 24.79 26.87
N LEU E 219 22.61 25.22 25.90
CA LEU E 219 22.42 26.66 25.75
C LEU E 219 21.89 27.27 27.04
N TYR E 220 21.02 26.58 27.77
CA TYR E 220 20.52 27.15 29.01
C TYR E 220 21.61 27.38 30.01
N ARG E 221 22.62 26.50 30.04
CA ARG E 221 23.74 26.69 30.95
C ARG E 221 24.50 28.00 30.71
N TYR E 222 24.50 28.46 29.47
CA TYR E 222 25.23 29.65 29.10
C TYR E 222 24.39 30.92 29.15
N GLY E 223 23.16 30.82 29.67
CA GLY E 223 22.37 32.02 29.97
C GLY E 223 21.15 32.19 29.08
N PHE E 224 20.93 31.28 28.12
CA PHE E 224 19.67 31.33 27.35
C PHE E 224 18.52 30.92 28.24
N THR E 225 17.35 31.51 27.96
CA THR E 225 16.13 31.08 28.66
C THR E 225 14.99 30.72 27.71
N SER E 226 15.21 30.93 26.41
CA SER E 226 14.22 30.67 25.38
C SER E 226 15.01 30.47 24.09
N LEU E 227 14.62 29.48 23.28
CA LEU E 227 15.48 29.07 22.13
C LEU E 227 14.76 29.36 20.82
N GLY E 228 15.13 30.46 20.19
CA GLY E 228 14.67 30.74 18.82
C GLY E 228 15.78 30.47 17.84
N ASN E 229 15.75 31.15 16.71
CA ASN E 229 16.78 30.89 15.70
C ASN E 229 18.10 31.57 16.04
N VAL E 230 19.15 31.12 15.35
CA VAL E 230 20.52 31.55 15.69
C VAL E 230 20.70 33.06 15.64
N GLU E 231 20.07 33.71 14.69
CA GLU E 231 20.40 35.13 14.53
C GLU E 231 19.46 36.06 15.30
N GLU E 232 18.46 35.49 15.98
CA GLU E 232 17.53 36.32 16.76
C GLU E 232 17.49 35.95 18.24
N THR E 233 18.41 35.06 18.66
CA THR E 233 18.39 34.61 20.06
C THR E 233 19.75 34.82 20.73
N LEU E 234 19.72 35.41 21.92
CA LEU E 234 20.94 35.64 22.72
C LEU E 234 20.72 35.12 24.13
N PRO E 235 21.79 34.96 24.91
CA PRO E 235 21.60 34.78 26.34
C PRO E 235 20.75 35.91 26.91
N ASN E 236 20.02 35.63 27.95
CA ASN E 236 19.05 36.60 28.46
C ASN E 236 19.81 37.78 29.10
N PRO E 237 19.55 39.02 28.66
CA PRO E 237 20.30 40.17 29.17
C PRO E 237 20.13 40.37 30.65
N HIS E 238 19.01 39.87 31.19
CA HIS E 238 18.78 39.99 32.64
C HIS E 238 19.65 39.04 33.47
N LEU E 239 20.34 38.12 32.77
CA LEU E 239 21.23 37.18 33.46
C LEU E 239 22.70 37.56 33.30
N ARG E 240 22.97 38.75 32.76
CA ARG E 240 24.35 39.21 32.61
C ARG E 240 24.95 39.46 33.99
N LYS E 241 26.16 38.94 34.25
CA LYS E 241 26.83 39.21 35.52
C LYS E 241 27.47 40.61 35.51
N ASP E 242 27.41 41.29 36.66
CA ASP E 242 28.12 42.58 36.80
C ASP E 242 28.61 42.76 38.21
N LYS E 243 29.43 43.78 38.46
CA LYS E 243 30.03 44.01 39.78
C LYS E 243 29.08 44.70 40.76
N ASN E 244 28.19 45.54 40.24
CA ASN E 244 27.53 46.53 41.07
C ASN E 244 26.08 46.26 41.41
N SER E 245 25.44 45.32 40.71
CA SER E 245 24.06 44.96 41.03
C SER E 245 24.02 43.93 42.17
N THR E 246 22.87 43.76 42.76
CA THR E 246 22.72 42.66 43.70
C THR E 246 22.88 41.32 42.97
N PRO E 247 23.76 40.44 43.48
CA PRO E 247 23.93 39.17 42.75
C PRO E 247 22.63 38.37 42.73
N LEU E 248 22.41 37.64 41.65
CA LEU E 248 21.22 36.78 41.57
C LEU E 248 21.39 35.54 42.41
N LYS E 249 20.30 35.11 43.01
CA LYS E 249 20.33 33.97 43.93
C LYS E 249 19.65 32.77 43.30
N LEU E 250 20.09 31.59 43.70
CA LEU E 250 19.61 30.37 43.10
C LEU E 250 18.46 29.79 43.90
N ASN E 251 17.32 29.54 43.25
CA ASN E 251 16.14 29.03 43.93
C ASN E 251 16.07 27.52 43.96
N PHE E 252 17.05 26.84 43.33
CA PHE E 252 16.94 25.42 43.08
C PHE E 252 18.10 24.64 43.68
N GLU E 253 18.71 25.18 44.73
CA GLU E 253 19.83 24.49 45.38
C GLU E 253 19.46 23.11 45.89
N TRP E 254 18.28 23.00 46.49
CA TRP E 254 17.87 21.67 47.04
C TRP E 254 17.70 20.64 45.90
N GLU E 255 16.99 21.04 44.86
CA GLU E 255 16.75 20.12 43.75
C GLU E 255 18.04 19.66 43.12
N ILE E 256 19.02 20.54 42.97
CA ILE E 256 20.28 20.15 42.34
C ILE E 256 21.03 19.18 43.27
N GLU E 257 21.14 19.55 44.54
CA GLU E 257 21.89 18.70 45.49
C GLU E 257 21.25 17.34 45.69
N ASN E 258 19.94 17.29 45.57
CA ASN E 258 19.18 16.11 45.91
C ASN E 258 18.54 15.50 44.67
N ARG E 259 19.12 15.79 43.53
CA ARG E 259 18.57 15.34 42.26
C ARG E 259 18.55 13.82 42.19
N TYR E 260 17.68 13.31 41.34
CA TYR E 260 17.41 11.90 41.25
C TYR E 260 18.65 11.11 40.80
N LYS E 261 19.10 10.18 41.66
CA LYS E 261 20.34 9.46 41.37
C LYS E 261 20.16 8.37 40.32
N HIS E 262 21.12 8.25 39.41
CA HIS E 262 21.07 7.20 38.38
C HIS E 262 21.91 5.97 38.73
N ASN E 263 21.72 4.93 37.94
CA ASN E 263 22.58 3.76 38.00
C ASN E 263 23.24 3.51 36.63
N GLU E 264 23.80 2.32 36.44
CA GLU E 264 24.42 2.00 35.17
C GLU E 264 23.44 2.01 33.99
N VAL E 265 22.21 1.59 34.26
CA VAL E 265 21.16 1.56 33.23
C VAL E 265 20.82 2.98 32.79
N THR E 266 20.78 3.88 33.77
CA THR E 266 20.06 5.13 33.58
C THR E 266 20.98 6.33 33.57
N LYS E 267 22.28 6.13 33.80
CA LYS E 267 23.23 7.23 33.80
C LYS E 267 23.16 7.97 32.48
N ALA E 268 23.41 9.28 32.52
CA ALA E 268 23.33 10.11 31.32
C ALA E 268 24.56 10.99 31.18
N GLU E 269 25.31 10.81 30.11
CA GLU E 269 26.39 11.75 29.83
C GLU E 269 25.78 13.07 29.38
N PRO E 270 26.30 14.20 29.91
CA PRO E 270 25.87 15.46 29.34
C PRO E 270 26.05 15.52 27.83
N ILE E 271 25.17 16.24 27.20
CA ILE E 271 25.16 16.38 25.79
C ILE E 271 25.61 17.81 25.56
N PRO E 272 26.73 18.02 24.86
CA PRO E 272 27.45 19.28 24.98
C PRO E 272 27.00 20.37 24.00
N ILE E 273 27.34 21.59 24.33
CA ILE E 273 27.21 22.70 23.43
C ILE E 273 28.06 22.45 22.16
N ALA E 274 27.52 22.82 21.00
CA ALA E 274 28.22 22.68 19.72
C ALA E 274 29.33 23.76 19.61
N ASP E 275 30.46 23.44 18.95
CA ASP E 275 31.59 24.38 18.88
C ASP E 275 31.17 25.72 18.29
N GLU E 276 30.31 25.65 17.27
CA GLU E 276 29.95 26.87 16.57
C GLU E 276 29.19 27.83 17.51
N ASP E 277 28.40 27.29 18.42
CA ASP E 277 27.69 28.14 19.38
C ASP E 277 28.61 28.57 20.52
N LEU E 278 29.48 27.65 20.92
CA LEU E 278 30.36 27.90 22.04
C LEU E 278 31.29 29.05 21.68
N VAL E 279 31.81 29.06 20.45
CA VAL E 279 32.74 30.11 20.03
C VAL E 279 32.08 31.49 20.13
N LYS E 280 30.83 31.57 19.66
CA LYS E 280 30.04 32.78 19.70
C LYS E 280 29.82 33.29 21.13
N ILE E 281 29.46 32.37 22.01
CA ILE E 281 29.12 32.75 23.36
C ILE E 281 30.38 33.13 24.11
N GLU E 282 31.43 32.34 23.91
CA GLU E 282 32.67 32.58 24.64
C GLU E 282 33.36 33.85 24.15
N ASN E 283 32.96 34.33 22.99
CA ASN E 283 33.48 35.58 22.45
C ASN E 283 32.64 36.83 22.79
N LEU E 284 31.58 36.65 23.58
N LEU E 284 31.44 36.59 23.31
CA LEU E 284 30.63 37.76 23.89
CA LEU E 284 30.71 37.63 23.98
C LEU E 284 31.11 38.93 24.79
C LEU E 284 31.61 38.04 25.12
N HIS E 285 32.29 38.82 25.40
N HIS E 285 31.68 39.34 25.38
CA HIS E 285 32.77 39.82 26.39
CA HIS E 285 32.68 39.82 26.28
C HIS E 285 31.78 40.19 27.51
C HIS E 285 32.11 39.95 27.69
N GLU E 286 30.86 39.30 27.85
N GLU E 286 30.91 39.41 27.88
CA GLU E 286 30.30 39.31 29.21
C GLU E 286 29.83 37.91 29.51
N ASP E 287 29.71 37.64 30.80
CA ASP E 287 29.33 36.31 31.29
C ASP E 287 27.91 36.36 31.83
N TYR E 288 27.26 35.21 31.82
CA TYR E 288 25.87 35.10 32.22
C TYR E 288 25.69 34.02 33.27
N TYR E 289 24.76 34.26 34.20
CA TYR E 289 24.20 33.17 35.01
C TYR E 289 23.47 32.19 34.09
N PRO E 290 23.40 30.90 34.47
CA PRO E 290 22.58 30.01 33.69
C PRO E 290 21.10 30.34 33.78
N GLY E 291 20.33 29.76 32.84
CA GLY E 291 18.93 30.18 32.65
C GLY E 291 18.11 29.98 33.90
N TRP E 292 18.46 28.99 34.75
CA TRP E 292 17.67 28.72 35.95
C TRP E 292 17.88 29.71 37.06
N TYR E 293 18.66 30.78 36.82
CA TYR E 293 18.61 31.95 37.66
C TYR E 293 17.47 32.90 37.30
N LEU E 294 16.77 32.64 36.21
CA LEU E 294 15.59 33.41 35.88
C LEU E 294 14.33 32.66 36.27
N VAL E 295 13.52 33.29 37.11
CA VAL E 295 12.24 32.72 37.48
C VAL E 295 11.07 33.68 37.19
N ASP E 296 11.35 34.79 36.53
CA ASP E 296 10.31 35.75 36.12
C ASP E 296 9.87 35.44 34.70
N ASP E 297 8.65 34.95 34.54
CA ASP E 297 8.09 34.59 33.25
C ASP E 297 8.02 35.78 32.30
N LYS E 298 7.87 36.98 32.83
CA LYS E 298 7.79 38.19 31.97
C LYS E 298 9.07 38.46 31.23
N LEU E 299 10.18 37.87 31.68
CA LEU E 299 11.49 38.12 31.09
C LEU E 299 12.01 36.92 30.29
N GLU E 300 11.25 35.84 30.22
CA GLU E 300 11.75 34.62 29.59
C GLU E 300 12.23 34.83 28.17
N ARG E 301 11.55 35.71 27.42
CA ARG E 301 11.94 35.96 26.03
C ARG E 301 12.79 37.21 25.83
N ALA E 302 13.42 37.71 26.88
CA ALA E 302 14.15 38.97 26.77
C ALA E 302 15.36 38.84 25.84
N GLY E 303 15.84 37.63 25.63
CA GLY E 303 16.95 37.41 24.68
C GLY E 303 16.51 37.07 23.27
N ARG E 304 15.20 37.17 23.01
CA ARG E 304 14.66 37.02 21.64
C ARG E 304 14.45 38.38 20.96
N GLY F 1 -20.31 -20.44 -24.75
CA GLY F 1 -20.13 -21.52 -23.74
C GLY F 1 -20.61 -21.06 -22.38
N ALA F 2 -20.25 -21.82 -21.35
CA ALA F 2 -20.76 -21.54 -20.03
C ALA F 2 -19.99 -20.40 -19.37
N MET F 3 -18.82 -20.07 -19.90
CA MET F 3 -18.02 -19.04 -19.26
C MET F 3 -17.51 -18.03 -20.26
N VAL F 4 -17.24 -16.84 -19.77
CA VAL F 4 -16.62 -15.82 -20.60
C VAL F 4 -15.21 -16.30 -20.93
N MET F 5 -14.75 -16.01 -22.14
CA MET F 5 -13.36 -16.22 -22.51
C MET F 5 -12.41 -15.53 -21.54
N ARG F 6 -11.34 -16.21 -21.22
CA ARG F 6 -10.23 -15.53 -20.57
C ARG F 6 -9.45 -14.72 -21.60
N LEU F 7 -8.63 -13.81 -21.13
CA LEU F 7 -7.92 -12.94 -22.07
C LEU F 7 -7.07 -13.77 -23.03
N GLY F 8 -6.41 -14.83 -22.54
CA GLY F 8 -5.64 -15.67 -23.46
C GLY F 8 -6.49 -16.27 -24.57
N ASP F 9 -7.71 -16.68 -24.23
CA ASP F 9 -8.61 -17.23 -25.23
C ASP F 9 -8.99 -16.16 -26.26
N ALA F 10 -9.30 -14.95 -25.78
CA ALA F 10 -9.72 -13.88 -26.70
C ALA F 10 -8.54 -13.56 -27.62
N ALA F 11 -7.33 -13.46 -27.06
CA ALA F 11 -6.15 -13.13 -27.88
C ALA F 11 -5.90 -14.20 -28.92
N GLU F 12 -5.95 -15.48 -28.50
CA GLU F 12 -5.78 -16.54 -29.46
C GLU F 12 -6.82 -16.54 -30.56
N LEU F 13 -8.09 -16.32 -30.18
CA LEU F 13 -9.15 -16.20 -31.18
C LEU F 13 -8.81 -15.11 -32.18
N CYS F 14 -8.40 -13.94 -31.70
CA CYS F 14 -8.12 -12.83 -32.62
C CYS F 14 -6.95 -13.16 -33.53
N TYR F 15 -5.93 -13.83 -33.00
CA TYR F 15 -4.81 -14.24 -33.85
C TYR F 15 -5.28 -15.24 -34.93
N ASN F 16 -6.13 -16.17 -34.52
CA ASN F 16 -6.59 -17.15 -35.49
C ASN F 16 -7.50 -16.54 -36.55
N LEU F 17 -8.37 -15.61 -36.15
CA LEU F 17 -9.23 -15.02 -37.18
C LEU F 17 -8.45 -14.07 -38.11
N THR F 18 -7.46 -13.37 -37.58
CA THR F 18 -6.65 -12.48 -38.42
C THR F 18 -5.82 -13.33 -39.39
N SER F 19 -5.29 -14.43 -38.89
CA SER F 19 -4.50 -15.34 -39.73
C SER F 19 -5.37 -15.95 -40.83
N SER F 20 -6.60 -16.30 -40.48
CA SER F 20 -7.55 -16.79 -41.48
C SER F 20 -7.89 -15.75 -42.52
N TYR F 21 -8.13 -14.52 -42.10
CA TYR F 21 -8.36 -13.47 -43.07
C TYR F 21 -7.17 -13.32 -44.01
N LEU F 22 -5.94 -13.36 -43.45
CA LEU F 22 -4.74 -13.21 -44.28
C LEU F 22 -4.55 -14.37 -45.26
N GLN F 23 -5.20 -15.50 -44.99
CA GLN F 23 -5.12 -16.69 -45.87
C GLN F 23 -6.21 -16.70 -46.94
N ILE F 24 -7.14 -15.75 -46.97
CA ILE F 24 -8.16 -15.74 -48.00
C ILE F 24 -7.45 -15.53 -49.34
N ALA F 25 -7.83 -16.32 -50.34
CA ALA F 25 -7.24 -16.14 -51.65
C ALA F 25 -7.97 -15.02 -52.32
N ALA F 26 -7.27 -13.93 -52.60
CA ALA F 26 -7.92 -12.78 -53.18
C ALA F 26 -7.00 -12.15 -54.20
N GLU F 27 -7.55 -11.69 -55.31
CA GLU F 27 -6.66 -11.05 -56.25
C GLU F 27 -6.22 -9.67 -55.79
N SER F 28 -5.08 -9.21 -56.27
CA SER F 28 -4.40 -8.05 -55.67
C SER F 28 -5.21 -6.74 -55.71
N ASP F 29 -6.13 -6.58 -56.65
CA ASP F 29 -6.86 -5.31 -56.71
C ASP F 29 -8.18 -5.34 -55.94
N SER F 30 -8.43 -6.43 -55.23
CA SER F 30 -9.71 -6.60 -54.53
C SER F 30 -9.68 -5.84 -53.19
N ILE F 31 -10.86 -5.57 -52.64
CA ILE F 31 -10.94 -5.02 -51.28
C ILE F 31 -10.26 -5.97 -50.29
N ILE F 32 -10.46 -7.28 -50.42
CA ILE F 32 -9.86 -8.18 -49.43
C ILE F 32 -8.34 -8.10 -49.47
N ALA F 33 -7.75 -8.08 -50.65
CA ALA F 33 -6.30 -7.98 -50.73
C ALA F 33 -5.78 -6.65 -50.16
N GLN F 34 -6.48 -5.55 -50.40
CA GLN F 34 -6.07 -4.29 -49.84
C GLN F 34 -6.18 -4.34 -48.31
N THR F 35 -7.21 -5.03 -47.82
CA THR F 35 -7.37 -5.18 -46.37
C THR F 35 -6.25 -6.02 -45.76
N GLN F 36 -5.84 -7.06 -46.50
CA GLN F 36 -4.73 -7.87 -46.03
C GLN F 36 -3.48 -7.03 -45.91
N ARG F 37 -3.25 -6.19 -46.93
CA ARG F 37 -2.10 -5.27 -46.84
C ARG F 37 -2.23 -4.32 -45.65
N ALA F 38 -3.44 -3.83 -45.39
CA ALA F 38 -3.65 -2.94 -44.22
C ALA F 38 -3.42 -3.66 -42.91
N ILE F 39 -3.82 -4.95 -42.84
CA ILE F 39 -3.51 -5.74 -41.66
C ILE F 39 -2.02 -5.85 -41.42
N ASN F 40 -1.28 -6.17 -42.46
CA ASN F 40 0.13 -6.35 -42.28
C ASN F 40 0.87 -5.06 -41.92
N THR F 41 0.38 -3.92 -42.43
CA THR F 41 0.97 -2.64 -41.99
C THR F 41 0.68 -2.38 -40.53
N THR F 42 -0.56 -2.62 -40.09
CA THR F 42 -0.90 -2.48 -38.66
C THR F 42 -0.06 -3.42 -37.79
N LYS F 43 0.09 -4.68 -38.23
CA LYS F 43 0.93 -5.63 -37.47
C LYS F 43 2.35 -5.14 -37.33
N SER F 44 2.90 -4.57 -38.39
CA SER F 44 4.29 -4.09 -38.29
C SER F 44 4.40 -2.94 -37.32
N ILE F 45 3.42 -2.03 -37.32
CA ILE F 45 3.48 -0.94 -36.40
C ILE F 45 3.47 -1.46 -34.98
N LEU F 46 2.56 -2.42 -34.69
CA LEU F 46 2.50 -2.89 -33.33
C LEU F 46 3.68 -3.80 -32.93
N ILE F 47 3.94 -4.81 -33.74
CA ILE F 47 4.95 -5.82 -33.39
C ILE F 47 6.39 -5.29 -33.49
N ASN F 48 6.66 -4.48 -34.51
CA ASN F 48 8.04 -4.02 -34.74
C ASN F 48 8.32 -2.71 -34.06
N GLU F 49 7.33 -1.82 -34.01
CA GLU F 49 7.55 -0.45 -33.53
C GLU F 49 7.00 -0.11 -32.16
N THR F 50 5.96 -0.83 -31.70
CA THR F 50 5.30 -0.46 -30.47
C THR F 50 5.68 -1.28 -29.26
N PHE F 51 5.40 -2.59 -29.33
CA PHE F 51 5.62 -3.46 -28.17
C PHE F 51 7.11 -3.53 -27.71
N PRO F 52 8.08 -3.45 -28.65
CA PRO F 52 9.48 -3.36 -28.14
C PRO F 52 9.78 -2.12 -27.31
N LYS F 53 8.98 -1.06 -27.48
CA LYS F 53 9.26 0.24 -26.79
C LYS F 53 8.43 0.39 -25.52
N TRP F 54 7.15 0.00 -25.60
CA TRP F 54 6.25 0.12 -24.46
C TRP F 54 5.57 -1.20 -24.17
N SER F 55 5.47 -1.54 -22.89
CA SER F 55 4.88 -2.81 -22.50
C SER F 55 3.37 -2.77 -22.52
N PRO F 56 2.77 -3.71 -23.26
CA PRO F 56 1.33 -3.86 -23.19
C PRO F 56 0.84 -4.61 -21.97
N LEU F 57 1.77 -5.11 -21.14
CA LEU F 57 1.44 -6.00 -20.04
C LEU F 57 1.36 -5.31 -18.68
N ASN F 58 1.98 -4.13 -18.54
CA ASN F 58 2.20 -3.61 -17.20
C ASN F 58 1.56 -2.25 -16.98
N GLY F 59 0.62 -1.86 -17.84
CA GLY F 59 -0.05 -0.57 -17.69
C GLY F 59 0.58 0.56 -18.48
N GLU F 60 1.72 0.31 -19.11
CA GLU F 60 2.33 1.41 -19.91
C GLU F 60 1.45 1.79 -21.09
N ILE F 61 0.67 0.83 -21.62
CA ILE F 61 -0.24 1.07 -22.73
C ILE F 61 -1.66 0.89 -22.28
N SER F 62 -2.50 1.89 -22.57
CA SER F 62 -3.94 1.70 -22.45
C SER F 62 -4.59 1.79 -23.82
N PHE F 63 -5.80 1.22 -23.94
CA PHE F 63 -6.45 1.11 -25.22
C PHE F 63 -7.72 1.97 -25.17
N SER F 64 -7.82 2.99 -26.04
CA SER F 64 -9.02 3.86 -26.02
C SER F 64 -10.14 3.21 -26.81
N TYR F 65 -11.28 2.99 -26.16
CA TYR F 65 -12.32 2.18 -26.78
C TYR F 65 -13.69 2.80 -26.53
N ASN F 66 -14.51 2.95 -27.58
CA ASN F 66 -15.90 3.38 -27.39
C ASN F 66 -16.87 2.47 -28.10
N GLY F 67 -16.44 1.27 -28.46
CA GLY F 67 -17.38 0.26 -29.03
C GLY F 67 -17.70 0.43 -30.49
N GLY F 68 -17.16 1.46 -31.14
CA GLY F 68 -17.39 1.62 -32.56
C GLY F 68 -16.60 0.70 -33.45
N LYS F 69 -16.90 0.77 -34.75
CA LYS F 69 -16.36 -0.20 -35.67
C LYS F 69 -14.86 -0.12 -35.82
N ASP F 70 -14.30 1.08 -35.68
CA ASP F 70 -12.89 1.28 -35.97
C ASP F 70 -12.06 0.85 -34.80
N CYS F 71 -12.39 1.30 -33.60
CA CYS F 71 -11.65 0.82 -32.46
C CYS F 71 -11.93 -0.67 -32.20
N GLN F 72 -13.09 -1.16 -32.60
CA GLN F 72 -13.30 -2.61 -32.51
C GLN F 72 -12.39 -3.41 -33.44
N VAL F 73 -12.30 -3.02 -34.72
CA VAL F 73 -11.34 -3.66 -35.61
C VAL F 73 -9.94 -3.58 -35.00
N LEU F 74 -9.58 -2.39 -34.51
CA LEU F 74 -8.22 -2.24 -34.00
C LEU F 74 -8.01 -3.15 -32.76
N LEU F 75 -9.03 -3.28 -31.92
CA LEU F 75 -8.91 -4.12 -30.75
C LEU F 75 -8.66 -5.59 -31.15
N LEU F 76 -9.36 -6.07 -32.18
CA LEU F 76 -9.13 -7.43 -32.66
C LEU F 76 -7.70 -7.54 -33.16
N LEU F 77 -7.22 -6.58 -33.93
CA LEU F 77 -5.85 -6.63 -34.43
C LEU F 77 -4.83 -6.52 -33.29
N TYR F 78 -5.13 -5.71 -32.29
CA TYR F 78 -4.24 -5.52 -31.18
C TYR F 78 -4.11 -6.83 -30.37
N LEU F 79 -5.24 -7.46 -30.07
CA LEU F 79 -5.22 -8.76 -29.40
C LEU F 79 -4.46 -9.81 -30.23
N SER F 80 -4.68 -9.81 -31.54
CA SER F 80 -3.93 -10.73 -32.40
C SER F 80 -2.45 -10.49 -32.25
N CYS F 81 -2.05 -9.22 -32.30
CA CYS F 81 -0.62 -8.90 -32.20
C CYS F 81 -0.04 -9.22 -30.85
N LEU F 82 -0.82 -9.10 -29.77
CA LEU F 82 -0.33 -9.52 -28.46
C LEU F 82 0.00 -11.00 -28.49
N TRP F 83 -0.92 -11.80 -29.03
CA TRP F 83 -0.67 -13.24 -29.14
C TRP F 83 0.54 -13.54 -30.01
N GLU F 84 0.61 -12.86 -31.15
CA GLU F 84 1.71 -13.12 -32.04
C GLU F 84 3.04 -12.74 -31.40
N TYR F 85 3.10 -11.58 -30.76
CA TYR F 85 4.36 -11.09 -30.21
C TYR F 85 4.87 -11.98 -29.09
N TYR F 86 4.00 -12.41 -28.20
CA TYR F 86 4.45 -13.17 -26.99
C TYR F 86 4.45 -14.66 -27.19
N ILE F 87 3.41 -15.20 -27.84
CA ILE F 87 3.22 -16.65 -27.90
C ILE F 87 3.84 -17.19 -29.15
N VAL F 88 3.64 -16.56 -30.29
CA VAL F 88 4.17 -17.11 -31.52
C VAL F 88 5.65 -16.78 -31.67
N LYS F 89 6.02 -15.51 -31.52
CA LYS F 89 7.39 -15.02 -31.70
C LYS F 89 8.25 -15.15 -30.43
N LEU F 90 7.61 -15.52 -29.33
CA LEU F 90 8.32 -15.75 -28.06
C LEU F 90 9.19 -14.57 -27.59
N SER F 91 8.63 -13.36 -27.66
CA SER F 91 9.41 -12.15 -27.37
C SER F 91 9.64 -11.99 -25.88
N PRO F 103 0.32 -13.43 -14.74
CA PRO F 103 -0.14 -13.24 -16.12
C PRO F 103 -1.21 -12.15 -16.19
N LEU F 104 -1.36 -11.57 -17.36
CA LEU F 104 -2.32 -10.48 -17.54
C LEU F 104 -3.72 -11.04 -17.66
N THR F 105 -4.64 -10.53 -16.86
CA THR F 105 -5.98 -11.06 -16.83
C THR F 105 -6.96 -10.20 -17.61
N LYS F 106 -6.65 -8.91 -17.71
CA LYS F 106 -7.57 -8.00 -18.39
C LYS F 106 -6.75 -6.93 -19.10
N LEU F 107 -7.28 -6.42 -20.20
CA LEU F 107 -6.54 -5.44 -20.99
C LEU F 107 -6.92 -4.03 -20.55
N PRO F 108 -5.95 -3.21 -20.09
CA PRO F 108 -6.27 -1.82 -19.67
C PRO F 108 -6.91 -1.01 -20.81
N THR F 109 -8.12 -0.51 -20.54
CA THR F 109 -8.92 0.16 -21.56
C THR F 109 -9.54 1.42 -20.97
N VAL F 110 -9.77 2.45 -21.82
CA VAL F 110 -10.30 3.68 -21.35
C VAL F 110 -11.39 4.16 -22.33
N PHE F 111 -12.54 4.48 -21.75
CA PHE F 111 -13.68 5.02 -22.47
C PHE F 111 -14.05 6.37 -21.87
N ILE F 112 -14.12 7.42 -22.72
CA ILE F 112 -14.57 8.74 -22.24
C ILE F 112 -16.08 8.82 -22.45
N ASP F 113 -16.82 8.75 -21.35
CA ASP F 113 -18.27 8.67 -21.42
C ASP F 113 -18.83 10.08 -21.48
N HIS F 114 -20.01 10.22 -22.08
CA HIS F 114 -20.64 11.53 -22.18
C HIS F 114 -22.12 11.40 -21.97
N ASP F 115 -22.78 12.50 -21.62
CA ASP F 115 -24.18 12.40 -21.25
C ASP F 115 -25.06 12.18 -22.48
N ASP F 116 -24.48 12.34 -23.68
CA ASP F 116 -25.27 12.21 -24.93
C ASP F 116 -24.76 11.03 -25.78
N THR F 117 -24.15 10.05 -25.12
CA THR F 117 -23.75 8.84 -25.79
C THR F 117 -24.99 7.95 -26.03
N PHE F 118 -25.08 7.30 -27.20
CA PHE F 118 -26.17 6.34 -27.44
C PHE F 118 -26.19 5.27 -26.36
N LYS F 119 -27.39 4.94 -25.90
CA LYS F 119 -27.54 3.82 -24.95
C LYS F 119 -27.04 2.53 -25.60
N THR F 120 -27.34 2.33 -26.88
CA THR F 120 -26.89 1.11 -27.54
C THR F 120 -25.37 0.98 -27.44
N LEU F 121 -24.65 2.11 -27.57
CA LEU F 121 -23.22 2.05 -27.51
C LEU F 121 -22.77 1.82 -26.08
N GLU F 122 -23.41 2.45 -25.08
CA GLU F 122 -23.04 2.16 -23.69
C GLU F 122 -23.15 0.65 -23.41
N ASN F 123 -24.26 0.06 -23.85
CA ASN F 123 -24.50 -1.36 -23.60
C ASN F 123 -23.45 -2.19 -24.36
N PHE F 124 -23.13 -1.81 -25.59
CA PHE F 124 -22.18 -2.59 -26.39
C PHE F 124 -20.78 -2.55 -25.76
N ILE F 125 -20.40 -1.38 -25.22
CA ILE F 125 -19.11 -1.26 -24.57
C ILE F 125 -19.08 -2.18 -23.36
N GLU F 126 -20.16 -2.20 -22.59
CA GLU F 126 -20.15 -3.04 -21.41
C GLU F 126 -20.06 -4.51 -21.78
N GLU F 127 -20.83 -4.92 -22.77
CA GLU F 127 -20.89 -6.34 -23.10
C GLU F 127 -19.61 -6.80 -23.79
N THR F 128 -19.02 -5.96 -24.66
CA THR F 128 -17.76 -6.37 -25.26
C THR F 128 -16.58 -6.27 -24.30
N SER F 129 -16.68 -5.42 -23.28
CA SER F 129 -15.67 -5.45 -22.22
C SER F 129 -15.63 -6.79 -21.53
N LEU F 130 -16.80 -7.37 -21.33
CA LEU F 130 -16.87 -8.72 -20.80
C LEU F 130 -16.26 -9.71 -21.78
N ARG F 131 -16.68 -9.67 -23.06
CA ARG F 131 -16.22 -10.65 -24.02
C ARG F 131 -14.70 -10.64 -24.17
N TYR F 132 -14.14 -9.42 -24.24
CA TYR F 132 -12.72 -9.28 -24.57
C TYR F 132 -11.86 -9.10 -23.33
N SER F 133 -12.43 -9.31 -22.15
CA SER F 133 -11.65 -9.18 -20.88
C SER F 133 -10.92 -7.84 -20.81
N LEU F 134 -11.66 -6.77 -21.07
CA LEU F 134 -11.16 -5.42 -20.88
C LEU F 134 -11.28 -4.97 -19.44
N SER F 135 -10.25 -4.28 -18.95
CA SER F 135 -10.31 -3.65 -17.64
C SER F 135 -10.69 -2.21 -17.92
N LEU F 136 -11.96 -1.91 -17.78
CA LEU F 136 -12.49 -0.72 -18.38
C LEU F 136 -12.56 0.43 -17.39
N TYR F 137 -11.83 1.51 -17.65
CA TYR F 137 -12.02 2.81 -16.98
C TYR F 137 -12.98 3.62 -17.79
N GLU F 138 -14.03 4.13 -17.15
CA GLU F 138 -15.00 5.01 -17.82
C GLU F 138 -14.97 6.37 -17.13
N SER F 139 -14.73 7.41 -17.88
CA SER F 139 -14.80 8.77 -17.30
C SER F 139 -16.21 9.09 -16.86
N ASP F 140 -16.32 10.18 -16.10
CA ASP F 140 -17.62 10.52 -15.52
C ASP F 140 -18.57 11.09 -16.57
N ARG F 141 -19.67 10.38 -16.86
CA ARG F 141 -20.64 10.80 -17.86
C ARG F 141 -21.24 12.17 -17.59
N ASP F 142 -21.33 12.55 -16.32
CA ASP F 142 -22.00 13.79 -15.95
C ASP F 142 -21.04 14.82 -15.45
C ASP F 142 -21.07 15.01 -15.84
N LYS F 143 -19.79 14.78 -15.90
N LYS F 143 -19.78 14.77 -15.80
CA LYS F 143 -18.87 15.88 -15.68
C LYS F 143 -18.71 16.66 -16.97
N CYS F 144 -18.88 17.96 -16.92
CA CYS F 144 -18.63 18.79 -18.05
C CYS F 144 -17.14 18.98 -18.15
N GLU F 145 -16.49 18.31 -19.10
CA GLU F 145 -15.06 18.40 -19.26
C GLU F 145 -14.69 18.02 -20.68
N THR F 146 -13.57 18.55 -21.17
CA THR F 146 -13.10 18.18 -22.51
C THR F 146 -12.47 16.79 -22.50
N MET F 147 -12.29 16.21 -23.68
CA MET F 147 -11.62 14.91 -23.73
C MET F 147 -10.23 14.98 -23.14
N ALA F 148 -9.51 16.05 -23.44
CA ALA F 148 -8.18 16.21 -22.88
C ALA F 148 -8.24 16.24 -21.36
N GLU F 149 -9.22 16.95 -20.81
CA GLU F 149 -9.33 16.99 -19.36
C GLU F 149 -9.69 15.62 -18.76
N ALA F 150 -10.53 14.87 -19.46
CA ALA F 150 -10.89 13.54 -18.95
C ALA F 150 -9.61 12.66 -18.94
N PHE F 151 -8.79 12.78 -19.98
CA PHE F 151 -7.54 12.04 -20.01
C PHE F 151 -6.54 12.53 -18.98
N GLU F 152 -6.55 13.83 -18.65
CA GLU F 152 -5.69 14.31 -17.59
C GLU F 152 -6.02 13.58 -16.29
N THR F 153 -7.31 13.45 -16.02
CA THR F 153 -7.72 12.73 -14.81
C THR F 153 -7.30 11.25 -14.88
N PHE F 154 -7.52 10.64 -16.04
CA PHE F 154 -7.09 9.22 -16.23
C PHE F 154 -5.60 9.07 -15.93
N LEU F 155 -4.79 9.99 -16.44
CA LEU F 155 -3.34 9.90 -16.22
C LEU F 155 -2.95 10.14 -14.77
N GLN F 156 -3.76 10.89 -14.02
CA GLN F 156 -3.50 10.97 -12.58
C GLN F 156 -3.75 9.67 -11.85
N VAL F 157 -4.77 8.95 -12.28
CA VAL F 157 -5.10 7.66 -11.69
C VAL F 157 -4.07 6.61 -12.08
N PHE F 158 -3.61 6.67 -13.34
CA PHE F 158 -2.68 5.70 -13.88
C PHE F 158 -1.43 6.39 -14.39
N PRO F 159 -0.61 6.91 -13.47
CA PRO F 159 0.55 7.66 -13.90
C PRO F 159 1.62 6.84 -14.62
N GLU F 160 1.51 5.52 -14.60
CA GLU F 160 2.46 4.67 -15.34
C GLU F 160 2.16 4.70 -16.83
N THR F 161 1.02 5.26 -17.22
CA THR F 161 0.63 5.24 -18.65
C THR F 161 1.63 6.04 -19.48
N LYS F 162 2.15 5.41 -20.52
CA LYS F 162 3.08 6.07 -21.44
C LYS F 162 2.46 6.29 -22.80
N ALA F 163 1.49 5.47 -23.16
CA ALA F 163 0.98 5.49 -24.54
C ALA F 163 -0.47 4.97 -24.52
N ILE F 164 -1.27 5.47 -25.46
CA ILE F 164 -2.66 5.08 -25.58
C ILE F 164 -2.99 4.79 -27.02
N VAL F 165 -3.65 3.64 -27.25
CA VAL F 165 -4.03 3.22 -28.60
C VAL F 165 -5.34 3.90 -29.01
N ILE F 166 -5.39 4.36 -30.27
CA ILE F 166 -6.54 5.11 -30.76
C ILE F 166 -6.89 4.61 -32.18
N GLY F 167 -8.19 4.35 -32.41
CA GLY F 167 -8.65 3.81 -33.69
C GLY F 167 -8.97 4.86 -34.75
N ILE F 168 -8.23 5.95 -34.73
CA ILE F 168 -8.41 7.02 -35.69
C ILE F 168 -7.91 6.61 -37.08
N ARG F 169 -8.60 7.09 -38.10
CA ARG F 169 -8.24 6.84 -39.48
C ARG F 169 -7.92 8.16 -40.18
N HIS F 170 -7.11 8.12 -41.25
CA HIS F 170 -6.72 9.39 -41.87
C HIS F 170 -7.90 10.25 -42.35
N THR F 171 -9.03 9.62 -42.66
CA THR F 171 -10.16 10.37 -43.17
C THR F 171 -11.06 10.93 -42.08
N ASP F 172 -10.76 10.63 -40.84
CA ASP F 172 -11.50 11.25 -39.76
C ASP F 172 -11.12 12.74 -39.69
N PRO F 173 -11.95 13.58 -39.04
CA PRO F 173 -11.63 15.00 -38.94
C PRO F 173 -10.25 15.20 -38.35
N PHE F 174 -9.43 16.03 -39.01
CA PHE F 174 -8.10 16.38 -38.53
C PHE F 174 -7.18 15.18 -38.43
N GLY F 175 -7.56 14.09 -39.10
CA GLY F 175 -6.75 12.88 -39.02
C GLY F 175 -5.73 12.78 -40.12
N GLU F 176 -5.79 13.73 -41.03
CA GLU F 176 -4.94 13.67 -42.17
CA GLU F 176 -5.15 13.47 -42.34
C GLU F 176 -3.56 14.03 -41.63
C GLU F 176 -3.63 13.16 -42.39
N HIS F 177 -2.59 13.29 -42.11
N HIS F 177 -2.88 13.83 -41.55
CA HIS F 177 -1.23 13.54 -41.71
CA HIS F 177 -1.43 13.68 -41.59
C HIS F 177 -0.88 13.27 -40.23
N LEU F 178 -1.78 12.64 -39.47
CA LEU F 178 -1.36 11.98 -38.25
C LEU F 178 -0.33 10.88 -38.56
N LYS F 179 0.40 10.47 -37.53
CA LYS F 179 1.43 9.46 -37.64
C LYS F 179 1.16 8.26 -36.77
N PRO F 180 1.66 7.08 -37.14
CA PRO F 180 1.34 5.91 -36.33
C PRO F 180 1.78 5.98 -34.89
N ILE F 181 2.88 6.68 -34.60
CA ILE F 181 3.35 6.79 -33.23
C ILE F 181 3.80 8.26 -33.05
N GLN F 182 3.10 9.03 -32.24
CA GLN F 182 3.51 10.44 -32.08
C GLN F 182 2.97 10.93 -30.75
N LYS F 183 3.63 11.93 -30.18
CA LYS F 183 3.14 12.51 -28.95
C LYS F 183 1.84 13.23 -29.13
N THR F 184 1.11 13.34 -28.02
CA THR F 184 -0.02 14.28 -27.95
C THR F 184 0.40 15.74 -28.19
N ASP F 185 -0.59 16.60 -28.48
CA ASP F 185 -0.33 18.02 -28.58
C ASP F 185 -0.06 18.66 -27.21
N ALA F 186 0.43 19.91 -27.24
CA ALA F 186 0.82 20.62 -26.00
C ALA F 186 -0.30 20.85 -24.98
N ASN F 187 -1.54 20.95 -25.48
CA ASN F 187 -2.69 21.21 -24.61
C ASN F 187 -3.29 19.96 -24.02
N TRP F 188 -2.69 18.79 -24.34
CA TRP F 188 -3.13 17.52 -23.82
C TRP F 188 -2.18 17.07 -22.72
N PRO F 189 -2.62 16.12 -21.90
CA PRO F 189 -1.67 15.39 -21.10
C PRO F 189 -0.61 14.73 -21.97
N ASP F 190 0.55 14.53 -21.39
CA ASP F 190 1.70 14.02 -22.15
C ASP F 190 1.72 12.51 -22.20
N PHE F 191 1.47 11.97 -23.40
CA PHE F 191 1.68 10.57 -23.65
C PHE F 191 1.83 10.38 -25.17
N TYR F 192 2.24 9.19 -25.59
CA TYR F 192 2.26 8.83 -26.98
C TYR F 192 0.91 8.33 -27.46
N ARG F 193 0.49 8.87 -28.59
CA ARG F 193 -0.61 8.33 -29.34
C ARG F 193 -0.15 7.19 -30.25
N LEU F 194 -0.76 6.03 -30.09
CA LEU F 194 -0.47 4.89 -30.93
C LEU F 194 -1.68 4.75 -31.87
N GLN F 195 -1.44 5.01 -33.15
CA GLN F 195 -2.50 5.17 -34.15
C GLN F 195 -2.23 4.21 -35.32
N PRO F 196 -2.43 2.89 -35.08
CA PRO F 196 -2.03 1.91 -36.03
C PRO F 196 -3.04 1.58 -37.11
N LEU F 197 -4.16 2.32 -37.13
CA LEU F 197 -5.25 2.07 -38.07
C LEU F 197 -5.36 3.18 -39.11
N LEU F 198 -4.40 4.11 -39.16
CA LEU F 198 -4.61 5.32 -39.92
C LEU F 198 -4.87 5.06 -41.38
N HIS F 199 -4.20 4.06 -41.94
CA HIS F 199 -4.25 3.79 -43.38
C HIS F 199 -5.46 2.92 -43.77
N TRP F 200 -6.31 2.53 -42.81
CA TRP F 200 -7.50 1.73 -43.16
C TRP F 200 -8.62 2.64 -43.72
N ASN F 201 -9.23 2.18 -44.80
CA ASN F 201 -10.41 2.87 -45.33
C ASN F 201 -11.69 2.14 -44.93
N LEU F 202 -12.83 2.72 -45.24
CA LEU F 202 -14.08 2.17 -44.80
C LEU F 202 -14.33 0.73 -45.31
N ALA F 203 -13.97 0.46 -46.57
CA ALA F 203 -14.15 -0.85 -47.14
C ALA F 203 -13.31 -1.88 -46.38
N ASN F 204 -12.10 -1.51 -45.97
CA ASN F 204 -11.25 -2.42 -45.23
C ASN F 204 -11.91 -2.75 -43.88
N ILE F 205 -12.39 -1.71 -43.21
CA ILE F 205 -13.04 -1.87 -41.91
C ILE F 205 -14.22 -2.84 -42.04
N TRP F 206 -15.11 -2.63 -43.00
CA TRP F 206 -16.27 -3.51 -43.07
C TRP F 206 -15.88 -4.92 -43.45
N SER F 207 -14.95 -5.06 -44.40
CA SER F 207 -14.57 -6.40 -44.83
C SER F 207 -14.07 -7.21 -43.66
N PHE F 208 -13.13 -6.65 -42.90
CA PHE F 208 -12.55 -7.40 -41.82
C PHE F 208 -13.58 -7.62 -40.70
N LEU F 209 -14.35 -6.57 -40.36
CA LEU F 209 -15.25 -6.69 -39.22
C LEU F 209 -16.37 -7.69 -39.53
N LEU F 210 -16.87 -7.70 -40.76
CA LEU F 210 -17.93 -8.67 -41.13
C LEU F 210 -17.35 -10.09 -41.16
N TYR F 211 -16.14 -10.26 -41.69
CA TYR F 211 -15.56 -11.60 -41.71
C TYR F 211 -15.31 -12.11 -40.30
N SER F 212 -15.02 -11.22 -39.34
CA SER F 212 -14.60 -11.66 -38.03
C SER F 212 -15.65 -12.48 -37.30
N ASN F 213 -16.91 -12.28 -37.66
CA ASN F 213 -18.03 -12.88 -36.92
C ASN F 213 -18.09 -12.44 -35.46
N GLU F 214 -17.53 -11.27 -35.16
CA GLU F 214 -17.71 -10.68 -33.85
C GLU F 214 -19.01 -9.91 -33.82
N PRO F 215 -19.61 -9.78 -32.62
CA PRO F 215 -20.78 -8.86 -32.54
C PRO F 215 -20.36 -7.44 -32.90
N ILE F 216 -21.18 -6.75 -33.67
CA ILE F 216 -20.94 -5.37 -34.15
C ILE F 216 -22.02 -4.49 -33.50
N CYS F 217 -21.68 -3.27 -33.12
CA CYS F 217 -22.71 -2.41 -32.56
C CYS F 217 -23.91 -2.36 -33.51
N GLU F 218 -25.11 -2.63 -32.98
CA GLU F 218 -26.26 -2.78 -33.87
C GLU F 218 -26.72 -1.50 -34.51
N LEU F 219 -26.23 -0.34 -34.05
CA LEU F 219 -26.57 0.87 -34.79
C LEU F 219 -26.15 0.77 -36.25
N TYR F 220 -25.01 0.13 -36.53
CA TYR F 220 -24.59 0.04 -37.93
C TYR F 220 -25.56 -0.78 -38.77
N ARG F 221 -26.14 -1.82 -38.21
CA ARG F 221 -27.15 -2.63 -38.92
C ARG F 221 -28.33 -1.78 -39.37
N TYR F 222 -28.62 -0.72 -38.60
CA TYR F 222 -29.79 0.12 -38.91
C TYR F 222 -29.47 1.33 -39.77
N GLY F 223 -28.26 1.38 -40.35
CA GLY F 223 -27.94 2.39 -41.35
C GLY F 223 -26.96 3.45 -40.91
N PHE F 224 -26.51 3.42 -39.65
CA PHE F 224 -25.46 4.33 -39.23
C PHE F 224 -24.11 3.90 -39.80
N THR F 225 -23.30 4.88 -40.15
CA THR F 225 -21.95 4.62 -40.57
C THR F 225 -20.86 5.28 -39.72
N SER F 226 -21.29 6.11 -38.78
CA SER F 226 -20.41 6.87 -37.91
C SER F 226 -21.20 7.19 -36.69
N LEU F 227 -20.68 6.93 -35.51
CA LEU F 227 -21.45 7.11 -34.28
C LEU F 227 -21.02 8.33 -33.53
N GLY F 228 -21.70 9.45 -33.73
CA GLY F 228 -21.50 10.60 -32.88
C GLY F 228 -22.49 10.55 -31.74
N ASN F 229 -22.89 11.71 -31.25
CA ASN F 229 -23.77 11.72 -30.10
C ASN F 229 -25.24 11.50 -30.53
N VAL F 230 -26.06 11.24 -29.54
CA VAL F 230 -27.43 10.83 -29.78
C VAL F 230 -28.28 11.91 -30.41
N GLU F 231 -27.94 13.19 -30.17
CA GLU F 231 -28.74 14.22 -30.80
C GLU F 231 -28.34 14.45 -32.26
N GLU F 232 -27.06 14.41 -32.58
CA GLU F 232 -26.62 14.84 -33.86
C GLU F 232 -26.61 13.73 -34.90
N THR F 233 -26.58 12.46 -34.48
CA THR F 233 -26.27 11.37 -35.41
C THR F 233 -27.50 10.74 -35.97
N LEU F 234 -27.53 10.57 -37.27
CA LEU F 234 -28.64 9.91 -37.95
C LEU F 234 -28.13 8.77 -38.83
N PRO F 235 -29.02 7.87 -39.25
CA PRO F 235 -28.58 6.93 -40.29
C PRO F 235 -28.11 7.70 -41.51
N ASN F 236 -27.21 7.12 -42.26
CA ASN F 236 -26.61 7.83 -43.37
C ASN F 236 -27.62 8.05 -44.49
N PRO F 237 -27.83 9.32 -44.92
CA PRO F 237 -28.85 9.56 -45.98
C PRO F 237 -28.49 8.88 -47.30
N HIS F 238 -27.20 8.60 -47.53
CA HIS F 238 -26.83 7.92 -48.78
C HIS F 238 -27.23 6.47 -48.79
N LEU F 239 -27.68 5.95 -47.64
CA LEU F 239 -28.15 4.57 -47.49
C LEU F 239 -29.66 4.47 -47.40
N ARG F 240 -30.39 5.56 -47.65
CA ARG F 240 -31.83 5.49 -47.60
C ARG F 240 -32.31 4.63 -48.73
N LYS F 241 -33.25 3.75 -48.41
CA LYS F 241 -33.89 2.95 -49.43
C LYS F 241 -34.95 3.75 -50.20
N ASP F 242 -35.01 3.54 -51.49
CA ASP F 242 -35.94 4.29 -52.31
C ASP F 242 -36.35 3.40 -53.48
N LYS F 243 -37.63 3.10 -53.59
CA LYS F 243 -38.15 2.24 -54.66
C LYS F 243 -37.67 2.70 -56.03
N ASN F 244 -37.56 4.02 -56.20
CA ASN F 244 -37.30 4.58 -57.53
C ASN F 244 -35.82 4.83 -57.75
N SER F 245 -34.99 4.01 -57.13
CA SER F 245 -33.56 4.08 -57.34
C SER F 245 -32.97 2.70 -57.55
N THR F 246 -31.78 2.68 -58.16
CA THR F 246 -30.98 1.47 -58.26
C THR F 246 -30.61 0.97 -56.85
N PRO F 247 -30.87 -0.31 -56.58
CA PRO F 247 -30.43 -0.89 -55.30
C PRO F 247 -28.90 -0.81 -55.14
N LEU F 248 -28.45 -0.57 -53.91
CA LEU F 248 -27.02 -0.46 -53.64
C LEU F 248 -26.31 -1.82 -53.67
N LYS F 249 -25.06 -1.81 -54.11
CA LYS F 249 -24.25 -3.02 -54.20
C LYS F 249 -23.70 -3.43 -52.83
N LEU F 250 -23.81 -4.72 -52.52
CA LEU F 250 -23.09 -5.27 -51.36
C LEU F 250 -21.71 -5.75 -51.79
N ASN F 251 -20.68 -5.20 -51.18
CA ASN F 251 -19.30 -5.58 -51.50
C ASN F 251 -18.76 -6.72 -50.66
N PHE F 252 -19.54 -7.18 -49.68
CA PHE F 252 -19.02 -8.04 -48.62
C PHE F 252 -19.81 -9.31 -48.47
N GLU F 253 -20.48 -9.71 -49.54
CA GLU F 253 -21.25 -10.96 -49.44
C GLU F 253 -20.38 -12.16 -49.06
N TRP F 254 -19.20 -12.25 -49.68
CA TRP F 254 -18.33 -13.39 -49.42
C TRP F 254 -17.95 -13.43 -47.94
N GLU F 255 -17.54 -12.28 -47.41
CA GLU F 255 -17.08 -12.22 -46.03
C GLU F 255 -18.18 -12.64 -45.08
N ILE F 256 -19.40 -12.19 -45.33
CA ILE F 256 -20.50 -12.55 -44.46
C ILE F 256 -20.77 -14.05 -44.53
N GLU F 257 -20.83 -14.56 -45.74
CA GLU F 257 -21.22 -15.96 -45.94
C GLU F 257 -20.12 -16.89 -45.46
N ASN F 258 -18.88 -16.42 -45.49
CA ASN F 258 -17.74 -17.24 -45.08
C ASN F 258 -17.08 -16.79 -43.79
N ARG F 259 -17.86 -16.11 -42.97
CA ARG F 259 -17.28 -15.54 -41.77
C ARG F 259 -16.74 -16.59 -40.81
N TYR F 260 -15.79 -16.16 -40.00
CA TYR F 260 -14.99 -17.07 -39.21
C TYR F 260 -15.84 -17.82 -38.21
N LYS F 261 -15.77 -19.14 -38.26
CA LYS F 261 -16.63 -19.96 -37.42
C LYS F 261 -16.17 -20.06 -35.96
N HIS F 262 -17.13 -20.14 -35.06
CA HIS F 262 -16.82 -20.26 -33.65
C HIS F 262 -17.05 -21.66 -33.11
N ASN F 263 -16.54 -21.87 -31.91
CA ASN F 263 -16.74 -23.13 -31.20
C ASN F 263 -17.34 -22.82 -29.84
N GLU F 264 -17.37 -23.79 -28.91
CA GLU F 264 -18.06 -23.52 -27.66
C GLU F 264 -17.34 -22.45 -26.85
N VAL F 265 -16.03 -22.34 -27.00
CA VAL F 265 -15.28 -21.33 -26.25
C VAL F 265 -15.49 -19.93 -26.84
N THR F 266 -15.52 -19.82 -28.17
CA THR F 266 -15.46 -18.51 -28.81
C THR F 266 -16.85 -17.99 -29.24
N LYS F 267 -17.89 -18.79 -29.11
CA LYS F 267 -19.22 -18.39 -29.52
C LYS F 267 -19.64 -17.08 -28.86
N ALA F 268 -20.34 -16.24 -29.60
CA ALA F 268 -20.70 -14.91 -29.06
C ALA F 268 -22.14 -14.76 -28.61
N GLU F 269 -22.36 -14.19 -27.43
CA GLU F 269 -23.73 -13.87 -27.00
C GLU F 269 -24.17 -12.62 -27.78
N PRO F 270 -25.43 -12.56 -28.23
CA PRO F 270 -25.96 -11.39 -28.96
C PRO F 270 -25.90 -10.14 -28.12
N ILE F 271 -25.57 -9.00 -28.75
CA ILE F 271 -25.60 -7.71 -28.10
C ILE F 271 -26.54 -6.82 -28.85
N PRO F 272 -27.80 -6.80 -28.44
CA PRO F 272 -28.88 -6.15 -29.14
C PRO F 272 -28.87 -4.62 -29.05
N ILE F 273 -29.47 -3.99 -30.05
CA ILE F 273 -29.80 -2.59 -29.98
C ILE F 273 -30.60 -2.25 -28.74
N ALA F 274 -30.38 -1.07 -28.17
CA ALA F 274 -31.15 -0.66 -27.02
C ALA F 274 -32.57 -0.28 -27.42
N ASP F 275 -33.53 -0.56 -26.56
CA ASP F 275 -34.92 -0.22 -26.88
C ASP F 275 -35.11 1.26 -27.20
N GLU F 276 -34.42 2.13 -26.48
CA GLU F 276 -34.68 3.55 -26.70
C GLU F 276 -34.21 3.98 -28.07
N ASP F 277 -33.17 3.33 -28.60
CA ASP F 277 -32.66 3.69 -29.89
C ASP F 277 -33.46 3.05 -31.01
N LEU F 278 -34.00 1.86 -30.76
CA LEU F 278 -34.84 1.22 -31.71
C LEU F 278 -36.12 2.04 -31.91
N VAL F 279 -36.69 2.56 -30.81
CA VAL F 279 -37.89 3.44 -30.90
C VAL F 279 -37.58 4.59 -31.81
N LYS F 280 -36.43 5.22 -31.58
CA LYS F 280 -36.01 6.36 -32.34
C LYS F 280 -35.90 6.01 -33.83
N ILE F 281 -35.21 4.92 -34.15
CA ILE F 281 -34.95 4.58 -35.55
C ILE F 281 -36.22 4.15 -36.30
N GLU F 282 -37.05 3.39 -35.63
CA GLU F 282 -38.25 2.85 -36.23
C GLU F 282 -39.30 3.92 -36.47
N ASN F 283 -39.12 5.11 -35.89
CA ASN F 283 -40.03 6.22 -36.11
C ASN F 283 -39.46 7.35 -37.01
N LEU F 284 -38.35 7.06 -37.68
CA LEU F 284 -37.90 7.89 -38.78
C LEU F 284 -38.79 7.84 -40.01
N HIS F 285 -39.54 6.75 -40.09
CA HIS F 285 -40.35 6.47 -41.31
C HIS F 285 -39.58 6.57 -42.65
N GLU F 286 -38.31 6.22 -42.61
CA GLU F 286 -37.53 5.90 -43.81
C GLU F 286 -36.75 4.72 -43.37
N ASP F 287 -36.34 3.90 -44.32
CA ASP F 287 -35.56 2.71 -43.99
C ASP F 287 -34.22 2.82 -44.67
N TYR F 288 -33.23 2.14 -44.13
CA TYR F 288 -31.84 2.33 -44.58
C TYR F 288 -31.18 0.99 -44.77
N TYR F 289 -30.30 0.89 -45.78
CA TYR F 289 -29.35 -0.22 -45.82
C TYR F 289 -28.43 -0.16 -44.61
N PRO F 290 -27.91 -1.31 -44.19
CA PRO F 290 -26.91 -1.24 -43.11
C PRO F 290 -25.64 -0.52 -43.55
N GLY F 291 -24.85 -0.10 -42.58
CA GLY F 291 -23.72 0.79 -42.84
C GLY F 291 -22.72 0.23 -43.78
N TRP F 292 -22.60 -1.11 -43.81
CA TRP F 292 -21.65 -1.75 -44.74
C TRP F 292 -22.02 -1.68 -46.22
N TYR F 293 -23.13 -1.04 -46.55
CA TYR F 293 -23.39 -0.64 -47.93
C TYR F 293 -22.72 0.69 -48.31
N LEU F 294 -22.06 1.34 -47.35
CA LEU F 294 -21.27 2.54 -47.66
C LEU F 294 -19.80 2.20 -47.69
N VAL F 295 -19.16 2.45 -48.84
CA VAL F 295 -17.71 2.30 -48.94
C VAL F 295 -17.02 3.62 -49.33
N ASP F 296 -17.78 4.69 -49.56
CA ASP F 296 -17.17 6.00 -49.92
C ASP F 296 -16.83 6.75 -48.63
N ASP F 297 -15.55 6.77 -48.29
CA ASP F 297 -15.07 7.41 -47.07
C ASP F 297 -15.52 8.86 -46.88
N LYS F 298 -15.65 9.58 -48.00
CA LYS F 298 -16.02 10.98 -47.95
C LYS F 298 -17.41 11.16 -47.37
N LEU F 299 -18.23 10.11 -47.38
CA LEU F 299 -19.61 10.22 -46.96
C LEU F 299 -19.86 9.63 -45.58
N GLU F 300 -18.80 9.18 -44.92
CA GLU F 300 -18.95 8.44 -43.68
C GLU F 300 -19.72 9.21 -42.62
N ARG F 301 -19.53 10.52 -42.56
CA ARG F 301 -20.17 11.35 -41.51
C ARG F 301 -21.41 12.10 -42.03
N ALA F 302 -21.97 11.65 -43.16
CA ALA F 302 -23.08 12.40 -43.76
C ALA F 302 -24.37 12.32 -42.91
N GLY F 303 -24.46 11.30 -42.05
CA GLY F 303 -25.63 11.15 -41.14
C GLY F 303 -25.57 12.05 -39.92
N ARG F 304 -25.88 13.34 -40.14
CA ARG F 304 -25.86 14.36 -39.06
C ARG F 304 -27.01 15.34 -39.21
N ILE F 305 -27.55 15.78 -38.09
CA ILE F 305 -28.52 16.85 -38.05
C ILE F 305 -27.89 18.12 -38.56
N LYS F 306 -28.66 18.90 -39.31
CA LYS F 306 -28.15 20.13 -39.89
C LYS F 306 -28.09 21.18 -38.81
N LYS F 307 -26.96 21.86 -38.72
CA LYS F 307 -26.76 22.94 -37.76
C LYS F 307 -26.18 24.15 -38.46
N LYS F 308 -26.44 25.31 -37.86
CA LYS F 308 -25.66 26.52 -38.15
C LYS F 308 -24.30 26.48 -37.43
P1 POP G . -35.82 -16.23 -4.03
O1 POP G . -36.47 -14.91 -3.89
O2 POP G . -36.06 -17.12 -2.84
O3 POP G . -36.24 -16.88 -5.29
O POP G . -34.25 -15.97 -4.12
P2 POP G . -32.96 -16.92 -3.96
O4 POP G . -32.76 -17.60 -5.34
O5 POP G . -33.22 -17.98 -2.94
O6 POP G . -31.79 -16.03 -3.67
PA FAD H . -34.90 -20.59 -3.83
O1A FAD H . -35.29 -19.81 -5.09
O2A FAD H . -35.22 -19.99 -2.53
O5B FAD H . -33.35 -20.96 -4.02
C5B FAD H . -32.64 -21.49 -2.90
C4B FAD H . -31.15 -21.48 -3.24
O4B FAD H . -30.86 -22.39 -4.28
C3B FAD H . -30.67 -20.13 -3.80
O3B FAD H . -30.40 -19.17 -2.81
C2B FAD H . -29.45 -20.47 -4.61
O2B FAD H . -28.25 -20.66 -3.80
C1B FAD H . -29.85 -21.86 -5.16
N9A FAD H . -30.46 -21.75 -6.48
C8A FAD H . -31.79 -21.78 -6.80
N7A FAD H . -31.90 -21.71 -8.16
C5A FAD H . -30.66 -21.62 -8.69
C6A FAD H . -30.17 -21.51 -9.98
N6A FAD H . -30.96 -21.47 -11.05
N1A FAD H . -28.81 -21.46 -10.14
C2A FAD H . -27.99 -21.50 -9.08
N3A FAD H . -28.43 -21.60 -7.80
C4A FAD H . -29.76 -21.65 -7.64
N1 FAD H . -31.84 -31.06 -3.85
C2 FAD H . -31.91 -32.36 -3.44
O2 FAD H . -33.00 -32.92 -3.23
N3 FAD H . -30.79 -33.07 -3.22
C4 FAD H . -29.53 -32.54 -3.44
O4 FAD H . -28.54 -33.25 -3.24
C4X FAD H . -29.44 -31.21 -3.88
N5 FAD H . -28.19 -30.66 -4.15
C5X FAD H . -28.16 -29.32 -4.58
C6 FAD H . -26.92 -28.73 -4.83
C7 FAD H . -26.86 -27.42 -5.30
C7M FAD H . -25.53 -26.78 -5.55
C8 FAD H . -28.06 -26.71 -5.51
C8M FAD H . -28.04 -25.28 -6.01
C9 FAD H . -29.29 -27.29 -5.26
C9A FAD H . -29.35 -28.61 -4.77
N10 FAD H . -30.57 -29.20 -4.52
C10 FAD H . -30.62 -30.50 -4.13
C1' FAD H . -31.85 -28.43 -4.82
C2' FAD H . -32.11 -27.38 -3.74
O2' FAD H . -32.32 -28.04 -2.50
C3' FAD H . -33.32 -26.51 -4.12
O3' FAD H . -34.43 -27.39 -4.25
C4' FAD H . -33.06 -25.78 -5.45
O4' FAD H . -31.88 -24.99 -5.37
C5' FAD H . -34.19 -24.86 -5.92
O5' FAD H . -34.42 -23.95 -4.85
P FAD H . -35.82 -23.20 -4.74
O1P FAD H . -35.96 -22.73 -6.03
O2P FAD H . -36.93 -24.05 -4.16
O3P FAD H . -35.60 -22.01 -3.73
MG MG I . -34.79 -18.20 -1.64
MG MG J . -36.55 -18.74 -6.21
MG MG K . -25.73 -19.12 -21.72
P1 POP L . 33.89 -1.33 9.19
O1 POP L . 32.61 -1.01 8.55
O2 POP L . 33.80 -1.15 10.72
O3 POP L . 34.42 -2.72 8.87
O POP L . 34.95 -0.23 8.73
P2 POP L . 36.55 -0.21 8.68
O4 POP L . 37.00 -1.51 8.16
O5 POP L . 36.98 0.00 10.12
O6 POP L . 36.97 0.96 7.83
PA FAD M . 36.52 -4.06 10.91
O1A FAD M . 36.75 -2.69 11.54
O2A FAD M . 36.80 -4.19 9.46
O5B FAD M . 35.05 -4.53 11.37
C5B FAD M . 34.51 -5.68 10.78
C4B FAD M . 33.02 -5.78 11.15
O4B FAD M . 32.84 -6.06 12.52
C3B FAD M . 32.28 -4.46 10.97
O3B FAD M . 31.90 -4.29 9.61
C2B FAD M . 31.10 -4.53 11.90
O2B FAD M . 30.00 -5.33 11.42
C1B FAD M . 31.73 -5.32 13.05
N9A FAD M . 32.30 -4.42 14.06
C8A FAD M . 33.59 -4.03 14.23
N7A FAD M . 33.67 -3.25 15.33
C5A FAD M . 32.41 -3.12 15.83
C6A FAD M . 31.90 -2.45 16.93
N6A FAD M . 32.66 -1.73 17.73
N1A FAD M . 30.56 -2.55 17.18
C2A FAD M . 29.73 -3.28 16.37
N3A FAD M . 30.22 -3.98 15.27
C4A FAD M . 31.54 -3.88 15.03
N1 FAD M . 35.72 -13.31 16.81
C2 FAD M . 36.04 -14.59 17.16
O2 FAD M . 37.23 -14.93 17.18
N3 FAD M . 35.05 -15.48 17.43
C4 FAD M . 33.73 -15.11 17.42
O4 FAD M . 32.87 -15.96 17.70
C4X FAD M . 33.38 -13.80 17.08
N5 FAD M . 32.06 -13.42 17.05
C5X FAD M . 31.72 -12.08 16.70
C6 FAD M . 30.39 -11.67 16.69
C7 FAD M . 30.08 -10.34 16.37
C7M FAD M . 28.62 -9.95 16.33
C8 FAD M . 31.10 -9.45 16.07
C8M FAD M . 30.78 -8.00 15.74
C9 FAD M . 32.42 -9.86 16.09
C9A FAD M . 32.72 -11.19 16.42
N10 FAD M . 34.03 -11.62 16.44
C10 FAD M . 34.40 -12.90 16.79
C1' FAD M . 35.10 -10.58 16.19
C2' FAD M . 35.17 -10.24 14.68
O2' FAD M . 35.60 -11.38 13.93
C3' FAD M . 36.13 -9.05 14.46
O3' FAD M . 37.36 -9.42 15.07
C4' FAD M . 35.63 -7.78 15.17
O4' FAD M . 34.29 -7.43 14.78
C5' FAD M . 36.54 -6.57 15.01
O5' FAD M . 36.63 -6.27 13.62
P FAD M . 37.86 -5.40 13.09
O1P FAD M . 37.87 -4.21 13.92
O2P FAD M . 39.17 -6.18 13.08
O3P FAD M . 37.49 -5.15 11.57
MG MG N . 36.04 -3.29 7.80
MG MG O . 38.01 -2.42 15.11
MG MG P . 37.73 -0.99 11.81
S SO4 Q . -1.70 -4.60 6.80
O1 SO4 Q . -0.66 -5.56 7.14
O2 SO4 Q . -2.73 -5.27 6.00
O3 SO4 Q . -2.29 -4.07 8.04
O4 SO4 Q . -1.19 -3.48 6.02
C2 BGC R . 15.69 -22.95 13.47
C3 BGC R . 16.88 -22.80 14.41
C4 BGC R . 18.18 -23.16 13.74
C5 BGC R . 18.30 -22.39 12.44
C6 BGC R . 19.65 -22.70 11.80
C1 BGC R . 15.94 -22.61 12.00
O1 BGC R . 15.07 -23.46 11.25
O2 BGC R . 14.64 -22.13 14.02
O3 BGC R . 16.62 -23.70 15.51
O4 BGC R . 19.31 -22.81 14.54
O5 BGC R . 17.27 -22.85 11.56
O6 BGC R . 19.56 -23.98 11.19
P1 POP S . -44.52 -23.48 -33.71
O1 POP S . -45.87 -22.93 -33.98
O2 POP S . -43.81 -23.83 -35.04
O3 POP S . -43.62 -22.57 -32.88
O POP S . -44.74 -24.88 -32.95
P2 POP S . -43.75 -25.76 -32.00
O4 POP S . -43.09 -24.83 -31.05
O5 POP S . -42.79 -26.50 -32.89
O6 POP S . -44.62 -26.72 -31.29
PA FAD T . -40.42 -23.02 -33.10
O1A FAD T . -40.71 -24.38 -33.71
O2A FAD T . -41.02 -22.79 -31.77
O5B FAD T . -40.76 -21.93 -34.20
C5B FAD T . -40.84 -20.56 -33.80
C4B FAD T . -41.50 -19.76 -34.93
O4B FAD T . -40.69 -19.70 -36.10
C3B FAD T . -42.82 -20.35 -35.44
O3B FAD T . -43.93 -20.06 -34.63
C2B FAD T . -42.94 -19.84 -36.86
O2B FAD T . -43.49 -18.53 -36.94
C1B FAD T . -41.47 -19.79 -37.30
N9A FAD T . -41.06 -21.02 -38.02
C8A FAD T . -40.36 -22.08 -37.48
N7A FAD T . -40.16 -22.98 -38.47
C5A FAD T . -40.71 -22.49 -39.62
C6A FAD T . -40.81 -22.96 -40.91
N6A FAD T . -40.29 -24.11 -41.27
N1A FAD T . -41.45 -22.17 -41.83
C2A FAD T . -41.99 -20.96 -41.52
N3A FAD T . -41.92 -20.49 -40.24
C4A FAD T . -41.27 -21.25 -39.33
N1 FAD T . -32.71 -16.22 -36.66
C2 FAD T . -31.60 -15.43 -36.49
O2 FAD T . -30.67 -15.79 -35.77
N3 FAD T . -31.53 -14.19 -37.08
C4 FAD T . -32.54 -13.74 -37.89
O4 FAD T . -32.44 -12.64 -38.40
C4X FAD T . -33.66 -14.54 -38.06
N5 FAD T . -34.71 -14.11 -38.89
C5X FAD T . -35.81 -14.93 -39.05
C6 FAD T . -36.87 -14.52 -39.83
C7 FAD T . -37.99 -15.34 -40.03
C7M FAD T . -39.14 -14.88 -40.91
C8 FAD T . -38.04 -16.59 -39.42
C8M FAD T . -39.23 -17.50 -39.63
C9 FAD T . -37.00 -17.02 -38.61
C9A FAD T . -35.87 -16.19 -38.42
N10 FAD T . -34.81 -16.60 -37.63
C10 FAD T . -33.72 -15.78 -37.45
C1' FAD T . -34.80 -17.94 -36.99
C2' FAD T . -35.80 -18.02 -35.82
O2' FAD T . -35.32 -17.17 -34.77
C3' FAD T . -35.98 -19.44 -35.28
O3' FAD T . -34.68 -19.87 -34.82
C4' FAD T . -36.53 -20.39 -36.35
O4' FAD T . -37.77 -19.89 -36.83
C5' FAD T . -36.75 -21.81 -35.88
O5' FAD T . -37.57 -21.73 -34.72
P FAD T . -37.58 -22.96 -33.69
O1P FAD T . -37.72 -24.06 -34.59
O2P FAD T . -36.40 -23.00 -32.71
O3P FAD T . -38.88 -22.75 -32.82
MG MG U . -42.87 -22.78 -31.01
P1 POP V . 45.24 11.78 37.05
O1 POP V . 46.46 12.61 36.83
O2 POP V . 44.57 12.10 38.39
O3 POP V . 44.22 11.83 35.97
O POP V . 45.81 10.28 37.20
P2 POP V . 45.08 8.85 36.97
O4 POP V . 44.29 8.91 35.70
O5 POP V . 44.15 8.62 38.16
O6 POP V . 46.15 7.82 36.95
PA FAD W . 41.27 10.74 36.68
O1A FAD W . 41.79 10.41 35.31
O2A FAD W . 41.86 10.00 37.88
O5B FAD W . 41.30 12.33 36.99
C5B FAD W . 41.00 13.23 35.93
C4B FAD W . 41.43 14.64 36.34
O4B FAD W . 40.62 15.12 37.39
C3B FAD W . 42.84 14.73 36.92
O3B FAD W . 43.84 14.79 35.94
C2B FAD W . 42.81 15.97 37.80
O2B FAD W . 42.98 17.15 37.02
C1B FAD W . 41.38 15.92 38.30
N9A FAD W . 41.26 15.28 39.62
C8A FAD W . 40.86 14.00 39.89
N7A FAD W . 40.84 13.83 41.21
C5A FAD W . 41.17 15.01 41.81
C6A FAD W . 41.33 15.43 43.12
N6A FAD W . 41.04 14.62 44.13
N1A FAD W . 41.71 16.72 43.38
C2A FAD W . 41.95 17.55 42.32
N3A FAD W . 41.81 17.18 40.99
C4A FAD W . 41.44 15.91 40.78
N1 FAD W . 32.32 16.49 36.45
C2 FAD W . 31.11 16.76 35.92
O2 FAD W . 30.37 15.80 35.67
N3 FAD W . 30.71 18.04 35.66
C4 FAD W . 31.53 19.09 35.97
O4 FAD W . 31.12 20.25 35.75
C4X FAD W . 32.78 18.85 36.52
N5 FAD W . 33.64 19.87 36.86
C5X FAD W . 34.88 19.57 37.38
C6 FAD W . 35.74 20.59 37.70
C7 FAD W . 37.01 20.32 38.27
C7M FAD W . 37.94 21.49 38.58
C8 FAD W . 37.41 18.99 38.48
C8M FAD W . 38.76 18.60 39.07
C9 FAD W . 36.53 17.98 38.15
C9A FAD W . 35.25 18.24 37.61
N10 FAD W . 34.38 17.24 37.28
C10 FAD W . 33.16 17.51 36.74
C1' FAD W . 34.71 15.80 37.61
C2' FAD W . 35.74 15.27 36.59
O2' FAD W . 35.16 15.29 35.31
C3' FAD W . 36.16 13.84 36.94
O3' FAD W . 35.04 12.97 36.93
C4' FAD W . 36.77 13.82 38.33
O4' FAD W . 37.84 14.75 38.43
C5' FAD W . 37.25 12.43 38.71
O5' FAD W . 38.19 12.00 37.75
P FAD W . 38.67 10.46 37.89
O1P FAD W . 39.27 10.29 39.28
O2P FAD W . 37.61 9.44 37.69
O3P FAD W . 39.75 10.38 36.62
MG MG X . 43.69 10.45 34.51
S SO4 Y . 60.54 43.87 37.72
O1 SO4 Y . 61.59 42.87 37.74
O2 SO4 Y . 59.28 43.41 37.16
O3 SO4 Y . 60.27 44.38 39.06
O4 SO4 Y . 60.97 44.98 36.87
S SO4 Z . 56.10 7.19 55.57
O1 SO4 Z . 57.25 8.08 55.69
O2 SO4 Z . 56.50 6.02 54.75
O3 SO4 Z . 55.65 6.76 56.89
O4 SO4 Z . 55.00 7.84 54.86
P1 POP AA . 12.04 27.17 24.95
O1 POP AA . 13.23 27.43 25.82
O2 POP AA . 10.77 27.74 25.52
O3 POP AA . 12.29 27.67 23.53
O POP AA . 11.86 25.55 24.89
P2 POP AA . 10.61 24.62 24.40
O4 POP AA . 10.74 24.48 22.88
O5 POP AA . 9.30 25.32 24.69
O6 POP AA . 10.78 23.29 25.05
PA FAD BA . 8.36 27.60 22.67
O1A FAD BA . 9.80 27.74 22.20
O2A FAD BA . 8.20 27.94 24.13
O5B FAD BA . 7.78 26.20 22.13
C5B FAD BA . 6.50 25.79 22.61
C4B FAD BA . 6.21 24.32 22.24
O4B FAD BA . 6.03 24.17 20.84
C3B FAD BA . 7.39 23.38 22.53
O3B FAD BA . 7.45 22.98 23.88
C2B FAD BA . 7.25 22.22 21.56
O2B FAD BA . 6.29 21.26 22.01
C1B FAD BA . 6.64 22.97 20.37
N9A FAD BA . 7.66 23.34 19.39
C8A FAD BA . 8.27 24.56 19.25
N7A FAD BA . 9.12 24.50 18.21
C5A FAD BA . 9.05 23.24 17.70
C6A FAD BA . 9.69 22.60 16.64
N6A FAD BA . 10.50 23.27 15.81
N1A FAD BA . 9.39 21.29 16.40
C2A FAD BA . 8.48 20.57 17.14
N3A FAD BA . 7.86 21.23 18.19
C4A FAD BA . 8.14 22.52 18.44
N1 FAD BA . -0.29 27.75 16.53
C2 FAD BA . -1.49 28.32 16.22
O2 FAD BA . -1.57 29.58 16.23
N3 FAD BA . -2.57 27.53 15.91
C4 FAD BA . -2.44 26.14 15.90
O4 FAD BA . -3.39 25.43 15.63
C4X FAD BA . -1.21 25.56 16.25
N5 FAD BA . -1.05 24.19 16.27
C5X FAD BA . 0.21 23.68 16.61
C6 FAD BA . 0.40 22.30 16.63
C7 FAD BA . 1.64 21.76 16.94
C7M FAD BA . 1.80 20.26 16.97
C8 FAD BA . 2.71 22.60 17.26
C8M FAD BA . 4.05 22.05 17.65
C9 FAD BA . 2.53 23.98 17.26
C9A FAD BA . 1.28 24.53 16.92
N10 FAD BA . 1.08 25.90 16.89
C10 FAD BA . -0.16 26.40 16.56
C1' FAD BA . 2.19 26.90 17.07
C2' FAD BA . 2.52 26.94 18.57
O2' FAD BA . 1.38 27.43 19.28
C3' FAD BA . 3.75 27.78 18.88
O3' FAD BA . 3.49 29.11 18.49
C4' FAD BA . 5.01 27.21 18.16
O4' FAD BA . 5.20 25.86 18.48
C5' FAD BA . 6.28 28.01 18.46
O5' FAD BA . 6.42 28.05 19.87
P FAD BA . 7.24 29.27 20.57
O1P FAD BA . 8.54 29.47 19.89
O2P FAD BA . 6.49 30.60 20.69
O3P FAD BA . 7.41 28.76 22.08
MG MG CA . 8.88 27.00 25.76
P1 POP DA . -17.20 5.46 -35.53
O1 POP DA . -18.23 4.70 -36.28
O2 POP DA . -16.20 6.07 -36.44
O3 POP DA . -17.81 6.50 -34.62
O POP DA . -16.48 4.37 -34.58
P2 POP DA . -15.08 4.45 -33.76
O4 POP DA . -15.41 5.19 -32.46
O5 POP DA . -14.07 5.23 -34.56
O6 POP DA . -14.73 3.04 -33.50
PA FAD EA . -14.24 8.47 -34.27
O1A FAD EA . -15.61 8.26 -33.67
O2A FAD EA . -13.99 7.90 -35.62
O5B FAD EA . -13.19 8.00 -33.17
C5B FAD EA . -11.81 7.77 -33.53
C4B FAD EA . -11.15 7.01 -32.42
O4B FAD EA . -11.06 7.81 -31.25
C3B FAD EA . -11.95 5.78 -31.96
O3B FAD EA . -11.68 4.66 -32.76
C2B FAD EA . -11.45 5.59 -30.53
O2B FAD EA . -10.15 4.93 -30.44
C1B FAD EA . -11.25 7.02 -30.06
N9A FAD EA . -12.45 7.57 -29.38
C8A FAD EA . -13.43 8.38 -29.90
N7A FAD EA . -14.33 8.67 -28.94
C5A FAD EA . -13.91 8.05 -27.82
C6A FAD EA . -14.40 8.00 -26.53
N6A FAD EA . -15.48 8.63 -26.16
N1A FAD EA . -13.70 7.27 -25.61
C2A FAD EA . -12.56 6.62 -25.94
N3A FAD EA . -12.05 6.66 -27.22
C4A FAD EA . -12.75 7.35 -28.11
N1 FAD EA . -6.58 15.25 -30.68
C2 FAD EA . -5.67 16.24 -30.86
O2 FAD EA . -5.92 17.19 -31.59
N3 FAD EA . -4.45 16.19 -30.23
C4 FAD EA . -4.13 15.15 -29.40
O4 FAD EA . -3.01 15.15 -28.84
C4X FAD EA . -5.06 14.14 -29.19
N5 FAD EA . -4.78 13.06 -28.37
C5X FAD EA . -5.76 12.08 -28.21
C6 FAD EA . -5.48 11.00 -27.39
C7 FAD EA . -6.44 10.00 -27.18
C7M FAD EA . -6.10 8.84 -26.28
C8 FAD EA . -7.66 10.08 -27.83
C8M FAD EA . -8.70 9.01 -27.63
C9 FAD EA . -7.96 11.14 -28.67
C9A FAD EA . -6.98 12.16 -28.87
N10 FAD EA . -7.24 13.24 -29.69
C10 FAD EA . -6.31 14.23 -29.84
C1' FAD EA . -8.61 13.39 -30.26
C2' FAD EA . -8.77 12.43 -31.46
O2' FAD EA . -7.89 12.80 -32.49
C3' FAD EA . -10.20 12.44 -31.98
O3' FAD EA . -10.53 13.78 -32.42
C4' FAD EA . -11.20 11.98 -30.92
O4' FAD EA . -10.85 10.67 -30.47
C5' FAD EA . -12.65 11.97 -31.39
O5' FAD EA . -12.76 11.13 -32.50
P FAD EA . -14.11 11.24 -33.36
O1P FAD EA . -15.15 10.99 -32.32
O2P FAD EA . -14.16 12.50 -34.12
O3P FAD EA . -13.93 10.04 -34.40
MG MG FA . -14.15 6.03 -36.44
MG MG GA . -17.60 8.34 -33.72
MG MG HA . -20.00 6.12 -15.16
MG MG IA . -17.17 10.96 -31.26
S SO4 JA . -32.05 -1.21 -22.82
O1 SO4 JA . -30.98 -2.14 -22.45
O2 SO4 JA . -32.70 -1.75 -24.03
O3 SO4 JA . -33.03 -1.12 -21.72
O4 SO4 JA . -31.34 0.04 -23.00
#